data_7QYR
#
_entry.id   7QYR
#
_cell.length_a   66.898
_cell.length_b   153.586
_cell.length_c   138.539
_cell.angle_alpha   90.000
_cell.angle_beta   102.390
_cell.angle_gamma   90.000
#
_symmetry.space_group_name_H-M   'P 1 21 1'
#
loop_
_entity.id
_entity.type
_entity.pdbx_description
1 polymer 'Probable alpha-L-glutamate ligase'
2 polymer poly-glutamate
3 non-polymer "ADENOSINE-5'-DIPHOSPHATE"
4 water water
#
loop_
_entity_poly.entity_id
_entity_poly.type
_entity_poly.pdbx_seq_one_letter_code
_entity_poly.pdbx_strand_id
1 'polypeptide(L)'
;MKIAVLSRNPRLYSTRRLVEAGRERGHEMVVIDTLRAYMNIASHKPQIHYRGQPLEGFDAVIPRIGASVTFYGCAVLRQF
EMMGVFPLNESVAIARSRDKLRSLQLLSRKGIGLPVTGFAHSPDDVPDLIEMVGGAPLVIKLLEGTQGIGVVLCETEKAA
ESVLEAFMGLKHNIMVQEYIKEAGGADIRCFVVGDKVIASMKRQAAPGEFRSNLHRGGSASLIKITPEERMTAIRAARVM
GLNVAGVDILRSNHGPLVMEVNSSPGLEGIESTTGKDIAGIIIQYLEKNGGPHLARTKGKGKLAAALEHHHHHH
;
A,B,C,D,E,F,G,H
2 'polypeptide(L)' EEEEEEEEEEEEEEEEEEEEEEEEEEEEEEEEEEEEEEEEEEEEEEEEEEEEEEEEEEEE K,L,M,N,O,P,Q,T
#
loop_
_chem_comp.id
_chem_comp.type
_chem_comp.name
_chem_comp.formula
ADP non-polymer ADENOSINE-5'-DIPHOSPHATE 'C10 H15 N5 O10 P2'
#
# COMPACT_ATOMS: atom_id res chain seq x y z
N MET A 1 -4.35 -9.15 -41.86
CA MET A 1 -3.77 -8.29 -40.80
C MET A 1 -4.84 -8.00 -39.72
N LYS A 2 -4.39 -7.76 -38.49
CA LYS A 2 -5.19 -7.15 -37.39
C LYS A 2 -4.84 -5.65 -37.33
N ILE A 3 -5.82 -4.78 -37.58
CA ILE A 3 -5.63 -3.32 -37.73
C ILE A 3 -6.50 -2.59 -36.71
N ALA A 4 -5.85 -1.78 -35.86
CA ALA A 4 -6.51 -0.84 -34.94
C ALA A 4 -6.81 0.46 -35.68
N VAL A 5 -8.01 1.00 -35.48
CA VAL A 5 -8.41 2.38 -35.93
C VAL A 5 -8.61 3.22 -34.67
N LEU A 6 -7.68 4.14 -34.37
CA LEU A 6 -7.81 5.10 -33.24
C LEU A 6 -8.81 6.16 -33.64
N SER A 7 -10.06 6.02 -33.22
CA SER A 7 -11.19 6.93 -33.53
C SER A 7 -12.12 6.98 -32.32
N ARG A 8 -12.57 8.18 -31.94
CA ARG A 8 -13.41 8.42 -30.75
C ARG A 8 -14.86 8.02 -31.04
N ASN A 9 -15.21 7.83 -32.31
CA ASN A 9 -16.60 7.52 -32.74
C ASN A 9 -16.57 6.55 -33.91
N PRO A 10 -16.96 5.27 -33.71
CA PRO A 10 -16.99 4.29 -34.80
C PRO A 10 -18.12 4.48 -35.83
N ARG A 11 -19.05 5.41 -35.59
CA ARG A 11 -20.21 5.70 -36.48
C ARG A 11 -19.83 6.75 -37.52
N LEU A 12 -18.71 7.47 -37.33
CA LEU A 12 -18.20 8.49 -38.30
C LEU A 12 -17.93 7.84 -39.65
N TYR A 13 -18.30 8.52 -40.74
CA TYR A 13 -18.21 8.02 -42.13
C TYR A 13 -16.82 7.40 -42.37
N SER A 14 -15.76 8.14 -42.08
CA SER A 14 -14.35 7.78 -42.39
C SER A 14 -13.93 6.53 -41.62
N THR A 15 -14.28 6.44 -40.35
CA THR A 15 -13.96 5.28 -39.48
C THR A 15 -14.74 4.05 -39.97
N ARG A 16 -16.05 4.19 -40.19
CA ARG A 16 -16.94 3.13 -40.73
C ARG A 16 -16.30 2.57 -42.03
N ARG A 17 -15.95 3.46 -42.97
CA ARG A 17 -15.46 3.12 -44.32
C ARG A 17 -14.12 2.39 -44.22
N LEU A 18 -13.21 2.85 -43.37
CA LEU A 18 -11.89 2.19 -43.15
C LEU A 18 -12.12 0.78 -42.62
N VAL A 19 -13.06 0.61 -41.68
CA VAL A 19 -13.46 -0.70 -41.09
C VAL A 19 -14.05 -1.59 -42.20
N GLU A 20 -14.98 -1.04 -42.98
CA GLU A 20 -15.66 -1.72 -44.11
C GLU A 20 -14.60 -2.24 -45.10
N ALA A 21 -13.73 -1.35 -45.58
CA ALA A 21 -12.71 -1.63 -46.62
C ALA A 21 -11.73 -2.70 -46.10
N GLY A 22 -11.31 -2.60 -44.85
CA GLY A 22 -10.42 -3.57 -44.19
C GLY A 22 -11.03 -4.97 -44.20
N ARG A 23 -12.32 -5.07 -43.91
CA ARG A 23 -13.06 -6.36 -43.77
C ARG A 23 -13.31 -6.96 -45.15
N GLU A 24 -13.67 -6.16 -46.16
CA GLU A 24 -13.77 -6.58 -47.58
C GLU A 24 -12.50 -7.35 -47.98
N ARG A 25 -11.35 -6.93 -47.44
CA ARG A 25 -10.00 -7.41 -47.88
C ARG A 25 -9.44 -8.41 -46.85
N GLY A 26 -10.27 -8.94 -45.96
CA GLY A 26 -9.98 -10.12 -45.12
C GLY A 26 -9.24 -9.78 -43.84
N HIS A 27 -9.21 -8.50 -43.45
CA HIS A 27 -8.49 -8.02 -42.24
C HIS A 27 -9.45 -7.96 -41.04
N GLU A 28 -8.91 -8.16 -39.84
CA GLU A 28 -9.63 -7.96 -38.56
C GLU A 28 -9.46 -6.49 -38.16
N MET A 29 -10.54 -5.70 -38.26
CA MET A 29 -10.57 -4.24 -37.99
C MET A 29 -11.20 -4.00 -36.63
N VAL A 30 -10.47 -3.38 -35.70
CA VAL A 30 -10.92 -3.07 -34.32
C VAL A 30 -10.84 -1.55 -34.12
N VAL A 31 -11.96 -0.89 -33.84
CA VAL A 31 -12.01 0.56 -33.50
C VAL A 31 -11.68 0.73 -32.02
N ILE A 32 -10.58 1.41 -31.70
CA ILE A 32 -10.12 1.75 -30.33
C ILE A 32 -10.44 3.23 -30.04
N ASP A 33 -11.35 3.52 -29.11
CA ASP A 33 -11.58 4.90 -28.59
C ASP A 33 -10.29 5.36 -27.88
N THR A 34 -9.54 6.22 -28.55
CA THR A 34 -8.20 6.70 -28.14
C THR A 34 -8.17 7.02 -26.63
N LEU A 35 -9.17 7.68 -26.09
CA LEU A 35 -9.15 8.21 -24.70
C LEU A 35 -9.44 7.12 -23.67
N ARG A 36 -9.92 5.96 -24.12
CA ARG A 36 -10.30 4.82 -23.23
C ARG A 36 -9.16 3.80 -23.18
N ALA A 37 -8.12 3.99 -23.99
CA ALA A 37 -6.84 3.27 -23.89
C ALA A 37 -6.02 3.90 -22.75
N TYR A 38 -5.47 3.05 -21.87
CA TYR A 38 -4.56 3.44 -20.77
C TYR A 38 -3.37 2.48 -20.81
N MET A 39 -2.21 2.91 -20.31
CA MET A 39 -0.92 2.25 -20.69
C MET A 39 0.08 2.25 -19.55
N ASN A 40 0.83 1.16 -19.46
CA ASN A 40 2.06 1.03 -18.66
C ASN A 40 3.22 1.33 -19.61
N ILE A 41 4.08 2.29 -19.27
CA ILE A 41 5.22 2.68 -20.16
C ILE A 41 6.50 2.04 -19.62
N ALA A 42 6.41 1.01 -18.77
CA ALA A 42 7.56 0.25 -18.24
C ALA A 42 8.23 -0.49 -19.41
N SER A 43 9.55 -0.37 -19.54
CA SER A 43 10.35 -0.96 -20.65
C SER A 43 10.38 -2.49 -20.53
N HIS A 44 10.36 -3.04 -19.30
CA HIS A 44 10.38 -4.50 -19.02
C HIS A 44 8.98 -5.13 -19.15
N LYS A 45 7.92 -4.34 -19.31
CA LYS A 45 6.52 -4.83 -19.41
C LYS A 45 5.63 -3.76 -20.03
N PRO A 46 5.87 -3.37 -21.30
CA PRO A 46 5.03 -2.35 -21.96
C PRO A 46 3.64 -2.92 -22.29
N GLN A 47 2.57 -2.18 -21.97
CA GLN A 47 1.17 -2.62 -22.22
C GLN A 47 0.33 -1.45 -22.77
N ILE A 48 -0.65 -1.76 -23.63
CA ILE A 48 -1.85 -0.92 -23.84
C ILE A 48 -3.06 -1.73 -23.35
N HIS A 49 -3.76 -1.25 -22.34
CA HIS A 49 -5.03 -1.85 -21.83
C HIS A 49 -6.20 -1.04 -22.37
N TYR A 50 -7.36 -1.69 -22.49
CA TYR A 50 -8.60 -1.16 -23.08
C TYR A 50 -9.79 -1.92 -22.51
N ARG A 51 -10.64 -1.25 -21.74
CA ARG A 51 -11.85 -1.87 -21.12
C ARG A 51 -11.44 -3.12 -20.34
N GLY A 52 -10.38 -3.02 -19.53
CA GLY A 52 -9.96 -4.05 -18.54
C GLY A 52 -9.04 -5.12 -19.12
N GLN A 53 -8.82 -5.16 -20.43
CA GLN A 53 -8.03 -6.22 -21.11
C GLN A 53 -6.84 -5.62 -21.85
N PRO A 54 -5.72 -6.35 -22.03
CA PRO A 54 -4.63 -5.91 -22.89
C PRO A 54 -5.00 -5.95 -24.37
N LEU A 55 -4.41 -5.08 -25.17
CA LEU A 55 -4.46 -5.11 -26.66
C LEU A 55 -3.22 -5.86 -27.15
N GLU A 56 -3.44 -6.97 -27.86
CA GLU A 56 -2.37 -7.88 -28.36
C GLU A 56 -2.59 -8.16 -29.85
N GLY A 57 -1.51 -8.49 -30.55
CA GLY A 57 -1.54 -9.13 -31.89
C GLY A 57 -1.92 -8.17 -33.00
N PHE A 58 -1.80 -6.86 -32.78
CA PHE A 58 -2.07 -5.83 -33.81
C PHE A 58 -0.85 -5.76 -34.75
N ASP A 59 -1.11 -5.78 -36.05
CA ASP A 59 -0.06 -5.64 -37.11
C ASP A 59 0.11 -4.17 -37.48
N ALA A 60 -0.98 -3.40 -37.56
CA ALA A 60 -0.96 -1.99 -37.98
C ALA A 60 -2.00 -1.18 -37.19
N VAL A 61 -1.86 0.15 -37.22
CA VAL A 61 -2.80 1.11 -36.57
C VAL A 61 -3.01 2.30 -37.50
N ILE A 62 -4.28 2.67 -37.69
CA ILE A 62 -4.73 3.88 -38.45
C ILE A 62 -5.11 4.95 -37.43
N PRO A 63 -4.27 5.97 -37.19
CA PRO A 63 -4.60 7.05 -36.28
C PRO A 63 -5.57 8.05 -36.91
N ARG A 64 -6.74 8.24 -36.29
CA ARG A 64 -7.75 9.28 -36.60
C ARG A 64 -7.86 10.19 -35.37
N ILE A 65 -6.75 10.83 -35.01
CA ILE A 65 -6.62 11.61 -33.75
C ILE A 65 -7.15 13.01 -33.98
N GLY A 66 -8.29 13.37 -33.38
CA GLY A 66 -8.81 14.76 -33.38
C GLY A 66 -7.82 15.74 -32.78
N ALA A 67 -7.83 16.99 -33.24
CA ALA A 67 -6.85 18.04 -32.87
C ALA A 67 -6.90 18.34 -31.35
N SER A 68 -8.07 18.26 -30.72
CA SER A 68 -8.25 18.56 -29.28
C SER A 68 -7.52 17.53 -28.40
N VAL A 69 -7.21 16.35 -28.93
CA VAL A 69 -6.60 15.22 -28.14
C VAL A 69 -5.29 14.78 -28.78
N THR A 70 -4.54 15.71 -29.38
CA THR A 70 -3.29 15.42 -30.13
C THR A 70 -2.26 14.81 -29.18
N PHE A 71 -2.05 15.41 -27.99
CA PHE A 71 -1.01 14.97 -27.03
C PHE A 71 -1.29 13.53 -26.59
N TYR A 72 -2.51 13.23 -26.16
CA TYR A 72 -2.85 11.89 -25.62
C TYR A 72 -2.89 10.88 -26.77
N GLY A 73 -3.49 11.24 -27.90
CA GLY A 73 -3.58 10.41 -29.11
C GLY A 73 -2.20 10.00 -29.59
N CYS A 74 -1.25 10.94 -29.58
CA CYS A 74 0.15 10.69 -30.01
C CYS A 74 0.85 9.77 -29.00
N ALA A 75 0.52 9.86 -27.71
CA ALA A 75 1.06 8.96 -26.66
C ALA A 75 0.58 7.53 -26.90
N VAL A 76 -0.71 7.35 -27.23
CA VAL A 76 -1.30 6.01 -27.52
C VAL A 76 -0.65 5.45 -28.79
N LEU A 77 -0.49 6.28 -29.82
CA LEU A 77 0.10 5.86 -31.12
C LEU A 77 1.56 5.50 -30.92
N ARG A 78 2.30 6.34 -30.20
CA ARG A 78 3.75 6.15 -29.88
C ARG A 78 3.93 4.79 -29.20
N GLN A 79 3.00 4.42 -28.31
CA GLN A 79 3.03 3.14 -27.55
C GLN A 79 2.88 1.98 -28.53
N PHE A 80 1.88 2.05 -29.42
CA PHE A 80 1.69 1.06 -30.53
C PHE A 80 3.01 0.92 -31.30
N GLU A 81 3.63 2.05 -31.66
CA GLU A 81 4.89 2.08 -32.43
C GLU A 81 5.99 1.33 -31.66
N MET A 82 6.17 1.65 -30.38
CA MET A 82 7.20 1.01 -29.49
C MET A 82 6.96 -0.50 -29.42
N MET A 83 5.71 -0.95 -29.54
CA MET A 83 5.33 -2.39 -29.45
C MET A 83 5.42 -3.06 -30.83
N GLY A 84 5.99 -2.38 -31.83
CA GLY A 84 6.28 -2.95 -33.15
C GLY A 84 5.10 -2.87 -34.12
N VAL A 85 4.01 -2.21 -33.76
CA VAL A 85 2.81 -2.06 -34.65
C VAL A 85 3.10 -0.98 -35.69
N PHE A 86 2.76 -1.24 -36.95
CA PHE A 86 3.04 -0.32 -38.09
C PHE A 86 1.99 0.79 -38.11
N PRO A 87 2.40 2.07 -37.95
CA PRO A 87 1.48 3.20 -38.01
C PRO A 87 1.28 3.71 -39.45
N LEU A 88 0.04 3.92 -39.89
CA LEU A 88 -0.27 4.52 -41.22
C LEU A 88 0.51 5.82 -41.33
N ASN A 89 0.42 6.65 -40.28
CA ASN A 89 1.19 7.91 -40.10
C ASN A 89 1.91 7.83 -38.76
N GLU A 90 3.17 8.25 -38.72
CA GLU A 90 4.00 8.25 -37.49
C GLU A 90 3.53 9.35 -36.53
N SER A 91 3.62 9.06 -35.23
CA SER A 91 3.29 9.96 -34.12
C SER A 91 4.03 11.30 -34.26
N VAL A 92 5.34 11.28 -34.56
CA VAL A 92 6.17 12.51 -34.65
C VAL A 92 5.63 13.40 -35.78
N ALA A 93 5.19 12.80 -36.88
CA ALA A 93 4.66 13.52 -38.06
C ALA A 93 3.29 14.13 -37.75
N ILE A 94 2.43 13.41 -37.05
CA ILE A 94 1.07 13.91 -36.66
C ILE A 94 1.24 15.10 -35.70
N ALA A 95 2.09 14.96 -34.68
CA ALA A 95 2.39 16.03 -33.70
C ALA A 95 2.91 17.26 -34.45
N ARG A 96 3.86 17.07 -35.37
CA ARG A 96 4.48 18.17 -36.17
C ARG A 96 3.40 18.90 -36.96
N SER A 97 2.51 18.17 -37.65
CA SER A 97 1.48 18.74 -38.55
C SER A 97 0.42 19.51 -37.75
N ARG A 98 0.21 19.17 -36.47
CA ARG A 98 -0.84 19.79 -35.61
C ARG A 98 -0.32 21.09 -34.99
N ASP A 99 0.99 21.31 -34.96
CA ASP A 99 1.66 22.56 -34.55
C ASP A 99 1.73 23.48 -35.79
N LYS A 100 0.69 24.29 -36.01
CA LYS A 100 0.49 25.06 -37.25
C LYS A 100 1.69 26.00 -37.47
N LEU A 101 2.22 26.63 -36.41
CA LEU A 101 3.35 27.57 -36.51
C LEU A 101 4.59 26.83 -37.02
N ARG A 102 4.89 25.66 -36.44
CA ARG A 102 6.03 24.81 -36.83
C ARG A 102 5.86 24.30 -38.26
N SER A 103 4.64 23.89 -38.63
CA SER A 103 4.31 23.36 -39.98
C SER A 103 4.66 24.42 -41.03
N LEU A 104 4.18 25.65 -40.84
CA LEU A 104 4.38 26.76 -41.81
C LEU A 104 5.88 27.08 -41.92
N GLN A 105 6.58 27.17 -40.81
CA GLN A 105 8.03 27.47 -40.79
C GLN A 105 8.79 26.37 -41.55
N LEU A 106 8.39 25.11 -41.41
CA LEU A 106 9.05 23.97 -42.10
C LEU A 106 8.76 24.03 -43.60
N LEU A 107 7.50 24.16 -43.99
CA LEU A 107 7.08 24.25 -45.42
C LEU A 107 7.80 25.43 -46.09
N SER A 108 7.88 26.58 -45.40
CA SER A 108 8.57 27.80 -45.88
C SER A 108 10.04 27.49 -46.12
N ARG A 109 10.72 26.95 -45.11
CA ARG A 109 12.16 26.55 -45.16
C ARG A 109 12.43 25.62 -46.36
N LYS A 110 11.48 24.75 -46.71
CA LYS A 110 11.64 23.73 -47.79
C LYS A 110 11.10 24.26 -49.13
N GLY A 111 10.81 25.56 -49.23
CA GLY A 111 10.41 26.21 -50.50
C GLY A 111 9.06 25.74 -51.03
N ILE A 112 8.15 25.28 -50.17
CA ILE A 112 6.74 25.00 -50.55
C ILE A 112 6.00 26.34 -50.66
N GLY A 113 5.15 26.49 -51.67
CA GLY A 113 4.34 27.70 -51.88
C GLY A 113 3.42 27.96 -50.71
N LEU A 114 3.48 29.16 -50.13
CA LEU A 114 2.67 29.58 -48.97
C LEU A 114 2.13 30.98 -49.23
N PRO A 115 0.99 31.37 -48.62
CA PRO A 115 0.61 32.77 -48.58
C PRO A 115 1.69 33.50 -47.80
N VAL A 116 2.00 34.75 -48.17
CA VAL A 116 2.84 35.62 -47.30
C VAL A 116 2.20 35.58 -45.90
N THR A 117 2.99 35.26 -44.87
CA THR A 117 2.49 34.89 -43.53
C THR A 117 3.36 35.52 -42.44
N GLY A 118 2.71 36.04 -41.38
CA GLY A 118 3.36 36.56 -40.18
C GLY A 118 2.82 35.90 -38.93
N PHE A 119 3.62 35.84 -37.86
CA PHE A 119 3.21 35.34 -36.53
C PHE A 119 3.32 36.48 -35.52
N ALA A 120 2.42 36.48 -34.55
CA ALA A 120 2.44 37.46 -33.43
C ALA A 120 1.72 36.84 -32.25
N HIS A 121 1.96 37.39 -31.07
CA HIS A 121 1.18 37.12 -29.84
C HIS A 121 0.76 38.47 -29.23
N SER A 122 1.73 39.23 -28.73
CA SER A 122 1.52 40.56 -28.09
C SER A 122 2.43 41.60 -28.72
N PRO A 123 2.33 41.86 -30.05
CA PRO A 123 3.24 42.78 -30.73
C PRO A 123 3.03 44.23 -30.28
N ASP A 124 4.11 44.98 -30.08
CA ASP A 124 4.06 46.40 -29.62
C ASP A 124 3.78 47.31 -30.80
N ASP A 125 4.11 46.88 -32.03
CA ASP A 125 3.97 47.68 -33.28
C ASP A 125 3.12 46.89 -34.28
N VAL A 126 1.80 47.01 -34.16
CA VAL A 126 0.80 46.31 -35.02
C VAL A 126 0.92 46.83 -36.44
N PRO A 127 1.02 48.15 -36.69
CA PRO A 127 1.19 48.67 -38.06
C PRO A 127 2.40 48.07 -38.77
N ASP A 128 3.51 47.85 -38.06
CA ASP A 128 4.74 47.23 -38.61
C ASP A 128 4.44 45.78 -39.04
N LEU A 129 3.75 45.01 -38.20
CA LEU A 129 3.33 43.61 -38.50
C LEU A 129 2.46 43.60 -39.76
N ILE A 130 1.50 44.51 -39.86
CA ILE A 130 0.55 44.60 -41.00
C ILE A 130 1.33 44.94 -42.28
N GLU A 131 2.30 45.83 -42.18
CA GLU A 131 3.17 46.23 -43.32
C GLU A 131 4.02 45.03 -43.76
N MET A 132 4.62 44.30 -42.81
CA MET A 132 5.50 43.13 -43.06
C MET A 132 4.83 42.14 -44.02
N VAL A 133 3.54 41.88 -43.86
CA VAL A 133 2.80 40.83 -44.63
C VAL A 133 2.09 41.45 -45.84
N GLY A 134 2.38 42.70 -46.18
CA GLY A 134 1.92 43.35 -47.41
C GLY A 134 0.64 44.15 -47.24
N GLY A 135 0.21 44.40 -46.00
CA GLY A 135 -0.95 45.25 -45.67
C GLY A 135 -2.29 44.58 -45.96
N ALA A 136 -3.38 45.29 -45.70
CA ALA A 136 -4.77 44.81 -45.91
C ALA A 136 -5.03 44.73 -47.40
N PRO A 137 -5.95 43.86 -47.88
CA PRO A 137 -6.71 42.95 -47.02
C PRO A 137 -5.85 41.76 -46.58
N LEU A 138 -6.04 41.26 -45.37
CA LEU A 138 -5.35 40.05 -44.89
C LEU A 138 -6.31 39.20 -44.05
N VAL A 139 -5.97 37.92 -43.91
CA VAL A 139 -6.69 36.92 -43.09
C VAL A 139 -5.95 36.80 -41.75
N ILE A 140 -6.69 36.84 -40.64
CA ILE A 140 -6.15 36.58 -39.29
C ILE A 140 -6.70 35.24 -38.79
N LYS A 141 -5.78 34.33 -38.48
CA LYS A 141 -6.08 33.00 -37.88
C LYS A 141 -5.64 33.03 -36.42
N LEU A 142 -6.54 32.56 -35.56
CA LEU A 142 -6.36 32.49 -34.09
C LEU A 142 -6.07 31.03 -33.73
N LEU A 143 -4.93 30.78 -33.07
CA LEU A 143 -4.49 29.41 -32.68
C LEU A 143 -4.44 29.32 -31.15
N GLU A 144 -4.97 28.25 -30.58
CA GLU A 144 -4.76 27.86 -29.16
C GLU A 144 -4.10 26.48 -29.14
N GLY A 145 -2.81 26.42 -28.82
CA GLY A 145 -1.99 25.20 -28.92
C GLY A 145 -2.12 24.55 -30.29
N THR A 146 -2.69 23.34 -30.34
CA THR A 146 -2.77 22.46 -31.55
C THR A 146 -4.14 22.60 -32.26
N GLN A 147 -4.86 23.70 -32.04
CA GLN A 147 -6.24 23.91 -32.58
C GLN A 147 -6.38 25.31 -33.17
N GLY A 148 -6.94 25.41 -34.38
CA GLY A 148 -7.44 26.66 -34.98
C GLY A 148 -8.78 27.03 -34.38
N ILE A 149 -8.90 28.27 -33.89
CA ILE A 149 -10.08 28.77 -33.11
C ILE A 149 -10.97 29.62 -34.03
N GLY A 150 -10.36 30.41 -34.94
CA GLY A 150 -11.10 31.28 -35.86
C GLY A 150 -10.26 31.65 -37.08
N VAL A 151 -10.95 32.10 -38.13
CA VAL A 151 -10.35 32.64 -39.39
C VAL A 151 -11.20 33.83 -39.81
N VAL A 152 -10.58 34.99 -39.99
CA VAL A 152 -11.28 36.30 -40.10
C VAL A 152 -10.65 37.11 -41.23
N LEU A 153 -11.49 37.61 -42.13
CA LEU A 153 -11.10 38.54 -43.20
C LEU A 153 -11.12 39.95 -42.62
N CYS A 154 -9.97 40.64 -42.69
CA CYS A 154 -9.80 42.07 -42.36
C CYS A 154 -9.58 42.83 -43.67
N GLU A 155 -10.60 43.53 -44.17
CA GLU A 155 -10.59 44.17 -45.52
C GLU A 155 -9.72 45.44 -45.51
N THR A 156 -9.55 46.07 -44.33
CA THR A 156 -8.85 47.37 -44.16
C THR A 156 -7.78 47.24 -43.07
N GLU A 157 -6.80 48.14 -43.09
CA GLU A 157 -5.73 48.28 -42.05
C GLU A 157 -6.39 48.42 -40.67
N LYS A 158 -7.45 49.21 -40.55
CA LYS A 158 -8.11 49.53 -39.24
C LYS A 158 -8.80 48.27 -38.72
N ALA A 159 -9.35 47.42 -39.58
CA ALA A 159 -10.00 46.14 -39.20
C ALA A 159 -8.93 45.18 -38.67
N ALA A 160 -7.79 45.09 -39.34
CA ALA A 160 -6.63 44.29 -38.88
C ALA A 160 -6.15 44.83 -37.52
N GLU A 161 -6.01 46.15 -37.38
CA GLU A 161 -5.57 46.80 -36.11
C GLU A 161 -6.51 46.40 -34.98
N SER A 162 -7.83 46.41 -35.21
CA SER A 162 -8.87 46.17 -34.18
C SER A 162 -8.84 44.71 -33.74
N VAL A 163 -8.79 43.76 -34.68
CA VAL A 163 -8.72 42.31 -34.36
C VAL A 163 -7.46 42.02 -33.51
N LEU A 164 -6.31 42.55 -33.91
CA LEU A 164 -5.01 42.32 -33.23
C LEU A 164 -5.05 42.94 -31.82
N GLU A 165 -5.59 44.15 -31.68
CA GLU A 165 -5.74 44.85 -30.37
C GLU A 165 -6.67 44.04 -29.47
N ALA A 166 -7.75 43.48 -30.02
CA ALA A 166 -8.74 42.67 -29.29
C ALA A 166 -8.05 41.41 -28.75
N PHE A 167 -7.30 40.71 -29.61
CA PHE A 167 -6.71 39.39 -29.27
C PHE A 167 -5.45 39.53 -28.41
N MET A 168 -4.87 40.73 -28.37
CA MET A 168 -3.72 41.00 -27.49
C MET A 168 -4.20 40.92 -26.04
N GLY A 169 -3.59 40.05 -25.25
CA GLY A 169 -4.00 39.78 -23.86
C GLY A 169 -5.11 38.75 -23.77
N LEU A 170 -5.55 38.14 -24.89
CA LEU A 170 -6.42 36.93 -24.86
C LEU A 170 -5.57 35.66 -24.93
N LYS A 171 -4.25 35.75 -25.01
CA LYS A 171 -3.33 34.59 -24.83
C LYS A 171 -3.60 33.56 -25.94
N HIS A 172 -3.93 34.02 -27.15
CA HIS A 172 -3.94 33.19 -28.37
C HIS A 172 -2.68 33.51 -29.19
N ASN A 173 -2.24 32.55 -29.99
CA ASN A 173 -1.21 32.74 -31.03
C ASN A 173 -1.92 33.24 -32.29
N ILE A 174 -1.33 34.21 -32.98
CA ILE A 174 -1.99 34.91 -34.11
C ILE A 174 -1.16 34.70 -35.37
N MET A 175 -1.81 34.22 -36.42
CA MET A 175 -1.28 34.14 -37.80
C MET A 175 -1.91 35.25 -38.63
N VAL A 176 -1.10 36.03 -39.34
CA VAL A 176 -1.56 37.07 -40.30
C VAL A 176 -1.10 36.65 -41.70
N GLN A 177 -2.04 36.54 -42.66
CA GLN A 177 -1.77 36.04 -44.03
C GLN A 177 -2.35 37.01 -45.06
N GLU A 178 -1.69 37.18 -46.20
CA GLU A 178 -2.25 37.85 -47.39
C GLU A 178 -3.57 37.14 -47.73
N TYR A 179 -4.61 37.92 -48.06
CA TYR A 179 -5.91 37.43 -48.57
C TYR A 179 -5.72 37.09 -50.05
N ILE A 180 -5.94 35.83 -50.41
CA ILE A 180 -5.93 35.32 -51.81
C ILE A 180 -7.34 35.52 -52.38
N LYS A 181 -7.69 36.74 -52.79
CA LYS A 181 -9.02 37.08 -53.37
C LYS A 181 -9.22 36.32 -54.68
N GLU A 182 -8.15 36.13 -55.45
CA GLU A 182 -8.19 35.59 -56.84
C GLU A 182 -8.67 34.13 -56.83
N ALA A 183 -8.65 33.46 -55.69
CA ALA A 183 -9.17 32.08 -55.49
C ALA A 183 -10.71 32.06 -55.57
N GLY A 184 -11.36 33.22 -55.40
CA GLY A 184 -12.82 33.38 -55.44
C GLY A 184 -13.55 32.40 -54.51
N GLY A 185 -13.05 32.19 -53.30
CA GLY A 185 -13.70 31.36 -52.27
C GLY A 185 -13.57 29.85 -52.52
N ALA A 186 -12.74 29.44 -53.50
CA ALA A 186 -12.47 28.02 -53.82
C ALA A 186 -11.12 27.61 -53.24
N ASP A 187 -10.99 26.33 -52.88
CA ASP A 187 -9.69 25.69 -52.53
C ASP A 187 -9.68 24.28 -53.14
N ILE A 188 -8.50 23.70 -53.30
CA ILE A 188 -8.28 22.33 -53.84
C ILE A 188 -7.87 21.43 -52.67
N ARG A 189 -8.60 20.34 -52.42
CA ARG A 189 -8.19 19.28 -51.47
C ARG A 189 -7.55 18.16 -52.31
N CYS A 190 -6.25 17.94 -52.11
CA CYS A 190 -5.47 16.82 -52.71
C CYS A 190 -5.28 15.72 -51.67
N PHE A 191 -5.80 14.53 -51.93
CA PHE A 191 -5.66 13.36 -51.04
C PHE A 191 -4.39 12.60 -51.43
N VAL A 192 -3.36 12.70 -50.60
CA VAL A 192 -2.01 12.11 -50.82
C VAL A 192 -1.91 10.78 -50.06
N VAL A 193 -1.49 9.72 -50.77
CA VAL A 193 -1.12 8.39 -50.21
C VAL A 193 0.22 7.99 -50.83
N GLY A 194 1.25 7.78 -50.00
CA GLY A 194 2.65 7.59 -50.45
C GLY A 194 3.07 8.78 -51.31
N ASP A 195 3.69 8.53 -52.45
CA ASP A 195 4.26 9.59 -53.32
C ASP A 195 3.23 9.95 -54.42
N LYS A 196 1.93 9.83 -54.15
CA LYS A 196 0.87 10.03 -55.18
C LYS A 196 -0.31 10.82 -54.60
N VAL A 197 -0.84 11.76 -55.39
CA VAL A 197 -2.21 12.31 -55.22
C VAL A 197 -3.14 11.30 -55.87
N ILE A 198 -3.94 10.59 -55.06
CA ILE A 198 -4.82 9.49 -55.53
C ILE A 198 -6.21 10.05 -55.85
N ALA A 199 -6.51 11.28 -55.42
CA ALA A 199 -7.82 11.93 -55.64
C ALA A 199 -7.74 13.41 -55.24
N SER A 200 -8.57 14.25 -55.86
CA SER A 200 -8.65 15.71 -55.59
C SER A 200 -10.06 16.22 -55.87
N MET A 201 -10.41 17.36 -55.28
CA MET A 201 -11.73 18.02 -55.45
C MET A 201 -11.57 19.52 -55.25
N LYS A 202 -12.43 20.32 -55.88
CA LYS A 202 -12.61 21.76 -55.59
C LYS A 202 -13.72 21.91 -54.55
N ARG A 203 -13.47 22.66 -53.49
CA ARG A 203 -14.49 23.10 -52.50
C ARG A 203 -14.77 24.59 -52.74
N GLN A 204 -16.03 24.94 -52.98
CA GLN A 204 -16.49 26.33 -53.23
C GLN A 204 -17.34 26.78 -52.03
N ALA A 205 -16.97 27.87 -51.38
CA ALA A 205 -17.72 28.53 -50.29
C ALA A 205 -19.01 29.13 -50.87
N ALA A 206 -20.10 29.13 -50.11
CA ALA A 206 -21.38 29.81 -50.46
C ALA A 206 -21.11 31.28 -50.76
N PRO A 207 -21.86 31.93 -51.69
CA PRO A 207 -21.56 33.30 -52.08
C PRO A 207 -21.55 34.20 -50.82
N GLY A 208 -20.54 35.07 -50.69
CA GLY A 208 -20.32 35.91 -49.51
C GLY A 208 -19.29 35.30 -48.58
N GLU A 209 -19.63 34.22 -47.85
CA GLU A 209 -18.69 33.46 -46.97
C GLU A 209 -17.43 33.16 -47.80
N PHE A 210 -16.25 33.49 -47.27
CA PHE A 210 -14.93 33.28 -47.92
C PHE A 210 -14.36 31.92 -47.46
N ARG A 211 -14.69 31.49 -46.22
CA ARG A 211 -14.26 30.21 -45.62
C ARG A 211 -15.06 29.08 -46.28
N SER A 212 -14.38 28.09 -46.87
CA SER A 212 -14.93 27.18 -47.92
C SER A 212 -15.07 25.74 -47.43
N ASN A 213 -15.10 25.51 -46.11
CA ASN A 213 -15.23 24.15 -45.53
C ASN A 213 -16.58 23.56 -45.98
N LEU A 214 -16.62 22.27 -46.35
CA LEU A 214 -17.87 21.50 -46.59
C LEU A 214 -18.62 21.36 -45.25
N HIS A 215 -17.86 21.33 -44.14
CA HIS A 215 -18.32 21.42 -42.74
C HIS A 215 -19.07 22.75 -42.50
N ARG A 216 -18.64 23.83 -43.16
CA ARG A 216 -19.22 25.21 -43.03
C ARG A 216 -20.25 25.46 -44.15
N GLY A 217 -20.76 24.40 -44.80
CA GLY A 217 -21.91 24.46 -45.73
C GLY A 217 -21.52 24.96 -47.12
N GLY A 218 -20.38 24.48 -47.65
CA GLY A 218 -19.89 24.78 -49.02
C GLY A 218 -19.97 23.56 -49.93
N SER A 219 -20.08 23.78 -51.25
CA SER A 219 -20.28 22.73 -52.28
C SER A 219 -18.95 22.26 -52.87
N ALA A 220 -18.93 21.04 -53.43
CA ALA A 220 -17.71 20.32 -53.89
C ALA A 220 -17.90 19.88 -55.35
N SER A 221 -16.81 19.80 -56.12
CA SER A 221 -16.81 19.44 -57.56
C SER A 221 -15.49 18.79 -57.96
N LEU A 222 -15.49 18.07 -59.09
CA LEU A 222 -14.29 17.46 -59.70
C LEU A 222 -13.34 18.58 -60.16
N ILE A 223 -12.04 18.30 -60.21
CA ILE A 223 -10.99 19.25 -60.67
C ILE A 223 -9.84 18.47 -61.28
N LYS A 224 -9.28 18.98 -62.39
CA LYS A 224 -7.99 18.50 -62.96
C LYS A 224 -6.89 19.41 -62.39
N ILE A 225 -6.05 18.89 -61.50
CA ILE A 225 -4.94 19.64 -60.85
C ILE A 225 -3.77 19.77 -61.83
N THR A 226 -3.01 20.86 -61.72
CA THR A 226 -1.80 21.14 -62.54
C THR A 226 -0.70 20.21 -62.04
N PRO A 227 0.29 19.87 -62.90
CA PRO A 227 1.51 19.19 -62.43
C PRO A 227 2.17 19.87 -61.24
N GLU A 228 2.13 21.20 -61.14
CA GLU A 228 2.77 21.94 -60.03
C GLU A 228 1.99 21.68 -58.72
N GLU A 229 0.65 21.67 -58.78
CA GLU A 229 -0.23 21.41 -57.61
C GLU A 229 0.02 19.98 -57.10
N ARG A 230 0.03 19.02 -58.02
CA ARG A 230 0.31 17.58 -57.78
C ARG A 230 1.64 17.45 -57.03
N MET A 231 2.72 18.03 -57.56
CA MET A 231 4.07 17.95 -56.95
C MET A 231 4.06 18.62 -55.57
N THR A 232 3.40 19.79 -55.44
CA THR A 232 3.34 20.56 -54.19
C THR A 232 2.66 19.71 -53.11
N ALA A 233 1.52 19.10 -53.41
CA ALA A 233 0.75 18.24 -52.47
C ALA A 233 1.64 17.11 -51.99
N ILE A 234 2.29 16.39 -52.91
CA ILE A 234 3.16 15.22 -52.59
C ILE A 234 4.33 15.69 -51.71
N ARG A 235 5.00 16.79 -52.09
CA ARG A 235 6.18 17.31 -51.36
C ARG A 235 5.80 17.77 -49.95
N ALA A 236 4.66 18.46 -49.80
CA ALA A 236 4.14 18.95 -48.51
C ALA A 236 3.98 17.78 -47.55
N ALA A 237 3.35 16.69 -47.99
CA ALA A 237 3.15 15.46 -47.20
C ALA A 237 4.52 14.88 -46.82
N ARG A 238 5.45 14.75 -47.77
CA ARG A 238 6.77 14.13 -47.54
C ARG A 238 7.57 14.99 -46.54
N VAL A 239 7.52 16.31 -46.70
CA VAL A 239 8.22 17.28 -45.82
C VAL A 239 7.68 17.14 -44.39
N MET A 240 6.37 16.98 -44.21
CA MET A 240 5.71 16.77 -42.89
C MET A 240 6.04 15.38 -42.33
N GLY A 241 6.46 14.45 -43.17
CA GLY A 241 6.78 13.06 -42.78
C GLY A 241 5.53 12.20 -42.69
N LEU A 242 4.48 12.55 -43.43
CA LEU A 242 3.16 11.85 -43.45
C LEU A 242 3.05 10.98 -44.71
N ASN A 243 2.59 9.74 -44.56
CA ASN A 243 2.32 8.82 -45.69
C ASN A 243 0.93 9.09 -46.26
N VAL A 244 -0.02 9.47 -45.40
CA VAL A 244 -1.41 9.78 -45.80
C VAL A 244 -1.75 11.18 -45.27
N ALA A 245 -2.16 12.08 -46.15
CA ALA A 245 -2.42 13.50 -45.83
C ALA A 245 -3.42 14.11 -46.80
N GLY A 246 -4.33 14.93 -46.28
CA GLY A 246 -5.10 15.90 -47.05
C GLY A 246 -4.33 17.21 -47.11
N VAL A 247 -4.01 17.67 -48.32
CA VAL A 247 -3.32 18.97 -48.55
C VAL A 247 -4.32 19.89 -49.25
N ASP A 248 -4.58 21.04 -48.62
CA ASP A 248 -5.50 22.08 -49.11
C ASP A 248 -4.64 23.14 -49.79
N ILE A 249 -5.01 23.51 -51.02
CA ILE A 249 -4.24 24.44 -51.88
C ILE A 249 -5.17 25.57 -52.33
N LEU A 250 -4.67 26.81 -52.31
CA LEU A 250 -5.31 27.98 -52.95
C LEU A 250 -4.60 28.28 -54.27
N ARG A 251 -5.36 28.44 -55.35
CA ARG A 251 -4.85 28.88 -56.66
C ARG A 251 -4.67 30.40 -56.62
N SER A 252 -3.44 30.85 -56.39
CA SER A 252 -3.06 32.28 -56.38
C SER A 252 -2.42 32.69 -57.69
N ASN A 253 -2.22 34.00 -57.86
CA ASN A 253 -1.53 34.60 -59.04
C ASN A 253 -0.04 34.26 -59.02
N HIS A 254 0.51 33.78 -57.90
CA HIS A 254 1.92 33.29 -57.81
C HIS A 254 1.96 31.77 -57.67
N GLY A 255 0.94 31.08 -58.20
CA GLY A 255 0.87 29.61 -58.23
C GLY A 255 0.22 29.04 -56.97
N PRO A 256 0.26 27.70 -56.81
CA PRO A 256 -0.46 27.03 -55.73
C PRO A 256 0.19 27.29 -54.36
N LEU A 257 -0.62 27.67 -53.38
CA LEU A 257 -0.20 27.97 -51.98
C LEU A 257 -0.86 26.94 -51.06
N VAL A 258 -0.05 26.27 -50.23
CA VAL A 258 -0.54 25.24 -49.25
C VAL A 258 -1.15 25.98 -48.05
N MET A 259 -2.40 25.66 -47.70
CA MET A 259 -3.13 26.27 -46.55
C MET A 259 -3.07 25.33 -45.35
N GLU A 260 -3.21 24.04 -45.59
CA GLU A 260 -3.40 22.99 -44.56
C GLU A 260 -2.71 21.72 -45.02
N VAL A 261 -2.01 21.04 -44.12
CA VAL A 261 -1.61 19.61 -44.26
C VAL A 261 -2.22 18.84 -43.10
N ASN A 262 -3.25 18.04 -43.37
CA ASN A 262 -4.08 17.31 -42.38
C ASN A 262 -3.64 15.84 -42.36
N SER A 263 -3.27 15.35 -41.18
CA SER A 263 -2.80 13.96 -40.90
C SER A 263 -3.98 12.99 -40.81
N SER A 264 -5.21 13.49 -40.74
CA SER A 264 -6.45 12.69 -40.57
C SER A 264 -7.55 13.25 -41.47
N PRO A 265 -7.35 13.23 -42.80
CA PRO A 265 -8.31 13.84 -43.73
C PRO A 265 -9.63 13.05 -43.80
N GLY A 266 -10.75 13.75 -43.97
CA GLY A 266 -12.08 13.15 -44.17
C GLY A 266 -12.15 12.38 -45.47
N LEU A 267 -13.00 11.36 -45.54
CA LEU A 267 -13.21 10.55 -46.78
C LEU A 267 -14.54 10.92 -47.43
N GLU A 268 -15.51 11.48 -46.69
CA GLU A 268 -16.91 11.65 -47.20
C GLU A 268 -16.90 12.55 -48.44
N GLY A 269 -16.40 13.78 -48.31
CA GLY A 269 -16.37 14.77 -49.40
C GLY A 269 -15.70 14.21 -50.63
N ILE A 270 -14.47 13.70 -50.48
CA ILE A 270 -13.60 13.26 -51.59
C ILE A 270 -14.19 12.01 -52.26
N GLU A 271 -14.77 11.08 -51.50
CA GLU A 271 -15.31 9.80 -52.03
C GLU A 271 -16.59 10.07 -52.81
N SER A 272 -17.51 10.88 -52.28
CA SER A 272 -18.82 11.17 -52.92
C SER A 272 -18.62 11.97 -54.21
N THR A 273 -17.57 12.78 -54.30
CA THR A 273 -17.27 13.64 -55.48
C THR A 273 -16.53 12.83 -56.56
N THR A 274 -15.53 12.02 -56.20
CA THR A 274 -14.68 11.26 -57.17
C THR A 274 -15.25 9.87 -57.45
N GLY A 275 -15.96 9.28 -56.49
CA GLY A 275 -16.50 7.90 -56.60
C GLY A 275 -15.43 6.84 -56.35
N LYS A 276 -14.24 7.23 -55.90
CA LYS A 276 -13.07 6.33 -55.72
C LYS A 276 -13.12 5.66 -54.34
N ASP A 277 -12.67 4.41 -54.26
CA ASP A 277 -12.53 3.63 -53.01
C ASP A 277 -11.24 4.09 -52.30
N ILE A 278 -11.29 5.25 -51.64
CA ILE A 278 -10.12 5.86 -50.95
C ILE A 278 -9.75 4.98 -49.74
N ALA A 279 -10.76 4.56 -48.98
CA ALA A 279 -10.58 3.64 -47.82
C ALA A 279 -9.80 2.41 -48.26
N GLY A 280 -10.23 1.79 -49.37
CA GLY A 280 -9.56 0.63 -50.00
C GLY A 280 -8.09 0.91 -50.31
N ILE A 281 -7.79 2.05 -50.92
CA ILE A 281 -6.42 2.43 -51.33
C ILE A 281 -5.53 2.55 -50.08
N ILE A 282 -6.09 3.09 -48.99
CA ILE A 282 -5.40 3.24 -47.68
C ILE A 282 -5.09 1.85 -47.14
N ILE A 283 -6.05 0.93 -47.18
CA ILE A 283 -5.88 -0.47 -46.70
C ILE A 283 -4.77 -1.11 -47.53
N GLN A 284 -4.81 -0.92 -48.85
CA GLN A 284 -3.80 -1.44 -49.81
C GLN A 284 -2.41 -0.93 -49.37
N TYR A 285 -2.30 0.35 -49.01
CA TYR A 285 -1.01 0.94 -48.57
C TYR A 285 -0.47 0.18 -47.36
N LEU A 286 -1.34 -0.17 -46.41
CA LEU A 286 -0.94 -0.91 -45.18
C LEU A 286 -0.48 -2.32 -45.53
N GLU A 287 -1.16 -2.98 -46.46
CA GLU A 287 -0.80 -4.33 -46.96
C GLU A 287 0.62 -4.30 -47.53
N LYS A 288 0.95 -3.29 -48.33
CA LYS A 288 2.23 -3.20 -49.08
C LYS A 288 3.39 -2.75 -48.17
N ASN A 289 3.12 -2.13 -47.01
CA ASN A 289 4.16 -1.49 -46.16
C ASN A 289 4.16 -2.04 -44.72
N GLY A 290 3.07 -2.66 -44.25
CA GLY A 290 2.92 -3.03 -42.83
C GLY A 290 2.59 -4.49 -42.61
N GLY A 291 2.34 -5.26 -43.67
CA GLY A 291 1.78 -6.63 -43.56
C GLY A 291 2.38 -7.59 -44.58
N PRO A 292 1.92 -8.85 -44.61
CA PRO A 292 2.37 -9.86 -45.57
C PRO A 292 2.34 -9.38 -47.03
N MET B 1 12.60 -22.49 61.39
CA MET B 1 11.99 -23.33 60.33
C MET B 1 13.08 -23.78 59.33
N LYS B 2 12.85 -24.92 58.68
CA LYS B 2 13.59 -25.37 57.48
C LYS B 2 12.71 -25.05 56.25
N ILE B 3 13.19 -24.17 55.37
CA ILE B 3 12.41 -23.62 54.21
C ILE B 3 13.15 -23.94 52.92
N ALA B 4 12.47 -24.64 52.00
CA ALA B 4 12.93 -24.89 50.62
C ALA B 4 12.53 -23.71 49.75
N VAL B 5 13.45 -23.26 48.89
CA VAL B 5 13.18 -22.26 47.81
C VAL B 5 13.34 -22.99 46.48
N LEU B 6 12.24 -23.29 45.79
CA LEU B 6 12.27 -23.89 44.43
C LEU B 6 12.64 -22.80 43.44
N SER B 7 13.92 -22.73 43.06
CA SER B 7 14.47 -21.73 42.11
C SER B 7 15.56 -22.41 41.28
N ARG B 8 15.56 -22.16 39.98
CA ARG B 8 16.52 -22.79 39.02
C ARG B 8 17.87 -22.08 39.11
N ASN B 9 17.93 -20.90 39.73
CA ASN B 9 19.17 -20.11 39.83
C ASN B 9 19.26 -19.43 41.20
N PRO B 10 20.16 -19.91 42.10
CA PRO B 10 20.32 -19.30 43.42
C PRO B 10 21.00 -17.93 43.43
N ARG B 11 21.54 -17.47 42.29
CA ARG B 11 22.26 -16.17 42.15
C ARG B 11 21.27 -15.05 41.83
N LEU B 12 20.04 -15.38 41.40
CA LEU B 12 18.97 -14.38 41.08
C LEU B 12 18.66 -13.55 42.33
N TYR B 13 18.47 -12.24 42.14
CA TYR B 13 18.21 -11.25 43.22
C TYR B 13 17.16 -11.79 44.19
N SER B 14 16.00 -12.22 43.68
CA SER B 14 14.81 -12.59 44.50
C SER B 14 15.10 -13.83 45.33
N THR B 15 15.77 -14.83 44.74
CA THR B 15 16.14 -16.09 45.44
C THR B 15 17.19 -15.78 46.52
N ARG B 16 18.25 -15.05 46.17
CA ARG B 16 19.31 -14.59 47.11
C ARG B 16 18.64 -13.91 48.31
N ARG B 17 17.76 -12.94 48.05
CA ARG B 17 17.12 -12.08 49.09
C ARG B 17 16.23 -12.92 50.01
N LEU B 18 15.46 -13.85 49.45
CA LEU B 18 14.60 -14.76 50.26
C LEU B 18 15.47 -15.61 51.17
N VAL B 19 16.59 -16.11 50.66
CA VAL B 19 17.60 -16.91 51.43
C VAL B 19 18.22 -16.03 52.52
N GLU B 20 18.65 -14.81 52.16
CA GLU B 20 19.25 -13.81 53.07
C GLU B 20 18.28 -13.53 54.22
N ALA B 21 17.03 -13.15 53.90
CA ALA B 21 15.99 -12.74 54.87
C ALA B 21 15.67 -13.90 55.82
N GLY B 22 15.55 -15.12 55.28
CA GLY B 22 15.29 -16.34 56.06
C GLY B 22 16.38 -16.58 57.10
N ARG B 23 17.64 -16.37 56.71
CA ARG B 23 18.83 -16.66 57.56
C ARG B 23 18.98 -15.58 58.64
N GLU B 24 18.74 -14.30 58.30
CA GLU B 24 18.67 -13.17 59.27
C GLU B 24 17.74 -13.57 60.43
N ARG B 25 16.68 -14.32 60.15
CA ARG B 25 15.56 -14.60 61.10
C ARG B 25 15.68 -16.03 61.65
N GLY B 26 16.85 -16.66 61.47
CA GLY B 26 17.24 -17.89 62.19
C GLY B 26 16.74 -19.17 61.53
N HIS B 27 16.31 -19.09 60.27
CA HIS B 27 15.76 -20.24 59.50
C HIS B 27 16.87 -20.91 58.68
N GLU B 28 16.75 -22.22 58.48
CA GLU B 28 17.60 -22.99 57.53
C GLU B 28 16.96 -22.89 56.14
N MET B 29 17.61 -22.14 55.24
CA MET B 29 17.12 -21.87 53.86
C MET B 29 17.91 -22.73 52.89
N VAL B 30 17.23 -23.60 52.13
CA VAL B 30 17.85 -24.53 51.15
C VAL B 30 17.27 -24.23 49.77
N VAL B 31 18.11 -23.82 48.82
CA VAL B 31 17.69 -23.59 47.41
C VAL B 31 17.71 -24.93 46.67
N ILE B 32 16.53 -25.38 46.22
CA ILE B 32 16.35 -26.62 45.42
C ILE B 32 16.13 -26.24 43.95
N ASP B 33 17.06 -26.61 43.06
CA ASP B 33 16.86 -26.50 41.59
C ASP B 33 15.71 -27.44 41.20
N THR B 34 14.55 -26.86 40.94
CA THR B 34 13.27 -27.57 40.67
C THR B 34 13.49 -28.78 39.76
N LEU B 35 14.28 -28.66 38.69
CA LEU B 35 14.37 -29.70 37.64
C LEU B 35 15.28 -30.86 38.06
N ARG B 36 16.05 -30.66 39.13
CA ARG B 36 17.05 -31.66 39.63
C ARG B 36 16.44 -32.45 40.79
N ALA B 37 15.24 -32.08 41.25
CA ALA B 37 14.41 -32.88 42.16
C ALA B 37 13.72 -33.99 41.34
N TYR B 38 13.77 -35.23 41.84
CA TYR B 38 13.09 -36.40 41.24
C TYR B 38 12.39 -37.14 42.38
N MET B 39 11.30 -37.86 42.08
CA MET B 39 10.31 -38.25 43.11
C MET B 39 9.72 -39.63 42.86
N ASN B 40 9.46 -40.33 43.96
CA ASN B 40 8.61 -41.53 44.03
C ASN B 40 7.23 -41.07 44.42
N ILE B 41 6.18 -41.36 43.63
CA ILE B 41 4.80 -40.88 43.96
C ILE B 41 4.02 -42.04 44.58
N ALA B 42 4.68 -43.06 45.11
CA ALA B 42 4.05 -44.20 45.81
C ALA B 42 3.42 -43.68 47.10
N SER B 43 2.15 -44.03 47.36
CA SER B 43 1.37 -43.57 48.53
C SER B 43 1.93 -44.18 49.82
N HIS B 44 2.46 -45.41 49.78
CA HIS B 44 3.03 -46.12 50.96
C HIS B 44 4.48 -45.68 51.24
N LYS B 45 5.11 -44.90 50.35
CA LYS B 45 6.52 -44.47 50.49
C LYS B 45 6.79 -43.26 49.59
N PRO B 46 6.13 -42.11 49.85
CA PRO B 46 6.36 -40.89 49.06
C PRO B 46 7.75 -40.30 49.37
N GLN B 47 8.50 -39.93 48.33
CA GLN B 47 9.87 -39.34 48.48
C GLN B 47 10.06 -38.16 47.51
N ILE B 48 10.84 -37.15 47.93
CA ILE B 48 11.55 -36.22 47.01
C ILE B 48 13.06 -36.44 47.21
N HIS B 49 13.77 -36.88 46.19
CA HIS B 49 15.24 -37.03 46.18
C HIS B 49 15.85 -35.86 45.42
N TYR B 50 17.10 -35.53 45.75
CA TYR B 50 17.86 -34.37 45.21
C TYR B 50 19.35 -34.69 45.34
N ARG B 51 20.05 -34.82 44.21
CA ARG B 51 21.51 -35.10 44.17
C ARG B 51 21.81 -36.34 45.04
N GLY B 52 21.03 -37.41 44.88
CA GLY B 52 21.28 -38.74 45.47
C GLY B 52 20.75 -38.92 46.89
N GLN B 53 20.22 -37.86 47.52
CA GLN B 53 19.76 -37.88 48.94
C GLN B 53 18.29 -37.52 49.02
N PRO B 54 17.53 -38.05 50.01
CA PRO B 54 16.15 -37.61 50.25
C PRO B 54 16.12 -36.20 50.85
N LEU B 55 15.04 -35.46 50.58
CA LEU B 55 14.73 -34.16 51.23
C LEU B 55 13.76 -34.46 52.37
N GLU B 56 14.17 -34.16 53.61
CA GLU B 56 13.44 -34.45 54.86
C GLU B 56 13.42 -33.21 55.75
N GLY B 57 12.40 -33.11 56.60
CA GLY B 57 12.33 -32.15 57.74
C GLY B 57 12.08 -30.73 57.29
N PHE B 58 11.53 -30.53 56.07
CA PHE B 58 11.14 -29.20 55.56
C PHE B 58 9.80 -28.81 56.21
N ASP B 59 9.72 -27.58 56.74
CA ASP B 59 8.48 -27.01 57.35
C ASP B 59 7.67 -26.29 56.28
N ALA B 60 8.34 -25.55 55.38
CA ALA B 60 7.68 -24.72 54.34
C ALA B 60 8.49 -24.75 53.04
N VAL B 61 7.85 -24.33 51.94
CA VAL B 61 8.49 -24.22 50.60
C VAL B 61 8.00 -22.93 49.93
N ILE B 62 8.95 -22.17 49.38
CA ILE B 62 8.70 -20.95 48.55
C ILE B 62 8.89 -21.35 47.09
N PRO B 63 7.79 -21.53 46.31
CA PRO B 63 7.91 -21.82 44.89
C PRO B 63 8.24 -20.55 44.08
N ARG B 64 9.36 -20.59 43.36
CA ARG B 64 9.77 -19.60 42.34
C ARG B 64 9.81 -20.33 40.99
N ILE B 65 8.66 -20.82 40.56
CA ILE B 65 8.55 -21.70 39.36
C ILE B 65 8.44 -20.82 38.11
N GLY B 66 9.47 -20.78 37.27
CA GLY B 66 9.42 -20.13 35.95
C GLY B 66 8.33 -20.69 35.07
N ALA B 67 7.75 -19.87 34.18
CA ALA B 67 6.57 -20.22 33.35
C ALA B 67 6.87 -21.40 32.41
N SER B 68 8.11 -21.53 31.93
CA SER B 68 8.52 -22.59 30.98
C SER B 68 8.50 -23.98 31.66
N VAL B 69 8.53 -24.04 33.00
CA VAL B 69 8.63 -25.32 33.76
C VAL B 69 7.45 -25.42 34.75
N THR B 70 6.28 -24.89 34.39
CA THR B 70 5.09 -24.83 35.26
C THR B 70 4.64 -26.24 35.63
N PHE B 71 4.54 -27.16 34.66
CA PHE B 71 4.00 -28.52 34.88
C PHE B 71 4.91 -29.26 35.85
N TYR B 72 6.22 -29.27 35.61
CA TYR B 72 7.16 -30.05 36.45
C TYR B 72 7.31 -29.38 37.82
N GLY B 73 7.42 -28.06 37.85
CA GLY B 73 7.52 -27.26 39.08
C GLY B 73 6.33 -27.49 39.99
N CYS B 74 5.14 -27.55 39.41
CA CYS B 74 3.89 -27.78 40.16
C CYS B 74 3.85 -29.22 40.69
N ALA B 75 4.43 -30.18 39.97
CA ALA B 75 4.53 -31.60 40.40
C ALA B 75 5.45 -31.69 41.63
N VAL B 76 6.58 -30.99 41.62
CA VAL B 76 7.54 -30.97 42.76
C VAL B 76 6.85 -30.30 43.96
N LEU B 77 6.16 -29.18 43.73
CA LEU B 77 5.46 -28.42 44.81
C LEU B 77 4.34 -29.28 45.40
N ARG B 78 3.53 -29.90 44.53
CA ARG B 78 2.39 -30.77 44.89
C ARG B 78 2.90 -31.89 45.82
N GLN B 79 4.09 -32.42 45.52
CA GLN B 79 4.72 -33.52 46.30
C GLN B 79 5.05 -33.00 47.70
N PHE B 80 5.70 -31.85 47.80
CA PHE B 80 5.98 -31.16 49.08
C PHE B 80 4.67 -31.03 49.88
N GLU B 81 3.60 -30.58 49.21
CA GLU B 81 2.26 -30.37 49.83
C GLU B 81 1.75 -31.70 50.41
N MET B 82 1.79 -32.77 49.60
CA MET B 82 1.32 -34.12 50.01
C MET B 82 2.11 -34.61 51.23
N MET B 83 3.38 -34.19 51.36
CA MET B 83 4.29 -34.61 52.47
C MET B 83 4.12 -33.68 53.67
N GLY B 84 3.11 -32.81 53.67
CA GLY B 84 2.74 -31.96 54.82
C GLY B 84 3.54 -30.66 54.91
N VAL B 85 4.37 -30.34 53.91
CA VAL B 85 5.16 -29.08 53.88
C VAL B 85 4.24 -27.92 53.48
N PHE B 86 4.32 -26.78 54.18
CA PHE B 86 3.45 -25.60 53.95
C PHE B 86 3.95 -24.82 52.73
N PRO B 87 3.14 -24.70 51.66
CA PRO B 87 3.52 -23.90 50.49
C PRO B 87 3.14 -22.43 50.63
N LEU B 88 4.07 -21.51 50.35
CA LEU B 88 3.79 -20.05 50.35
C LEU B 88 2.58 -19.80 49.45
N ASN B 89 2.60 -20.39 48.25
CA ASN B 89 1.49 -20.42 47.28
C ASN B 89 1.19 -21.88 46.92
N GLU B 90 -0.08 -22.25 46.84
CA GLU B 90 -0.52 -23.63 46.51
C GLU B 90 -0.28 -23.91 45.02
N SER B 91 0.09 -25.16 44.72
CA SER B 91 0.33 -25.69 43.37
C SER B 91 -0.87 -25.40 42.46
N VAL B 92 -2.10 -25.66 42.93
CA VAL B 92 -3.33 -25.51 42.12
C VAL B 92 -3.49 -24.04 41.71
N ALA B 93 -3.15 -23.12 42.60
CA ALA B 93 -3.25 -21.66 42.37
C ALA B 93 -2.19 -21.20 41.37
N ILE B 94 -0.97 -21.71 41.48
CA ILE B 94 0.15 -21.34 40.54
C ILE B 94 -0.21 -21.84 39.14
N ALA B 95 -0.65 -23.08 39.01
CA ALA B 95 -1.07 -23.69 37.72
C ALA B 95 -2.19 -22.83 37.12
N ARG B 96 -3.20 -22.49 37.91
CA ARG B 96 -4.37 -21.68 37.47
C ARG B 96 -3.88 -20.33 36.93
N SER B 97 -3.00 -19.64 37.66
CA SER B 97 -2.52 -18.28 37.32
C SER B 97 -1.66 -18.30 36.03
N ARG B 98 -1.03 -19.42 35.70
CA ARG B 98 -0.12 -19.56 34.53
C ARG B 98 -0.92 -19.85 33.26
N ASP B 99 -2.17 -20.31 33.39
CA ASP B 99 -3.14 -20.48 32.29
C ASP B 99 -3.84 -19.13 32.07
N LYS B 100 -3.28 -18.28 31.20
CA LYS B 100 -3.70 -16.86 31.03
C LYS B 100 -5.17 -16.82 30.62
N LEU B 101 -5.63 -17.71 29.74
CA LEU B 101 -7.04 -17.74 29.25
C LEU B 101 -7.98 -18.02 30.42
N ARG B 102 -7.65 -19.03 31.23
CA ARG B 102 -8.45 -19.43 32.41
C ARG B 102 -8.45 -18.30 33.45
N SER B 103 -7.30 -17.66 33.68
CA SER B 103 -7.15 -16.55 34.65
C SER B 103 -8.11 -15.41 34.29
N LEU B 104 -8.10 -14.98 33.03
CA LEU B 104 -8.94 -13.85 32.55
C LEU B 104 -10.41 -14.22 32.69
N GLN B 105 -10.81 -15.42 32.29
CA GLN B 105 -12.23 -15.88 32.38
C GLN B 105 -12.66 -15.90 33.85
N LEU B 106 -11.79 -16.28 34.78
CA LEU B 106 -12.12 -16.34 36.23
C LEU B 106 -12.27 -14.91 36.77
N LEU B 107 -11.28 -14.04 36.52
CA LEU B 107 -11.30 -12.63 37.00
C LEU B 107 -12.56 -11.93 36.43
N SER B 108 -12.88 -12.17 35.17
CA SER B 108 -14.08 -11.61 34.48
C SER B 108 -15.34 -12.07 35.21
N ARG B 109 -15.49 -13.38 35.40
CA ARG B 109 -16.64 -14.01 36.11
C ARG B 109 -16.82 -13.40 37.51
N LYS B 110 -15.73 -13.02 38.19
CA LYS B 110 -15.75 -12.49 39.57
C LYS B 110 -15.82 -10.96 39.58
N GLY B 111 -16.07 -10.32 38.44
CA GLY B 111 -16.28 -8.87 38.33
C GLY B 111 -15.03 -8.05 38.64
N ILE B 112 -13.84 -8.60 38.44
CA ILE B 112 -12.56 -7.82 38.50
C ILE B 112 -12.44 -7.00 37.21
N GLY B 113 -11.98 -5.75 37.32
CA GLY B 113 -11.77 -4.87 36.16
C GLY B 113 -10.74 -5.44 35.20
N LEU B 114 -11.10 -5.57 33.93
CA LEU B 114 -10.23 -6.11 32.86
C LEU B 114 -10.36 -5.22 31.64
N PRO B 115 -9.32 -5.15 30.77
CA PRO B 115 -9.49 -4.56 29.46
C PRO B 115 -10.53 -5.40 28.71
N VAL B 116 -11.37 -4.79 27.88
CA VAL B 116 -12.23 -5.56 26.94
C VAL B 116 -11.30 -6.53 26.20
N THR B 117 -11.63 -7.82 26.20
CA THR B 117 -10.71 -8.91 25.80
C THR B 117 -11.44 -9.95 24.98
N GLY B 118 -10.79 -10.43 23.91
CA GLY B 118 -11.26 -11.54 23.06
C GLY B 118 -10.22 -12.64 22.98
N PHE B 119 -10.66 -13.87 22.78
CA PHE B 119 -9.80 -15.05 22.50
C PHE B 119 -10.11 -15.58 21.12
N ALA B 120 -9.07 -16.06 20.44
CA ALA B 120 -9.20 -16.69 19.11
C ALA B 120 -8.03 -17.65 18.93
N HIS B 121 -8.19 -18.58 17.99
CA HIS B 121 -7.09 -19.44 17.49
C HIS B 121 -7.07 -19.36 15.96
N SER B 122 -8.12 -19.90 15.32
CA SER B 122 -8.30 -19.92 13.85
C SER B 122 -9.66 -19.35 13.48
N PRO B 123 -9.95 -18.07 13.81
CA PRO B 123 -11.26 -17.48 13.53
C PRO B 123 -11.50 -17.30 12.03
N ASP B 124 -12.71 -17.60 11.56
CA ASP B 124 -13.08 -17.53 10.11
C ASP B 124 -13.43 -16.09 9.73
N ASP B 125 -13.84 -15.28 10.72
CA ASP B 125 -14.30 -13.88 10.53
C ASP B 125 -13.47 -12.96 11.45
N VAL B 126 -12.30 -12.55 10.97
CA VAL B 126 -11.35 -11.67 11.71
C VAL B 126 -11.99 -10.30 11.95
N PRO B 127 -12.63 -9.67 10.93
CA PRO B 127 -13.31 -8.39 11.15
C PRO B 127 -14.34 -8.44 12.30
N ASP B 128 -15.07 -9.54 12.42
CA ASP B 128 -16.07 -9.75 13.51
C ASP B 128 -15.36 -9.75 14.87
N LEU B 129 -14.24 -10.48 14.98
CA LEU B 129 -13.42 -10.56 16.21
C LEU B 129 -12.94 -9.14 16.59
N ILE B 130 -12.45 -8.39 15.62
CA ILE B 130 -11.90 -7.00 15.82
C ILE B 130 -13.04 -6.10 16.30
N GLU B 131 -14.23 -6.23 15.72
CA GLU B 131 -15.42 -5.44 16.08
C GLU B 131 -15.85 -5.79 17.52
N MET B 132 -15.88 -7.08 17.86
CA MET B 132 -16.29 -7.60 19.20
C MET B 132 -15.58 -6.86 20.32
N VAL B 133 -14.28 -6.60 20.16
CA VAL B 133 -13.41 -6.02 21.23
C VAL B 133 -13.30 -4.49 21.09
N GLY B 134 -14.12 -3.89 20.22
CA GLY B 134 -14.24 -2.42 20.10
C GLY B 134 -13.36 -1.83 19.02
N GLY B 135 -12.76 -2.65 18.16
CA GLY B 135 -11.97 -2.20 17.00
C GLY B 135 -10.59 -1.68 17.38
N ALA B 136 -9.79 -1.29 16.38
CA ALA B 136 -8.43 -0.73 16.56
C ALA B 136 -8.54 0.64 17.23
N PRO B 137 -7.52 1.09 17.99
CA PRO B 137 -6.30 0.33 18.22
C PRO B 137 -6.52 -0.77 19.26
N LEU B 138 -5.85 -1.91 19.10
CA LEU B 138 -5.91 -3.01 20.10
C LEU B 138 -4.54 -3.66 20.23
N VAL B 139 -4.33 -4.35 21.34
CA VAL B 139 -3.09 -5.11 21.67
C VAL B 139 -3.37 -6.59 21.38
N ILE B 140 -2.46 -7.24 20.67
CA ILE B 140 -2.56 -8.70 20.38
C ILE B 140 -1.44 -9.41 21.15
N LYS B 141 -1.84 -10.34 22.02
CA LYS B 141 -0.92 -11.20 22.81
C LYS B 141 -0.97 -12.62 22.25
N LEU B 142 0.19 -13.20 22.08
CA LEU B 142 0.39 -14.56 21.51
C LEU B 142 0.76 -15.48 22.68
N LEU B 143 -0.01 -16.56 22.90
CA LEU B 143 0.19 -17.53 24.01
C LEU B 143 0.53 -18.90 23.44
N GLU B 144 1.57 -19.55 23.97
CA GLU B 144 1.87 -20.98 23.72
C GLU B 144 1.84 -21.70 25.06
N GLY B 145 0.80 -22.49 25.31
CA GLY B 145 0.54 -23.14 26.61
C GLY B 145 0.55 -22.12 27.74
N THR B 146 1.50 -22.23 28.67
CA THR B 146 1.60 -21.45 29.93
C THR B 146 2.57 -20.27 29.79
N GLN B 147 2.87 -19.83 28.56
CA GLN B 147 3.87 -18.75 28.27
C GLN B 147 3.32 -17.73 27.28
N GLY B 148 3.50 -16.44 27.59
CA GLY B 148 3.34 -15.32 26.64
C GLY B 148 4.54 -15.23 25.73
N ILE B 149 4.30 -15.20 24.41
CA ILE B 149 5.35 -15.30 23.34
C ILE B 149 5.61 -13.90 22.77
N GLY B 150 4.56 -13.07 22.64
CA GLY B 150 4.70 -11.69 22.16
C GLY B 150 3.52 -10.83 22.56
N VAL B 151 3.72 -9.51 22.47
CA VAL B 151 2.69 -8.46 22.72
C VAL B 151 2.90 -7.37 21.67
N VAL B 152 1.85 -7.02 20.94
CA VAL B 152 1.95 -6.18 19.71
C VAL B 152 0.82 -5.14 19.72
N LEU B 153 1.18 -3.87 19.54
CA LEU B 153 0.20 -2.78 19.32
C LEU B 153 -0.17 -2.76 17.83
N CYS B 154 -1.45 -2.92 17.52
CA CYS B 154 -2.04 -2.79 16.17
C CYS B 154 -2.86 -1.50 16.13
N GLU B 155 -2.34 -0.44 15.53
CA GLU B 155 -2.91 0.93 15.60
C GLU B 155 -4.14 1.03 14.69
N THR B 156 -4.23 0.19 13.66
CA THR B 156 -5.29 0.24 12.62
C THR B 156 -5.94 -1.14 12.46
N GLU B 157 -7.16 -1.18 11.91
CA GLU B 157 -7.90 -2.43 11.60
C GLU B 157 -7.03 -3.33 10.70
N LYS B 158 -6.34 -2.76 9.71
CA LYS B 158 -5.55 -3.53 8.72
C LYS B 158 -4.32 -4.16 9.41
N ALA B 159 -3.73 -3.48 10.39
CA ALA B 159 -2.59 -4.01 11.19
C ALA B 159 -3.06 -5.19 12.03
N ALA B 160 -4.22 -5.08 12.67
CA ALA B 160 -4.85 -6.19 13.44
C ALA B 160 -5.15 -7.35 12.49
N GLU B 161 -5.72 -7.07 11.31
CA GLU B 161 -6.06 -8.12 10.30
C GLU B 161 -4.79 -8.89 9.93
N SER B 162 -3.68 -8.20 9.71
CA SER B 162 -2.39 -8.79 9.22
C SER B 162 -1.78 -9.68 10.31
N VAL B 163 -1.71 -9.18 11.54
CA VAL B 163 -1.15 -9.96 12.69
C VAL B 163 -1.97 -11.24 12.90
N LEU B 164 -3.30 -11.13 12.89
CA LEU B 164 -4.21 -12.28 13.12
C LEU B 164 -4.07 -13.30 11.97
N GLU B 165 -4.00 -12.84 10.72
CA GLU B 165 -3.80 -13.71 9.52
C GLU B 165 -2.44 -14.42 9.64
N ALA B 166 -1.41 -13.71 10.09
CA ALA B 166 -0.05 -14.24 10.25
C ALA B 166 -0.06 -15.36 11.30
N PHE B 167 -0.69 -15.11 12.45
CA PHE B 167 -0.66 -16.04 13.61
C PHE B 167 -1.64 -17.21 13.41
N MET B 168 -2.59 -17.10 12.50
CA MET B 168 -3.65 -18.12 12.33
C MET B 168 -3.09 -19.46 11.88
N GLY B 169 -1.97 -19.45 11.14
CA GLY B 169 -1.34 -20.70 10.68
C GLY B 169 -0.40 -21.29 11.74
N LEU B 170 -0.10 -20.54 12.80
CA LEU B 170 1.09 -20.75 13.67
C LEU B 170 0.73 -21.59 14.89
N LYS B 171 -0.55 -21.94 15.08
CA LYS B 171 -0.98 -22.85 16.17
C LYS B 171 -0.62 -22.23 17.53
N HIS B 172 -0.73 -20.91 17.67
CA HIS B 172 -0.69 -20.21 18.97
C HIS B 172 -2.13 -19.83 19.36
N ASN B 173 -2.35 -19.63 20.66
CA ASN B 173 -3.60 -19.03 21.19
C ASN B 173 -3.44 -17.51 21.14
N ILE B 174 -4.49 -16.79 20.76
CA ILE B 174 -4.43 -15.33 20.50
C ILE B 174 -5.39 -14.62 21.46
N MET B 175 -4.86 -13.65 22.19
CA MET B 175 -5.63 -12.68 23.01
C MET B 175 -5.67 -11.35 22.27
N VAL B 176 -6.86 -10.76 22.13
CA VAL B 176 -7.07 -9.40 21.55
C VAL B 176 -7.66 -8.51 22.64
N GLN B 177 -7.01 -7.38 22.95
CA GLN B 177 -7.42 -6.46 24.04
C GLN B 177 -7.52 -5.02 23.52
N GLU B 178 -8.49 -4.26 24.02
CA GLU B 178 -8.53 -2.79 23.82
C GLU B 178 -7.19 -2.22 24.29
N TYR B 179 -6.64 -1.28 23.53
CA TYR B 179 -5.42 -0.50 23.89
C TYR B 179 -5.84 0.60 24.87
N ILE B 180 -5.29 0.56 26.08
CA ILE B 180 -5.46 1.59 27.14
C ILE B 180 -4.42 2.69 26.88
N LYS B 181 -4.67 3.59 25.93
CA LYS B 181 -3.77 4.71 25.58
C LYS B 181 -3.63 5.68 26.76
N GLU B 182 -4.70 5.85 27.53
CA GLU B 182 -4.81 6.88 28.60
C GLU B 182 -3.84 6.57 29.74
N ALA B 183 -3.31 5.35 29.82
CA ALA B 183 -2.28 4.91 30.81
C ALA B 183 -0.93 5.54 30.46
N GLY B 184 -0.74 6.03 29.23
CA GLY B 184 0.49 6.68 28.74
C GLY B 184 1.73 5.82 28.97
N GLY B 185 1.65 4.50 28.75
CA GLY B 185 2.81 3.59 28.83
C GLY B 185 3.23 3.27 30.27
N ALA B 186 2.42 3.67 31.26
CA ALA B 186 2.64 3.38 32.69
C ALA B 186 1.73 2.21 33.12
N ASP B 187 2.17 1.43 34.10
CA ASP B 187 1.34 0.43 34.82
C ASP B 187 1.71 0.49 36.32
N ILE B 188 0.83 -0.04 37.17
CA ILE B 188 1.03 -0.13 38.64
C ILE B 188 1.31 -1.60 38.98
N ARG B 189 2.44 -1.89 39.64
CA ARG B 189 2.67 -3.21 40.26
C ARG B 189 2.31 -3.11 41.75
N CYS B 190 1.28 -3.85 42.16
CA CYS B 190 0.88 -4.02 43.58
C CYS B 190 1.40 -5.37 44.10
N PHE B 191 2.25 -5.34 45.12
CA PHE B 191 2.80 -6.56 45.76
C PHE B 191 1.85 -6.95 46.90
N VAL B 192 1.09 -8.03 46.70
CA VAL B 192 0.06 -8.56 47.64
C VAL B 192 0.66 -9.69 48.49
N VAL B 193 0.52 -9.61 49.80
CA VAL B 193 0.85 -10.68 50.79
C VAL B 193 -0.33 -10.79 51.75
N GLY B 194 -0.96 -11.98 51.84
CA GLY B 194 -2.23 -12.18 52.53
C GLY B 194 -3.29 -11.21 51.98
N ASP B 195 -4.03 -10.54 52.85
CA ASP B 195 -5.16 -9.66 52.43
C ASP B 195 -4.68 -8.21 52.37
N LYS B 196 -3.39 -7.97 52.05
CA LYS B 196 -2.79 -6.61 52.07
C LYS B 196 -1.90 -6.38 50.85
N VAL B 197 -1.99 -5.19 50.26
CA VAL B 197 -0.94 -4.63 49.37
C VAL B 197 0.13 -4.03 50.28
N ILE B 198 1.30 -4.66 50.35
CA ILE B 198 2.41 -4.28 51.29
C ILE B 198 3.34 -3.29 50.61
N ALA B 199 3.25 -3.14 49.29
CA ALA B 199 4.12 -2.25 48.49
C ALA B 199 3.56 -2.12 47.08
N SER B 200 3.84 -0.98 46.43
CA SER B 200 3.42 -0.68 45.03
C SER B 200 4.41 0.28 44.37
N MET B 201 4.44 0.29 43.04
CA MET B 201 5.33 1.16 42.23
C MET B 201 4.67 1.42 40.88
N LYS B 202 4.98 2.57 40.27
CA LYS B 202 4.64 2.90 38.86
C LYS B 202 5.83 2.51 37.99
N ARG B 203 5.59 1.74 36.94
CA ARG B 203 6.61 1.40 35.90
C ARG B 203 6.25 2.18 34.63
N GLN B 204 7.16 3.02 34.14
CA GLN B 204 6.98 3.86 32.92
C GLN B 204 7.88 3.31 31.81
N ALA B 205 7.31 2.93 30.67
CA ALA B 205 8.03 2.49 29.45
C ALA B 205 8.81 3.68 28.87
N ALA B 206 10.00 3.42 28.30
CA ALA B 206 10.83 4.42 27.59
C ALA B 206 9.98 5.06 26.48
N PRO B 207 10.20 6.35 26.12
CA PRO B 207 9.34 7.01 25.13
C PRO B 207 9.34 6.21 23.82
N GLY B 208 8.16 5.98 23.24
CA GLY B 208 7.96 5.13 22.05
C GLY B 208 7.50 3.73 22.44
N GLU B 209 8.40 2.90 22.98
CA GLU B 209 8.08 1.53 23.49
C GLU B 209 6.85 1.65 24.41
N PHE B 210 5.82 0.84 24.16
CA PHE B 210 4.52 0.85 24.90
C PHE B 210 4.57 -0.16 26.04
N ARG B 211 5.34 -1.26 25.86
CA ARG B 211 5.53 -2.34 26.86
C ARG B 211 6.34 -1.82 28.05
N GLY B 217 14.64 -1.00 29.24
CA GLY B 217 15.14 0.35 29.58
C GLY B 217 14.04 1.30 30.00
N GLY B 218 13.11 0.83 30.85
CA GLY B 218 11.99 1.61 31.41
C GLY B 218 12.18 1.87 32.90
N SER B 219 11.71 3.02 33.38
CA SER B 219 11.96 3.58 34.74
C SER B 219 10.81 3.24 35.69
N ALA B 220 11.10 3.26 37.00
CA ALA B 220 10.15 2.94 38.10
C ALA B 220 10.13 4.10 39.09
N SER B 221 8.99 4.32 39.77
CA SER B 221 8.79 5.43 40.75
C SER B 221 7.75 5.02 41.80
N LEU B 222 7.75 5.73 42.94
CA LEU B 222 6.74 5.56 44.02
C LEU B 222 5.38 6.01 43.48
N ILE B 223 4.31 5.44 44.04
CA ILE B 223 2.90 5.77 43.67
C ILE B 223 2.01 5.56 44.89
N LYS B 224 1.04 6.46 45.11
CA LYS B 224 -0.07 6.27 46.08
C LYS B 224 -1.25 5.67 45.31
N ILE B 225 -1.58 4.40 45.55
CA ILE B 225 -2.70 3.67 44.90
C ILE B 225 -4.03 4.11 45.52
N THR B 226 -5.10 4.11 44.72
CA THR B 226 -6.48 4.45 45.15
C THR B 226 -7.01 3.30 45.99
N PRO B 227 -7.97 3.53 46.90
CA PRO B 227 -8.67 2.43 47.57
C PRO B 227 -9.23 1.37 46.60
N GLU B 228 -9.67 1.77 45.41
CA GLU B 228 -10.25 0.81 44.42
C GLU B 228 -9.13 -0.10 43.87
N GLU B 229 -7.93 0.47 43.60
CA GLU B 229 -6.77 -0.29 43.08
C GLU B 229 -6.32 -1.29 44.14
N ARG B 230 -6.19 -0.84 45.39
CA ARG B 230 -5.84 -1.65 46.58
C ARG B 230 -6.78 -2.84 46.68
N MET B 231 -8.09 -2.60 46.67
CA MET B 231 -9.12 -3.67 46.80
C MET B 231 -9.01 -4.62 45.61
N THR B 232 -8.83 -4.09 44.39
CA THR B 232 -8.76 -4.90 43.14
C THR B 232 -7.57 -5.85 43.24
N ALA B 233 -6.39 -5.35 43.62
CA ALA B 233 -5.15 -6.15 43.75
C ALA B 233 -5.40 -7.29 44.74
N ILE B 234 -5.92 -6.99 45.94
CA ILE B 234 -6.19 -7.98 47.01
C ILE B 234 -7.18 -9.03 46.50
N ARG B 235 -8.29 -8.59 45.88
CA ARG B 235 -9.37 -9.51 45.39
C ARG B 235 -8.82 -10.42 44.28
N ALA B 236 -8.05 -9.88 43.35
CA ALA B 236 -7.45 -10.64 42.23
C ALA B 236 -6.61 -11.79 42.77
N ALA B 237 -5.76 -11.53 43.76
CA ALA B 237 -4.92 -12.55 44.43
C ALA B 237 -5.82 -13.59 45.09
N ARG B 238 -6.83 -13.17 45.85
CA ARG B 238 -7.72 -14.09 46.60
C ARG B 238 -8.51 -14.96 45.61
N VAL B 239 -9.01 -14.37 44.53
CA VAL B 239 -9.78 -15.07 43.46
C VAL B 239 -8.89 -16.14 42.82
N MET B 240 -7.61 -15.84 42.57
CA MET B 240 -6.61 -16.79 42.00
C MET B 240 -6.24 -17.87 43.03
N GLY B 241 -6.48 -17.63 44.32
CA GLY B 241 -6.13 -18.55 45.42
C GLY B 241 -4.67 -18.44 45.82
N LEU B 242 -4.06 -17.28 45.60
CA LEU B 242 -2.63 -16.98 45.89
C LEU B 242 -2.51 -16.16 47.18
N ASN B 243 -1.57 -16.52 48.06
CA ASN B 243 -1.24 -15.75 49.29
C ASN B 243 -0.26 -14.63 48.94
N VAL B 244 0.64 -14.88 48.00
CA VAL B 244 1.67 -13.89 47.55
C VAL B 244 1.57 -13.75 46.04
N ALA B 245 1.38 -12.52 45.55
CA ALA B 245 1.15 -12.24 44.12
C ALA B 245 1.57 -10.82 43.79
N GLY B 246 2.20 -10.65 42.62
CA GLY B 246 2.31 -9.35 41.94
C GLY B 246 1.12 -9.15 41.04
N VAL B 247 0.36 -8.09 41.26
CA VAL B 247 -0.80 -7.71 40.40
C VAL B 247 -0.44 -6.42 39.67
N ASP B 248 -0.48 -6.49 38.34
CA ASP B 248 -0.17 -5.36 37.43
C ASP B 248 -1.51 -4.74 37.03
N ILE B 249 -1.63 -3.42 37.16
CA ILE B 249 -2.89 -2.67 36.94
C ILE B 249 -2.60 -1.54 35.94
N LEU B 250 -3.51 -1.34 34.98
CA LEU B 250 -3.54 -0.14 34.10
C LEU B 250 -4.63 0.80 34.60
N ARG B 251 -4.28 2.08 34.78
CA ARG B 251 -5.25 3.16 35.10
C ARG B 251 -5.95 3.56 33.81
N SER B 252 -7.17 3.05 33.62
CA SER B 252 -8.04 3.36 32.45
C SER B 252 -9.09 4.38 32.85
N ASN B 253 -9.81 4.88 31.84
CA ASN B 253 -10.95 5.81 31.99
C ASN B 253 -12.15 5.11 32.63
N HIS B 254 -12.17 3.77 32.67
CA HIS B 254 -13.22 2.98 33.38
C HIS B 254 -12.64 2.33 34.65
N GLY B 255 -11.63 2.95 35.25
CA GLY B 255 -11.02 2.51 36.52
C GLY B 255 -9.89 1.50 36.31
N PRO B 256 -9.37 0.91 37.40
CA PRO B 256 -8.20 0.04 37.33
C PRO B 256 -8.53 -1.29 36.66
N LEU B 257 -7.70 -1.69 35.70
CA LEU B 257 -7.83 -2.95 34.92
C LEU B 257 -6.63 -3.85 35.25
N VAL B 258 -6.88 -5.10 35.63
CA VAL B 258 -5.81 -6.09 35.96
C VAL B 258 -5.25 -6.63 34.65
N MET B 259 -3.92 -6.58 34.47
CA MET B 259 -3.21 -7.06 33.27
C MET B 259 -2.61 -8.44 33.54
N GLU B 260 -2.06 -8.62 34.74
CA GLU B 260 -1.24 -9.79 35.13
C GLU B 260 -1.51 -10.08 36.60
N VAL B 261 -1.66 -11.35 36.95
CA VAL B 261 -1.52 -11.85 38.36
C VAL B 261 -0.41 -12.89 38.36
N ASN B 262 0.75 -12.52 38.92
CA ASN B 262 2.01 -13.32 38.88
C ASN B 262 2.18 -13.98 40.26
N SER B 263 2.32 -15.31 40.26
CA SER B 263 2.49 -16.20 41.44
C SER B 263 3.93 -16.15 41.94
N SER B 264 4.87 -15.59 41.17
CA SER B 264 6.32 -15.53 41.47
C SER B 264 6.86 -14.15 41.12
N PRO B 265 6.37 -13.08 41.77
CA PRO B 265 6.76 -11.72 41.42
C PRO B 265 8.22 -11.42 41.79
N GLY B 266 8.91 -10.62 40.99
CA GLY B 266 10.26 -10.12 41.27
C GLY B 266 10.30 -9.23 42.50
N LEU B 267 11.42 -9.18 43.20
CA LEU B 267 11.62 -8.32 44.39
C LEU B 267 12.51 -7.12 44.03
N GLU B 268 13.33 -7.19 42.98
CA GLU B 268 14.37 -6.17 42.70
C GLU B 268 13.72 -4.81 42.48
N GLY B 269 12.81 -4.71 41.50
CA GLY B 269 12.14 -3.45 41.14
C GLY B 269 11.48 -2.83 42.35
N ILE B 270 10.62 -3.59 43.02
CA ILE B 270 9.74 -3.11 44.13
C ILE B 270 10.59 -2.73 45.35
N GLU B 271 11.65 -3.50 45.65
CA GLU B 271 12.50 -3.26 46.85
C GLU B 271 13.35 -2.00 46.65
N SER B 272 13.98 -1.83 45.47
CA SER B 272 14.88 -0.69 45.19
C SER B 272 14.08 0.62 45.13
N THR B 273 12.81 0.56 44.75
CA THR B 273 11.92 1.75 44.61
C THR B 273 11.31 2.13 45.97
N THR B 274 10.82 1.17 46.76
CA THR B 274 10.12 1.44 48.05
C THR B 274 11.11 1.42 49.23
N GLY B 275 12.21 0.67 49.13
CA GLY B 275 13.20 0.51 50.22
C GLY B 275 12.73 -0.46 51.29
N LYS B 276 11.63 -1.17 51.06
CA LYS B 276 10.99 -2.09 52.04
C LYS B 276 11.64 -3.48 51.99
N ASP B 277 11.75 -4.13 53.15
CA ASP B 277 12.22 -5.54 53.29
C ASP B 277 11.06 -6.47 52.91
N ILE B 278 10.81 -6.63 51.60
CA ILE B 278 9.70 -7.47 51.06
C ILE B 278 10.01 -8.94 51.37
N ALA B 279 11.24 -9.37 51.12
CA ALA B 279 11.72 -10.74 51.42
C ALA B 279 11.41 -11.06 52.89
N GLY B 280 11.77 -10.16 53.80
CA GLY B 280 11.48 -10.27 55.25
C GLY B 280 10.00 -10.47 55.53
N ILE B 281 9.14 -9.67 54.90
CA ILE B 281 7.66 -9.71 55.12
C ILE B 281 7.14 -11.08 54.67
N ILE B 282 7.69 -11.63 53.59
CA ILE B 282 7.33 -12.97 53.04
C ILE B 282 7.73 -14.02 54.08
N ILE B 283 8.94 -13.93 54.64
CA ILE B 283 9.43 -14.88 55.67
C ILE B 283 8.49 -14.79 56.87
N GLN B 284 8.14 -13.57 57.29
CA GLN B 284 7.19 -13.31 58.41
C GLN B 284 5.87 -14.03 58.14
N TYR B 285 5.37 -13.97 56.91
CA TYR B 285 4.09 -14.63 56.52
C TYR B 285 4.21 -16.13 56.79
N LEU B 286 5.34 -16.75 56.44
CA LEU B 286 5.57 -18.19 56.63
C LEU B 286 5.62 -18.53 58.12
N GLU B 287 6.27 -17.69 58.92
CA GLU B 287 6.36 -17.85 60.40
C GLU B 287 4.94 -17.89 60.99
N LYS B 288 4.06 -16.98 60.57
CA LYS B 288 2.70 -16.80 61.13
C LYS B 288 1.73 -17.88 60.64
N ASN B 289 2.01 -18.58 59.52
CA ASN B 289 1.03 -19.47 58.85
C ASN B 289 1.58 -20.90 58.67
N GLY B 290 2.90 -21.10 58.71
CA GLY B 290 3.51 -22.39 58.34
C GLY B 290 4.43 -22.94 59.40
N GLY B 291 4.68 -22.21 60.50
CA GLY B 291 5.79 -22.55 61.42
C GLY B 291 5.47 -22.28 62.88
N PRO B 292 6.36 -22.71 63.79
CA PRO B 292 6.30 -22.30 65.20
C PRO B 292 6.18 -20.78 65.36
N MET C 1 -18.28 46.76 17.61
CA MET C 1 -18.77 45.66 16.77
C MET C 1 -17.63 44.70 16.43
N LYS C 2 -17.98 43.42 16.16
CA LYS C 2 -17.08 42.43 15.53
C LYS C 2 -17.45 42.34 14.05
N ILE C 3 -16.53 42.70 13.16
CA ILE C 3 -16.78 42.84 11.69
C ILE C 3 -15.82 41.91 10.94
N ALA C 4 -16.38 41.01 10.14
CA ALA C 4 -15.64 40.15 9.19
C ALA C 4 -15.45 40.95 7.88
N VAL C 5 -14.24 40.87 7.31
CA VAL C 5 -13.93 41.35 5.94
C VAL C 5 -13.60 40.12 5.09
N LEU C 6 -14.51 39.73 4.19
CA LEU C 6 -14.27 38.64 3.22
C LEU C 6 -13.33 39.17 2.14
N SER C 7 -12.04 38.86 2.27
CA SER C 7 -10.97 39.28 1.35
C SER C 7 -9.91 38.17 1.28
N ARG C 8 -9.43 37.85 0.08
CA ARG C 8 -8.46 36.76 -0.16
C ARG C 8 -7.05 37.22 0.23
N ASN C 9 -6.85 38.53 0.40
CA ASN C 9 -5.51 39.11 0.67
C ASN C 9 -5.64 40.28 1.64
N PRO C 10 -5.20 40.13 2.91
CA PRO C 10 -5.27 41.20 3.89
C PRO C 10 -4.27 42.35 3.68
N ARG C 11 -3.33 42.21 2.73
CA ARG C 11 -2.29 43.24 2.43
C ARG C 11 -2.82 44.24 1.39
N LEU C 12 -3.91 43.92 0.68
CA LEU C 12 -4.52 44.80 -0.35
C LEU C 12 -4.93 46.14 0.29
N TYR C 13 -4.71 47.25 -0.41
CA TYR C 13 -4.98 48.63 0.08
C TYR C 13 -6.35 48.71 0.75
N SER C 14 -7.41 48.28 0.04
CA SER C 14 -8.82 48.44 0.46
C SER C 14 -9.11 47.63 1.72
N THR C 15 -8.60 46.41 1.79
CA THR C 15 -8.80 45.50 2.96
C THR C 15 -8.02 46.07 4.16
N ARG C 16 -6.75 46.44 3.98
CA ARG C 16 -5.90 47.08 5.03
C ARG C 16 -6.64 48.29 5.60
N ARG C 17 -7.13 49.19 4.73
CA ARG C 17 -7.77 50.47 5.11
C ARG C 17 -9.07 50.21 5.89
N LEU C 18 -9.90 49.26 5.44
CA LEU C 18 -11.16 48.89 6.14
C LEU C 18 -10.82 48.38 7.53
N VAL C 19 -9.79 47.55 7.67
CA VAL C 19 -9.29 47.00 8.96
C VAL C 19 -8.80 48.16 9.83
N GLU C 20 -7.97 49.05 9.27
CA GLU C 20 -7.39 50.24 9.96
C GLU C 20 -8.53 51.10 10.50
N ALA C 21 -9.48 51.49 9.64
CA ALA C 21 -10.60 52.41 9.96
C ALA C 21 -11.49 51.80 11.05
N GLY C 22 -11.77 50.50 10.95
CA GLY C 22 -12.57 49.77 11.95
C GLY C 22 -11.94 49.81 13.31
N ARG C 23 -10.62 49.66 13.39
CA ARG C 23 -9.85 49.58 14.65
C ARG C 23 -9.72 50.97 15.28
N GLU C 24 -9.49 52.01 14.48
CA GLU C 24 -9.53 53.44 14.92
C GLU C 24 -10.82 53.70 15.71
N ARG C 25 -11.92 53.05 15.32
CA ARG C 25 -13.29 53.34 15.81
C ARG C 25 -13.74 52.26 16.81
N GLY C 26 -12.81 51.45 17.31
CA GLY C 26 -12.99 50.58 18.48
C GLY C 26 -13.62 49.24 18.15
N HIS C 27 -13.63 48.85 16.87
CA HIS C 27 -14.23 47.58 16.38
C HIS C 27 -13.17 46.48 16.30
N GLU C 28 -13.58 45.23 16.51
CA GLU C 28 -12.75 44.02 16.24
C GLU C 28 -12.92 43.65 14.76
N MET C 29 -11.87 43.87 13.97
CA MET C 29 -11.85 43.62 12.51
C MET C 29 -11.08 42.34 12.24
N VAL C 30 -11.74 41.34 11.64
CA VAL C 30 -11.16 40.01 11.32
C VAL C 30 -11.24 39.79 9.81
N VAL C 31 -10.10 39.62 9.15
CA VAL C 31 -10.03 39.30 7.70
C VAL C 31 -10.21 37.79 7.53
N ILE C 32 -11.29 37.38 6.84
CA ILE C 32 -11.63 35.97 6.53
C ILE C 32 -11.32 35.72 5.05
N ASP C 33 -10.33 34.86 4.75
CA ASP C 33 -10.05 34.40 3.36
C ASP C 33 -11.26 33.57 2.91
N THR C 34 -12.09 34.17 2.05
CA THR C 34 -13.39 33.63 1.59
C THR C 34 -13.28 32.13 1.26
N LEU C 35 -12.22 31.70 0.59
CA LEU C 35 -12.11 30.33 0.02
C LEU C 35 -11.72 29.32 1.11
N ARG C 36 -11.28 29.79 2.28
CA ARG C 36 -10.77 28.95 3.40
C ARG C 36 -11.90 28.76 4.43
N ALA C 37 -13.02 29.45 4.25
CA ALA C 37 -14.28 29.20 4.98
C ALA C 37 -14.97 27.98 4.36
N TYR C 38 -15.43 27.05 5.19
CA TYR C 38 -16.23 25.86 4.80
C TYR C 38 -17.41 25.75 5.77
N MET C 39 -18.49 25.10 5.35
CA MET C 39 -19.81 25.25 6.01
C MET C 39 -20.62 23.97 5.91
N ASN C 40 -21.42 23.74 6.95
CA ASN C 40 -22.57 22.81 6.98
C ASN C 40 -23.80 23.63 6.59
N ILE C 41 -24.60 23.17 5.63
CA ILE C 41 -25.90 23.80 5.28
C ILE C 41 -27.05 23.14 6.07
N ALA C 42 -27.58 23.85 7.06
CA ALA C 42 -28.67 23.37 7.96
C ALA C 42 -29.30 24.60 8.63
N SER C 43 -30.64 24.68 8.62
CA SER C 43 -31.43 25.83 9.14
C SER C 43 -31.29 25.95 10.66
N HIS C 44 -31.18 24.82 11.39
CA HIS C 44 -31.04 24.80 12.88
C HIS C 44 -29.56 25.00 13.25
N LYS C 45 -29.25 26.13 13.90
CA LYS C 45 -27.88 26.51 14.34
C LYS C 45 -26.93 26.49 13.13
N PRO C 46 -27.13 27.41 12.14
CA PRO C 46 -26.25 27.49 10.97
C PRO C 46 -24.86 28.02 11.37
N GLN C 47 -23.80 27.36 10.88
CA GLN C 47 -22.39 27.72 11.26
C GLN C 47 -21.47 27.76 10.03
N ILE C 48 -20.41 28.57 10.14
CA ILE C 48 -19.26 28.67 9.21
C ILE C 48 -17.99 28.32 9.99
N HIS C 49 -17.23 27.35 9.49
CA HIS C 49 -15.92 26.96 10.09
C HIS C 49 -14.80 27.62 9.30
N TYR C 50 -13.68 27.88 9.98
CA TYR C 50 -12.49 28.57 9.44
C TYR C 50 -11.27 28.12 10.24
N ARG C 51 -10.32 27.43 9.59
CA ARG C 51 -9.09 26.93 10.23
C ARG C 51 -9.46 26.12 11.49
N GLY C 52 -10.42 25.21 11.37
CA GLY C 52 -10.75 24.18 12.39
C GLY C 52 -11.77 24.65 13.42
N GLN C 53 -12.11 25.95 13.45
CA GLN C 53 -12.97 26.54 14.52
C GLN C 53 -14.21 27.18 13.88
N PRO C 54 -15.35 27.23 14.60
CA PRO C 54 -16.50 28.01 14.15
C PRO C 54 -16.25 29.52 14.25
N LEU C 55 -16.89 30.29 13.37
CA LEU C 55 -16.92 31.78 13.41
C LEU C 55 -18.17 32.22 14.19
N GLU C 56 -17.98 32.90 15.32
CA GLU C 56 -19.05 33.23 16.30
C GLU C 56 -18.93 34.70 16.72
N GLY C 57 -20.06 35.30 17.07
CA GLY C 57 -20.16 36.66 17.64
C GLY C 57 -19.89 37.76 16.63
N PHE C 58 -19.99 37.50 15.33
CA PHE C 58 -19.86 38.53 14.27
C PHE C 58 -21.16 39.34 14.21
N ASP C 59 -21.04 40.67 14.20
CA ASP C 59 -22.19 41.60 14.09
C ASP C 59 -22.44 41.92 12.63
N ALA C 60 -21.39 42.13 11.84
CA ALA C 60 -21.48 42.54 10.42
C ALA C 60 -20.37 41.87 9.60
N VAL C 61 -20.54 41.87 8.28
CA VAL C 61 -19.54 41.35 7.32
C VAL C 61 -19.46 42.33 6.12
N ILE C 62 -18.23 42.66 5.73
CA ILE C 62 -17.91 43.47 4.52
C ILE C 62 -17.43 42.49 3.44
N PRO C 63 -18.26 42.17 2.43
CA PRO C 63 -17.85 41.30 1.33
C PRO C 63 -16.96 42.07 0.33
N ARG C 64 -15.74 41.58 0.13
CA ARG C 64 -14.81 42.01 -0.96
C ARG C 64 -14.60 40.80 -1.85
N ILE C 65 -15.67 40.29 -2.44
CA ILE C 65 -15.67 39.03 -3.23
C ILE C 65 -15.20 39.35 -4.66
N GLY C 66 -14.01 38.89 -5.05
CA GLY C 66 -13.51 38.99 -6.43
C GLY C 66 -14.44 38.30 -7.41
N ALA C 67 -14.52 38.79 -8.66
CA ALA C 67 -15.46 38.33 -9.71
C ALA C 67 -15.24 36.85 -10.05
N SER C 68 -14.00 36.35 -9.99
CA SER C 68 -13.66 34.95 -10.33
C SER C 68 -14.26 33.97 -9.30
N VAL C 69 -14.62 34.42 -8.10
CA VAL C 69 -15.10 33.55 -6.99
C VAL C 69 -16.49 34.01 -6.51
N THR C 70 -17.30 34.54 -7.42
CA THR C 70 -18.63 35.12 -7.11
C THR C 70 -19.54 34.06 -6.47
N PHE C 71 -19.62 32.87 -7.07
CA PHE C 71 -20.54 31.80 -6.63
C PHE C 71 -20.18 31.36 -5.21
N TYR C 72 -18.91 31.06 -4.94
CA TYR C 72 -18.48 30.54 -3.62
C TYR C 72 -18.56 31.66 -2.59
N GLY C 73 -18.10 32.87 -2.95
CA GLY C 73 -18.14 34.05 -2.08
C GLY C 73 -19.55 34.37 -1.66
N CYS C 74 -20.52 34.28 -2.58
CA CYS C 74 -21.95 34.56 -2.31
C CYS C 74 -22.52 33.46 -1.39
N ALA C 75 -22.05 32.22 -1.50
CA ALA C 75 -22.47 31.10 -0.63
C ALA C 75 -22.01 31.38 0.81
N VAL C 76 -20.77 31.84 1.00
CA VAL C 76 -20.20 32.17 2.34
C VAL C 76 -20.97 33.37 2.90
N LEU C 77 -21.24 34.39 2.07
CA LEU C 77 -21.97 35.62 2.50
C LEU C 77 -23.41 35.25 2.89
N ARG C 78 -24.08 34.46 2.06
CA ARG C 78 -25.46 33.98 2.27
C ARG C 78 -25.56 33.27 3.63
N GLN C 79 -24.53 32.49 3.98
CA GLN C 79 -24.46 31.73 5.24
C GLN C 79 -24.39 32.73 6.41
N PHE C 80 -23.51 33.73 6.34
CA PHE C 80 -23.42 34.84 7.32
C PHE C 80 -24.80 35.48 7.49
N GLU C 81 -25.48 35.75 6.38
CA GLU C 81 -26.82 36.39 6.38
C GLU C 81 -27.80 35.50 7.14
N MET C 82 -27.85 34.20 6.84
CA MET C 82 -28.76 33.22 7.49
C MET C 82 -28.46 33.16 9.00
N MET C 83 -27.23 33.43 9.43
CA MET C 83 -26.82 33.41 10.86
C MET C 83 -27.12 34.76 11.53
N GLY C 84 -27.79 35.69 10.84
CA GLY C 84 -28.22 36.99 11.39
C GLY C 84 -27.12 38.04 11.36
N VAL C 85 -25.98 37.79 10.69
CA VAL C 85 -24.88 38.79 10.54
C VAL C 85 -25.31 39.80 9.47
N PHE C 86 -25.08 41.10 9.74
CA PHE C 86 -25.50 42.20 8.84
C PHE C 86 -24.48 42.34 7.70
N PRO C 87 -24.91 42.15 6.43
CA PRO C 87 -24.02 42.30 5.28
C PRO C 87 -24.00 43.76 4.79
N LEU C 88 -22.81 44.33 4.56
CA LEU C 88 -22.67 45.70 4.00
C LEU C 88 -23.47 45.74 2.70
N ASN C 89 -23.29 44.71 1.85
CA ASN C 89 -24.07 44.47 0.61
C ASN C 89 -24.63 43.06 0.67
N GLU C 90 -25.89 42.87 0.28
CA GLU C 90 -26.57 41.55 0.26
C GLU C 90 -26.01 40.67 -0.85
N SER C 91 -25.94 39.37 -0.58
CA SER C 91 -25.51 38.30 -1.50
C SER C 91 -26.28 38.38 -2.83
N VAL C 92 -27.61 38.52 -2.79
CA VAL C 92 -28.47 38.53 -4.02
C VAL C 92 -28.08 39.73 -4.89
N ALA C 93 -27.77 40.87 -4.27
CA ALA C 93 -27.42 42.13 -4.97
C ALA C 93 -26.02 41.98 -5.61
N ILE C 94 -25.05 41.38 -4.92
CA ILE C 94 -23.68 41.16 -5.43
C ILE C 94 -23.74 40.22 -6.63
N ALA C 95 -24.45 39.10 -6.51
CA ALA C 95 -24.63 38.10 -7.60
C ALA C 95 -25.25 38.81 -8.81
N ARG C 96 -26.31 39.59 -8.59
CA ARG C 96 -27.04 40.32 -9.67
C ARG C 96 -26.06 41.26 -10.39
N SER C 97 -25.27 42.04 -9.64
CA SER C 97 -24.38 43.09 -10.21
C SER C 97 -23.22 42.44 -11.00
N ARG C 98 -22.85 41.20 -10.70
CA ARG C 98 -21.72 40.49 -11.35
C ARG C 98 -22.15 39.86 -12.68
N ASP C 99 -23.45 39.68 -12.88
CA ASP C 99 -24.07 39.24 -14.16
C ASP C 99 -24.31 40.49 -15.02
N LYS C 100 -23.34 40.87 -15.84
CA LYS C 100 -23.36 42.15 -16.60
C LYS C 100 -24.59 42.25 -17.49
N LEU C 101 -24.99 41.14 -18.13
CA LEU C 101 -26.16 41.11 -19.05
C LEU C 101 -27.43 41.43 -18.26
N ARG C 102 -27.60 40.77 -17.12
CA ARG C 102 -28.78 40.96 -16.22
C ARG C 102 -28.78 42.40 -15.67
N SER C 103 -27.62 42.91 -15.26
CA SER C 103 -27.48 44.29 -14.70
C SER C 103 -27.98 45.31 -15.72
N LEU C 104 -27.52 45.22 -16.97
CA LEU C 104 -27.88 46.19 -18.04
C LEU C 104 -29.39 46.12 -18.31
N GLN C 105 -29.94 44.91 -18.42
CA GLN C 105 -31.39 44.71 -18.69
C GLN C 105 -32.21 45.31 -17.54
N LEU C 106 -31.75 45.19 -16.29
CA LEU C 106 -32.47 45.75 -15.12
C LEU C 106 -32.40 47.28 -15.13
N LEU C 107 -31.19 47.85 -15.27
CA LEU C 107 -31.00 49.32 -15.32
C LEU C 107 -31.85 49.91 -16.47
N SER C 108 -31.86 49.26 -17.63
CA SER C 108 -32.63 49.67 -18.83
C SER C 108 -34.11 49.70 -18.48
N ARG C 109 -34.63 48.59 -17.95
CA ARG C 109 -36.06 48.44 -17.55
C ARG C 109 -36.47 49.55 -16.56
N LYS C 110 -35.56 50.01 -15.69
CA LYS C 110 -35.85 51.03 -14.64
C LYS C 110 -35.52 52.45 -15.14
N GLY C 111 -35.28 52.62 -16.44
CA GLY C 111 -35.08 53.94 -17.07
C GLY C 111 -33.79 54.65 -16.65
N ILE C 112 -32.77 53.90 -16.22
CA ILE C 112 -31.41 54.46 -15.96
C ILE C 112 -30.73 54.70 -17.31
N GLY C 113 -30.03 55.83 -17.44
CA GLY C 113 -29.28 56.16 -18.67
C GLY C 113 -28.19 55.13 -18.93
N LEU C 114 -28.17 54.56 -20.13
CA LEU C 114 -27.17 53.58 -20.59
C LEU C 114 -26.73 53.95 -21.99
N PRO C 115 -25.51 53.56 -22.40
CA PRO C 115 -25.14 53.59 -23.82
C PRO C 115 -26.09 52.63 -24.54
N VAL C 116 -26.47 52.94 -25.77
CA VAL C 116 -27.17 51.95 -26.65
C VAL C 116 -26.31 50.68 -26.62
N THR C 117 -26.91 49.54 -26.32
CA THR C 117 -26.20 48.28 -25.99
C THR C 117 -26.90 47.10 -26.67
N GLY C 118 -26.11 46.21 -27.27
CA GLY C 118 -26.60 44.94 -27.84
C GLY C 118 -25.88 43.75 -27.24
N PHE C 119 -26.55 42.61 -27.23
CA PHE C 119 -26.01 41.31 -26.80
C PHE C 119 -26.04 40.37 -28.00
N ALA C 120 -25.03 39.53 -28.11
CA ALA C 120 -24.94 38.48 -29.14
C ALA C 120 -24.06 37.35 -28.62
N HIS C 121 -24.19 36.18 -29.23
CA HIS C 121 -23.26 35.04 -29.02
C HIS C 121 -22.80 34.56 -30.40
N SER C 122 -23.72 33.96 -31.18
CA SER C 122 -23.50 33.42 -32.53
C SER C 122 -24.54 33.99 -33.49
N PRO C 123 -24.57 35.31 -33.71
CA PRO C 123 -25.51 35.92 -34.64
C PRO C 123 -25.21 35.52 -36.09
N ASP C 124 -26.24 35.24 -36.89
CA ASP C 124 -26.11 34.86 -38.33
C ASP C 124 -25.91 36.10 -39.19
N ASP C 125 -26.36 37.27 -38.70
CA ASP C 125 -26.36 38.55 -39.45
C ASP C 125 -25.63 39.62 -38.65
N VAL C 126 -24.30 39.67 -38.77
CA VAL C 126 -23.42 40.64 -38.05
C VAL C 126 -23.75 42.06 -38.49
N PRO C 127 -23.89 42.36 -39.80
CA PRO C 127 -24.25 43.71 -40.24
C PRO C 127 -25.55 44.22 -39.59
N ASP C 128 -26.54 43.34 -39.42
CA ASP C 128 -27.84 43.68 -38.76
C ASP C 128 -27.58 44.07 -37.31
N LEU C 129 -26.78 43.29 -36.58
CA LEU C 129 -26.39 43.56 -35.17
C LEU C 129 -25.74 44.94 -35.07
N ILE C 130 -24.79 45.22 -35.98
CA ILE C 130 -24.02 46.50 -35.98
C ILE C 130 -25.00 47.66 -36.24
N GLU C 131 -25.94 47.48 -37.16
CA GLU C 131 -26.94 48.51 -37.50
C GLU C 131 -27.87 48.76 -36.29
N MET C 132 -28.32 47.70 -35.64
CA MET C 132 -29.26 47.74 -34.48
C MET C 132 -28.76 48.72 -33.42
N VAL C 133 -27.45 48.72 -33.13
CA VAL C 133 -26.86 49.50 -32.01
C VAL C 133 -26.31 50.84 -32.53
N GLY C 134 -26.63 51.21 -33.77
CA GLY C 134 -26.38 52.56 -34.31
C GLY C 134 -25.09 52.63 -35.11
N GLY C 135 -24.49 51.48 -35.44
CA GLY C 135 -23.30 51.39 -36.29
C GLY C 135 -22.03 51.81 -35.57
N ALA C 136 -20.91 51.75 -36.30
CA ALA C 136 -19.59 52.19 -35.83
C ALA C 136 -19.59 53.71 -35.64
N PRO C 137 -18.75 54.26 -34.73
CA PRO C 137 -17.85 53.47 -33.91
C PRO C 137 -18.58 52.80 -32.75
N LEU C 138 -18.16 51.60 -32.35
CA LEU C 138 -18.74 50.92 -31.17
C LEU C 138 -17.65 50.16 -30.42
N VAL C 139 -17.93 49.90 -29.14
CA VAL C 139 -17.02 49.20 -28.18
C VAL C 139 -17.55 47.78 -28.03
N ILE C 140 -16.69 46.79 -28.21
CA ILE C 140 -17.08 45.36 -28.18
C ILE C 140 -16.40 44.70 -26.99
N LYS C 141 -17.20 44.17 -26.06
CA LYS C 141 -16.77 43.53 -24.81
C LYS C 141 -17.06 42.03 -24.93
N LEU C 142 -16.12 41.22 -24.46
CA LEU C 142 -16.21 39.75 -24.33
C LEU C 142 -16.49 39.43 -22.84
N LEU C 143 -17.55 38.67 -22.56
CA LEU C 143 -17.94 38.20 -21.21
C LEU C 143 -17.84 36.68 -21.14
N GLU C 144 -17.26 36.14 -20.07
CA GLU C 144 -17.31 34.69 -19.72
C GLU C 144 -17.93 34.59 -18.32
N GLY C 145 -19.20 34.16 -18.23
CA GLY C 145 -19.95 34.12 -16.97
C GLY C 145 -19.95 35.48 -16.29
N THR C 146 -19.35 35.57 -15.10
CA THR C 146 -19.38 36.76 -14.19
C THR C 146 -18.11 37.61 -14.35
N GLN C 147 -17.37 37.48 -15.46
CA GLN C 147 -16.06 38.15 -15.70
C GLN C 147 -16.01 38.77 -17.10
N GLY C 148 -15.54 40.03 -17.19
CA GLY C 148 -15.17 40.69 -18.46
C GLY C 148 -13.78 40.24 -18.89
N ILE C 149 -13.65 39.78 -20.14
CA ILE C 149 -12.43 39.11 -20.68
C ILE C 149 -11.62 40.10 -21.53
N GLY C 150 -12.29 40.98 -22.28
CA GLY C 150 -11.64 41.81 -23.32
C GLY C 150 -12.50 42.99 -23.74
N VAL C 151 -11.89 44.09 -24.21
CA VAL C 151 -12.60 45.35 -24.61
C VAL C 151 -11.89 45.91 -25.84
N VAL C 152 -12.62 46.21 -26.90
CA VAL C 152 -12.06 46.66 -28.20
C VAL C 152 -12.85 47.86 -28.73
N LEU C 153 -12.17 48.93 -29.11
CA LEU C 153 -12.78 50.05 -29.88
C LEU C 153 -12.71 49.70 -31.37
N CYS C 154 -13.87 49.63 -32.03
CA CYS C 154 -14.00 49.39 -33.48
C CYS C 154 -14.49 50.68 -34.15
N GLU C 155 -13.59 51.39 -34.81
CA GLU C 155 -13.82 52.77 -35.33
C GLU C 155 -14.69 52.73 -36.58
N THR C 156 -14.69 51.63 -37.34
CA THR C 156 -15.37 51.49 -38.66
C THR C 156 -16.25 50.24 -38.68
N GLU C 157 -17.24 50.19 -39.58
CA GLU C 157 -18.13 49.02 -39.79
C GLU C 157 -17.29 47.75 -40.04
N LYS C 158 -16.24 47.86 -40.86
CA LYS C 158 -15.42 46.70 -41.28
C LYS C 158 -14.62 46.17 -40.07
N ALA C 159 -14.16 47.08 -39.18
CA ALA C 159 -13.43 46.71 -37.95
C ALA C 159 -14.39 45.97 -36.99
N ALA C 160 -15.61 46.47 -36.83
CA ALA C 160 -16.67 45.80 -36.04
C ALA C 160 -16.97 44.43 -36.63
N GLU C 161 -17.10 44.32 -37.95
CA GLU C 161 -17.41 43.03 -38.64
C GLU C 161 -16.31 42.01 -38.29
N SER C 162 -15.04 42.43 -38.35
CA SER C 162 -13.86 41.57 -38.18
C SER C 162 -13.75 41.11 -36.72
N VAL C 163 -13.88 42.02 -35.77
CA VAL C 163 -13.82 41.72 -34.31
C VAL C 163 -14.94 40.76 -33.94
N LEU C 164 -16.17 40.98 -34.42
CA LEU C 164 -17.33 40.10 -34.09
C LEU C 164 -17.12 38.71 -34.69
N GLU C 165 -16.63 38.63 -35.93
CA GLU C 165 -16.33 37.33 -36.59
C GLU C 165 -15.24 36.60 -35.78
N ALA C 166 -14.22 37.33 -35.33
CA ALA C 166 -13.09 36.78 -34.56
C ALA C 166 -13.59 36.22 -33.22
N PHE C 167 -14.41 36.98 -32.51
CA PHE C 167 -14.89 36.65 -31.14
C PHE C 167 -15.98 35.58 -31.18
N MET C 168 -16.65 35.41 -32.32
CA MET C 168 -17.69 34.37 -32.48
C MET C 168 -17.06 32.99 -32.41
N GLY C 169 -15.76 32.84 -32.70
CA GLY C 169 -15.02 31.58 -32.60
C GLY C 169 -14.57 31.27 -31.17
N LEU C 170 -14.71 32.21 -30.25
CA LEU C 170 -14.31 32.02 -28.82
C LEU C 170 -15.47 31.47 -27.98
N LYS C 171 -16.69 31.43 -28.53
CA LYS C 171 -17.88 30.90 -27.83
C LYS C 171 -18.08 31.57 -26.46
N HIS C 172 -17.82 32.88 -26.37
CA HIS C 172 -18.08 33.74 -25.18
C HIS C 172 -19.31 34.61 -25.46
N ASN C 173 -19.82 35.32 -24.46
CA ASN C 173 -20.96 36.26 -24.63
C ASN C 173 -20.40 37.60 -25.08
N ILE C 174 -21.06 38.27 -26.03
CA ILE C 174 -20.56 39.51 -26.68
C ILE C 174 -21.51 40.66 -26.36
N MET C 175 -20.95 41.73 -25.82
CA MET C 175 -21.61 43.04 -25.63
C MET C 175 -21.12 43.99 -26.72
N VAL C 176 -22.04 44.68 -27.39
CA VAL C 176 -21.75 45.77 -28.36
C VAL C 176 -22.37 47.05 -27.80
N GLN C 177 -21.57 48.11 -27.63
CA GLN C 177 -22.04 49.43 -27.12
C GLN C 177 -21.63 50.56 -28.07
N GLU C 178 -22.51 51.54 -28.24
CA GLU C 178 -22.13 52.82 -28.89
C GLU C 178 -20.92 53.37 -28.12
N TYR C 179 -19.92 53.87 -28.85
CA TYR C 179 -18.75 54.59 -28.33
C TYR C 179 -19.20 56.03 -28.04
N ILE C 180 -19.09 56.44 -26.78
CA ILE C 180 -19.38 57.82 -26.32
C ILE C 180 -18.11 58.66 -26.52
N LYS C 181 -17.87 59.10 -27.75
CA LYS C 181 -16.67 59.89 -28.11
C LYS C 181 -16.71 61.25 -27.41
N GLU C 182 -17.90 61.82 -27.18
CA GLU C 182 -18.07 63.20 -26.66
C GLU C 182 -17.56 63.31 -25.23
N ALA C 183 -17.36 62.18 -24.53
CA ALA C 183 -16.78 62.13 -23.17
C ALA C 183 -15.27 62.43 -23.22
N GLY C 184 -14.65 62.38 -24.39
CA GLY C 184 -13.21 62.66 -24.61
C GLY C 184 -12.33 61.78 -23.74
N GLY C 185 -12.67 60.50 -23.56
CA GLY C 185 -11.87 59.52 -22.81
C GLY C 185 -11.93 59.70 -21.30
N ALA C 186 -12.84 60.55 -20.81
CA ALA C 186 -13.08 60.79 -19.36
C ALA C 186 -14.34 60.03 -18.92
N ASP C 187 -14.35 59.58 -17.66
CA ASP C 187 -15.55 59.04 -16.97
C ASP C 187 -15.56 59.56 -15.54
N ILE C 188 -16.71 59.51 -14.89
CA ILE C 188 -16.89 59.91 -13.46
C ILE C 188 -17.06 58.62 -12.65
N ARG C 189 -16.22 58.40 -11.63
CA ARG C 189 -16.46 57.34 -10.62
C ARG C 189 -17.13 57.99 -9.41
N CYS C 190 -18.39 57.61 -9.15
CA CYS C 190 -19.19 58.07 -7.99
C CYS C 190 -19.19 56.94 -6.95
N PHE C 191 -18.66 57.22 -5.76
CA PHE C 191 -18.65 56.28 -4.63
C PHE C 191 -19.94 56.51 -3.83
N VAL C 192 -20.87 55.56 -3.95
CA VAL C 192 -22.22 55.60 -3.31
C VAL C 192 -22.19 54.80 -2.01
N VAL C 193 -22.63 55.41 -0.90
CA VAL C 193 -22.86 54.76 0.43
C VAL C 193 -24.23 55.23 0.93
N GLY C 194 -25.13 54.28 1.16
CA GLY C 194 -26.51 54.53 1.63
C GLY C 194 -27.25 55.70 1.01
N ASP C 195 -27.48 55.68 -0.30
CA ASP C 195 -28.33 56.65 -1.04
C ASP C 195 -27.75 58.08 -1.04
N LYS C 196 -26.43 58.17 -0.92
CA LYS C 196 -25.61 59.39 -1.05
C LYS C 196 -24.34 59.08 -1.86
N VAL C 197 -23.96 59.98 -2.77
CA VAL C 197 -22.58 59.99 -3.36
C VAL C 197 -21.68 60.72 -2.35
N ILE C 198 -20.78 59.99 -1.69
CA ILE C 198 -19.92 60.52 -0.58
C ILE C 198 -18.60 61.04 -1.16
N ALA C 199 -18.29 60.69 -2.41
CA ALA C 199 -17.02 61.05 -3.08
C ALA C 199 -17.13 60.72 -4.57
N SER C 200 -16.42 61.48 -5.40
CA SER C 200 -16.36 61.30 -6.86
C SER C 200 -15.01 61.79 -7.38
N MET C 201 -14.64 61.30 -8.56
CA MET C 201 -13.38 61.67 -9.26
C MET C 201 -13.61 61.54 -10.76
N LYS C 202 -12.89 62.34 -11.55
CA LYS C 202 -12.81 62.23 -13.03
C LYS C 202 -11.58 61.37 -13.34
N ARG C 203 -11.75 60.32 -14.13
CA ARG C 203 -10.65 59.48 -14.64
C ARG C 203 -10.48 59.80 -16.14
N GLN C 204 -9.27 60.23 -16.53
CA GLN C 204 -8.92 60.59 -17.92
C GLN C 204 -7.97 59.53 -18.46
N ALA C 205 -8.31 58.88 -19.57
CA ALA C 205 -7.46 57.91 -20.30
C ALA C 205 -6.27 58.66 -20.90
N ALA C 206 -5.09 58.01 -20.92
CA ALA C 206 -3.86 58.53 -21.56
C ALA C 206 -4.17 58.81 -23.03
N PRO C 207 -3.51 59.81 -23.68
CA PRO C 207 -3.81 60.13 -25.08
C PRO C 207 -3.67 58.87 -25.95
N GLY C 208 -4.66 58.61 -26.82
CA GLY C 208 -4.75 57.38 -27.63
C GLY C 208 -5.67 56.35 -26.99
N GLU C 209 -5.22 55.69 -25.92
CA GLU C 209 -6.01 54.71 -25.13
C GLU C 209 -7.38 55.34 -24.82
N PHE C 210 -8.46 54.62 -25.12
CA PHE C 210 -9.87 55.03 -24.88
C PHE C 210 -10.33 54.50 -23.50
N ARG C 211 -9.77 53.37 -23.06
CA ARG C 211 -10.04 52.77 -21.72
C ARG C 211 -9.31 53.61 -20.66
N SER C 212 -10.02 54.12 -19.66
CA SER C 212 -9.47 55.02 -18.59
C SER C 212 -8.05 54.55 -18.19
N GLY C 218 -3.58 55.98 -16.94
CA GLY C 218 -4.55 57.11 -17.00
C GLY C 218 -4.61 57.86 -15.69
N SER C 219 -4.87 59.18 -15.74
CA SER C 219 -4.82 60.12 -14.60
C SER C 219 -6.22 60.34 -14.01
N ALA C 220 -6.28 60.75 -12.75
CA ALA C 220 -7.50 61.05 -11.96
C ALA C 220 -7.43 62.50 -11.43
N SER C 221 -8.59 63.14 -11.27
CA SER C 221 -8.73 64.53 -10.76
C SER C 221 -10.06 64.69 -10.01
N LEU C 222 -10.15 65.73 -9.18
CA LEU C 222 -11.38 66.17 -8.49
C LEU C 222 -12.40 66.63 -9.54
N ILE C 223 -13.70 66.51 -9.22
CA ILE C 223 -14.81 66.88 -10.14
C ILE C 223 -16.02 67.30 -9.31
N LYS C 224 -16.74 68.35 -9.74
CA LYS C 224 -18.07 68.73 -9.23
C LYS C 224 -19.11 68.06 -10.13
N ILE C 225 -19.82 67.04 -9.63
CA ILE C 225 -20.85 66.29 -10.41
C ILE C 225 -22.14 67.11 -10.43
N THR C 226 -22.93 66.99 -11.50
CA THR C 226 -24.24 67.67 -11.67
C THR C 226 -25.24 66.96 -10.76
N PRO C 227 -26.31 67.66 -10.31
CA PRO C 227 -27.41 66.99 -9.61
C PRO C 227 -27.97 65.78 -10.38
N GLU C 228 -27.97 65.79 -11.70
CA GLU C 228 -28.51 64.65 -12.50
C GLU C 228 -27.56 63.44 -12.39
N GLU C 229 -26.24 63.68 -12.41
CA GLU C 229 -25.20 62.61 -12.26
C GLU C 229 -25.31 61.97 -10.88
N ARG C 230 -25.40 62.82 -9.85
CA ARG C 230 -25.58 62.44 -8.43
C ARG C 230 -26.80 61.53 -8.30
N MET C 231 -27.96 61.94 -8.82
CA MET C 231 -29.23 61.16 -8.75
C MET C 231 -29.06 59.84 -9.52
N THR C 232 -28.44 59.87 -10.69
CA THR C 232 -28.22 58.66 -11.54
C THR C 232 -27.39 57.62 -10.76
N ALA C 233 -26.28 58.06 -10.16
CA ALA C 233 -25.39 57.18 -9.37
C ALA C 233 -26.17 56.53 -8.22
N ILE C 234 -26.93 57.33 -7.46
CA ILE C 234 -27.74 56.87 -6.29
C ILE C 234 -28.79 55.87 -6.78
N ARG C 235 -29.52 56.18 -7.86
CA ARG C 235 -30.61 55.34 -8.39
C ARG C 235 -30.06 54.00 -8.88
N ALA C 236 -28.92 54.02 -9.59
CA ALA C 236 -28.26 52.81 -10.14
C ALA C 236 -27.97 51.84 -8.98
N ALA C 237 -27.37 52.35 -7.89
CA ALA C 237 -27.06 51.56 -6.68
C ALA C 237 -28.35 50.98 -6.08
N ARG C 238 -29.39 51.81 -5.92
CA ARG C 238 -30.66 51.41 -5.28
C ARG C 238 -31.34 50.34 -6.14
N VAL C 239 -31.35 50.52 -7.46
CA VAL C 239 -31.96 49.57 -8.42
C VAL C 239 -31.25 48.21 -8.33
N MET C 240 -29.91 48.22 -8.21
CA MET C 240 -29.08 46.99 -8.05
C MET C 240 -29.29 46.35 -6.68
N GLY C 241 -29.81 47.11 -5.70
CA GLY C 241 -30.04 46.64 -4.32
C GLY C 241 -28.78 46.68 -3.49
N LEU C 242 -27.84 47.58 -3.83
CA LEU C 242 -26.51 47.72 -3.18
C LEU C 242 -26.51 48.96 -2.28
N ASN C 243 -26.00 48.82 -1.06
CA ASN C 243 -25.83 49.93 -0.09
C ASN C 243 -24.51 50.65 -0.36
N VAL C 244 -23.49 49.91 -0.80
CA VAL C 244 -22.16 50.47 -1.17
C VAL C 244 -21.84 50.03 -2.59
N ALA C 245 -21.57 50.99 -3.48
CA ALA C 245 -21.31 50.73 -4.91
C ALA C 245 -20.41 51.82 -5.49
N GLY C 246 -19.48 51.43 -6.35
CA GLY C 246 -18.81 52.31 -7.32
C GLY C 246 -19.64 52.35 -8.59
N VAL C 247 -20.10 53.53 -8.98
CA VAL C 247 -20.89 53.74 -10.23
C VAL C 247 -20.03 54.60 -11.15
N ASP C 248 -19.76 54.09 -12.35
CA ASP C 248 -18.98 54.77 -13.41
C ASP C 248 -19.98 55.42 -14.36
N ILE C 249 -19.82 56.70 -14.66
CA ILE C 249 -20.76 57.49 -15.50
C ILE C 249 -19.99 58.19 -16.62
N LEU C 250 -20.53 58.15 -17.84
CA LEU C 250 -20.06 58.94 -19.00
C LEU C 250 -20.98 60.15 -19.18
N ARG C 251 -20.40 61.34 -19.33
CA ARG C 251 -21.12 62.57 -19.71
C ARG C 251 -21.35 62.54 -21.24
N SER C 252 -22.53 62.09 -21.66
CA SER C 252 -22.90 61.94 -23.08
C SER C 252 -23.81 63.10 -23.49
N ASN C 253 -24.07 63.23 -24.78
CA ASN C 253 -25.00 64.21 -25.38
C ASN C 253 -26.45 63.87 -25.03
N HIS C 254 -26.74 62.66 -24.54
CA HIS C 254 -28.07 62.24 -24.03
C HIS C 254 -28.08 62.16 -22.50
N GLY C 255 -27.20 62.91 -21.82
CA GLY C 255 -27.12 62.97 -20.35
C GLY C 255 -26.21 61.88 -19.80
N PRO C 256 -26.19 61.70 -18.46
CA PRO C 256 -25.28 60.76 -17.82
C PRO C 256 -25.67 59.31 -18.10
N LEU C 257 -24.70 58.50 -18.54
CA LEU C 257 -24.87 57.07 -18.87
C LEU C 257 -24.05 56.24 -17.88
N VAL C 258 -24.69 55.25 -17.25
CA VAL C 258 -24.02 54.31 -16.31
C VAL C 258 -23.27 53.28 -17.14
N MET C 259 -21.97 53.09 -16.87
CA MET C 259 -21.09 52.10 -17.55
C MET C 259 -20.96 50.84 -16.70
N GLU C 260 -20.82 51.02 -15.39
CA GLU C 260 -20.43 49.98 -14.44
C GLU C 260 -21.13 50.27 -13.10
N VAL C 261 -21.66 49.24 -12.47
CA VAL C 261 -22.05 49.25 -11.03
C VAL C 261 -21.26 48.14 -10.33
N ASN C 262 -20.26 48.51 -9.53
CA ASN C 262 -19.33 47.60 -8.84
C ASN C 262 -19.75 47.47 -7.37
N SER C 263 -19.98 46.25 -6.91
CA SER C 263 -20.38 45.88 -5.53
C SER C 263 -19.19 45.91 -4.57
N SER C 264 -17.97 45.98 -5.09
CA SER C 264 -16.71 45.91 -4.31
C SER C 264 -15.71 46.93 -4.86
N PRO C 265 -16.04 48.24 -4.80
CA PRO C 265 -15.20 49.27 -5.41
C PRO C 265 -13.88 49.46 -4.65
N GLY C 266 -12.80 49.74 -5.39
CA GLY C 266 -11.48 50.07 -4.81
C GLY C 266 -11.52 51.37 -4.04
N LEU C 267 -10.66 51.53 -3.04
CA LEU C 267 -10.58 52.77 -2.23
C LEU C 267 -9.35 53.60 -2.61
N GLU C 268 -8.32 53.00 -3.22
CA GLU C 268 -7.00 53.65 -3.44
C GLU C 268 -7.18 54.90 -4.31
N GLY C 269 -7.72 54.74 -5.53
CA GLY C 269 -7.92 55.85 -6.49
C GLY C 269 -8.68 57.00 -5.86
N ILE C 270 -9.86 56.71 -5.31
CA ILE C 270 -10.83 57.71 -4.80
C ILE C 270 -10.25 58.40 -3.56
N GLU C 271 -9.57 57.66 -2.67
CA GLU C 271 -9.03 58.22 -1.41
C GLU C 271 -7.82 59.14 -1.70
N SER C 272 -6.90 58.72 -2.57
CA SER C 272 -5.68 59.51 -2.89
C SER C 272 -6.04 60.80 -3.64
N THR C 273 -7.15 60.80 -4.40
CA THR C 273 -7.60 61.97 -5.20
C THR C 273 -8.40 62.94 -4.33
N THR C 274 -9.32 62.46 -3.50
CA THR C 274 -10.23 63.31 -2.66
C THR C 274 -9.63 63.61 -1.30
N GLY C 275 -8.80 62.70 -0.75
CA GLY C 275 -8.22 62.81 0.60
C GLY C 275 -9.21 62.44 1.69
N LYS C 276 -10.37 61.88 1.32
CA LYS C 276 -11.49 61.54 2.26
C LYS C 276 -11.25 60.16 2.88
N ASP C 277 -11.65 60.01 4.15
CA ASP C 277 -11.66 58.72 4.89
C ASP C 277 -12.87 57.90 4.43
N ILE C 278 -12.78 57.27 3.25
CA ILE C 278 -13.88 56.47 2.64
C ILE C 278 -14.10 55.21 3.48
N ALA C 279 -13.01 54.53 3.86
CA ALA C 279 -13.03 53.35 4.75
C ALA C 279 -13.83 53.68 6.01
N GLY C 280 -13.52 54.82 6.65
CA GLY C 280 -14.23 55.34 7.84
C GLY C 280 -15.72 55.50 7.59
N ILE C 281 -16.11 56.09 6.47
CA ILE C 281 -17.53 56.36 6.12
C ILE C 281 -18.28 55.03 5.98
N ILE C 282 -17.61 54.01 5.42
CA ILE C 282 -18.17 52.63 5.27
C ILE C 282 -18.39 52.03 6.67
N ILE C 283 -17.41 52.19 7.56
CA ILE C 283 -17.50 51.69 8.96
C ILE C 283 -18.69 52.40 9.63
N GLN C 284 -18.79 53.72 9.44
CA GLN C 284 -19.89 54.56 9.99
C GLN C 284 -21.23 53.99 9.52
N TYR C 285 -21.34 53.61 8.24
CA TYR C 285 -22.59 53.03 7.68
C TYR C 285 -22.99 51.79 8.49
N LEU C 286 -22.01 50.93 8.82
CA LEU C 286 -22.26 49.67 9.56
C LEU C 286 -22.72 49.99 10.99
N GLU C 287 -22.10 50.99 11.63
CA GLU C 287 -22.47 51.48 12.99
C GLU C 287 -23.94 51.89 13.01
N LYS C 288 -24.39 52.65 12.00
CA LYS C 288 -25.73 53.28 11.93
C LYS C 288 -26.81 52.24 11.56
N ASN C 289 -26.46 51.09 10.97
CA ASN C 289 -27.43 50.12 10.39
C ASN C 289 -27.18 48.73 10.99
N MET D 1 30.29 38.41 -28.13
CA MET D 1 29.05 37.93 -28.80
C MET D 1 27.87 38.85 -28.44
N LYS D 2 26.88 38.90 -29.33
CA LYS D 2 25.53 39.44 -29.04
C LYS D 2 24.59 38.26 -28.77
N ILE D 3 24.05 38.19 -27.55
CA ILE D 3 23.24 37.04 -27.05
C ILE D 3 21.85 37.52 -26.65
N ALA D 4 20.82 36.95 -27.26
CA ALA D 4 19.40 37.13 -26.88
C ALA D 4 19.06 36.15 -25.75
N VAL D 5 18.34 36.65 -24.74
CA VAL D 5 17.74 35.82 -23.66
C VAL D 5 16.22 35.92 -23.83
N LEU D 6 15.57 34.86 -24.31
CA LEU D 6 14.09 34.78 -24.42
C LEU D 6 13.54 34.54 -23.02
N SER D 7 13.08 35.60 -22.37
CA SER D 7 12.53 35.60 -20.98
C SER D 7 11.44 36.66 -20.90
N ARG D 8 10.32 36.36 -20.27
CA ARG D 8 9.16 37.29 -20.17
C ARG D 8 9.42 38.31 -19.07
N ASN D 9 10.42 38.07 -18.20
CA ASN D 9 10.69 38.92 -17.02
C ASN D 9 12.20 39.02 -16.79
N PRO D 10 12.82 40.19 -17.07
CA PRO D 10 14.26 40.37 -16.87
C PRO D 10 14.70 40.49 -15.40
N ARG D 11 13.76 40.56 -14.44
CA ARG D 11 14.03 40.71 -12.99
C ARG D 11 14.19 39.33 -12.34
N LEU D 12 13.77 38.25 -13.02
CA LEU D 12 13.88 36.85 -12.51
C LEU D 12 15.35 36.50 -12.23
N TYR D 13 15.64 35.80 -11.12
CA TYR D 13 17.01 35.44 -10.68
C TYR D 13 17.84 34.90 -11.87
N SER D 14 17.32 33.89 -12.56
CA SER D 14 18.06 33.13 -13.61
C SER D 14 18.34 34.04 -14.82
N THR D 15 17.38 34.86 -15.22
CA THR D 15 17.53 35.81 -16.35
C THR D 15 18.55 36.89 -15.98
N ARG D 16 18.40 37.50 -14.80
CA ARG D 16 19.34 38.52 -14.25
C ARG D 16 20.76 37.96 -14.29
N ARG D 17 20.96 36.76 -13.75
CA ARG D 17 22.29 36.10 -13.58
C ARG D 17 22.91 35.82 -14.96
N LEU D 18 22.13 35.31 -15.91
CA LEU D 18 22.62 35.04 -17.28
C LEU D 18 23.07 36.34 -17.93
N VAL D 19 22.30 37.43 -17.75
CA VAL D 19 22.63 38.79 -18.27
C VAL D 19 23.92 39.28 -17.58
N GLU D 20 23.98 39.17 -16.26
CA GLU D 20 25.15 39.57 -15.42
C GLU D 20 26.41 38.85 -15.92
N ALA D 21 26.36 37.52 -16.00
CA ALA D 21 27.49 36.63 -16.36
C ALA D 21 27.98 36.95 -17.78
N GLY D 22 27.04 37.15 -18.71
CA GLY D 22 27.34 37.51 -20.12
C GLY D 22 28.12 38.81 -20.20
N ARG D 23 27.73 39.80 -19.39
CA ARG D 23 28.31 41.17 -19.41
C ARG D 23 29.69 41.17 -18.75
N GLU D 24 29.87 40.44 -17.64
CA GLU D 24 31.19 40.19 -17.01
C GLU D 24 32.20 39.73 -18.07
N ARG D 25 31.75 38.95 -19.06
CA ARG D 25 32.61 38.25 -20.04
C ARG D 25 32.57 38.97 -21.39
N GLY D 26 32.10 40.21 -21.43
CA GLY D 26 32.29 41.16 -22.54
C GLY D 26 31.25 41.00 -23.64
N HIS D 27 30.14 40.32 -23.36
CA HIS D 27 29.05 40.05 -24.34
C HIS D 27 27.97 41.12 -24.21
N GLU D 28 27.31 41.44 -25.33
CA GLU D 28 26.07 42.27 -25.36
C GLU D 28 24.89 41.34 -25.11
N MET D 29 24.26 41.44 -23.93
CA MET D 29 23.13 40.60 -23.49
C MET D 29 21.83 41.41 -23.62
N VAL D 30 20.90 40.93 -24.44
CA VAL D 30 19.60 41.62 -24.72
C VAL D 30 18.48 40.66 -24.31
N VAL D 31 17.66 41.06 -23.35
CA VAL D 31 16.46 40.30 -22.91
C VAL D 31 15.31 40.61 -23.87
N ILE D 32 14.84 39.59 -24.58
CA ILE D 32 13.69 39.65 -25.54
C ILE D 32 12.48 39.00 -24.87
N ASP D 33 11.43 39.79 -24.58
CA ASP D 33 10.13 39.26 -24.11
C ASP D 33 9.53 38.44 -25.28
N THR D 34 9.59 37.12 -25.15
CA THR D 34 9.22 36.13 -26.20
C THR D 34 7.92 36.54 -26.90
N LEU D 35 6.89 36.99 -26.18
CA LEU D 35 5.53 37.21 -26.73
C LEU D 35 5.44 38.51 -27.52
N ARG D 36 6.44 39.39 -27.38
CA ARG D 36 6.45 40.74 -28.01
C ARG D 36 7.28 40.69 -29.30
N ALA D 37 7.95 39.56 -29.57
CA ALA D 37 8.57 39.26 -30.89
C ALA D 37 7.48 38.81 -31.86
N TYR D 38 7.49 39.35 -33.07
CA TYR D 38 6.58 38.98 -34.19
C TYR D 38 7.44 38.84 -35.46
N MET D 39 6.98 38.07 -36.44
CA MET D 39 7.87 37.54 -37.52
C MET D 39 7.13 37.38 -38.83
N ASN D 40 7.85 37.63 -39.92
CA ASN D 40 7.55 37.14 -41.28
C ASN D 40 8.33 35.83 -41.45
N ILE D 41 7.67 34.75 -41.87
CA ILE D 41 8.27 33.39 -41.91
C ILE D 41 8.84 33.05 -43.29
N ALA D 42 9.22 34.04 -44.09
CA ALA D 42 9.91 33.86 -45.39
C ALA D 42 11.29 33.25 -45.13
N SER D 43 11.62 32.18 -45.86
CA SER D 43 12.95 31.51 -45.85
C SER D 43 14.05 32.44 -46.40
N HIS D 44 13.74 33.31 -47.37
CA HIS D 44 14.73 33.89 -48.31
C HIS D 44 15.43 35.14 -47.75
N LYS D 45 14.94 35.70 -46.64
CA LYS D 45 15.54 36.87 -45.94
C LYS D 45 14.95 36.93 -44.53
N PRO D 46 15.20 35.90 -43.70
CA PRO D 46 14.38 35.65 -42.51
C PRO D 46 14.66 36.67 -41.41
N GLN D 47 13.62 37.26 -40.83
CA GLN D 47 13.72 38.37 -39.84
C GLN D 47 12.71 38.17 -38.72
N ILE D 48 13.06 38.69 -37.54
CA ILE D 48 12.24 38.82 -36.31
C ILE D 48 12.15 40.29 -35.96
N HIS D 49 10.94 40.83 -35.82
CA HIS D 49 10.71 42.24 -35.39
C HIS D 49 10.38 42.26 -33.90
N TYR D 50 10.72 43.36 -33.24
CA TYR D 50 10.57 43.56 -31.78
C TYR D 50 10.44 45.06 -31.53
N ARG D 51 9.28 45.51 -31.04
CA ARG D 51 9.02 46.94 -30.73
C ARG D 51 9.35 47.79 -31.97
N GLY D 52 8.87 47.38 -33.15
CA GLY D 52 8.88 48.18 -34.38
C GLY D 52 10.15 48.01 -35.21
N GLN D 53 11.19 47.35 -34.69
CA GLN D 53 12.52 47.25 -35.35
C GLN D 53 12.89 45.78 -35.57
N PRO D 54 13.67 45.45 -36.63
CA PRO D 54 14.24 44.11 -36.77
C PRO D 54 15.33 43.83 -35.73
N LEU D 55 15.47 42.56 -35.34
CA LEU D 55 16.58 42.06 -34.48
C LEU D 55 17.69 41.55 -35.40
N GLU D 56 18.88 42.16 -35.32
CA GLU D 56 20.02 41.93 -36.24
C GLU D 56 21.31 41.73 -35.44
N GLY D 57 22.23 40.94 -35.99
CA GLY D 57 23.59 40.75 -35.48
C GLY D 57 23.64 39.89 -34.22
N PHE D 58 22.62 39.08 -33.96
CA PHE D 58 22.62 38.12 -32.82
C PHE D 58 23.46 36.90 -33.19
N ASP D 59 24.38 36.51 -32.31
CA ASP D 59 25.27 35.34 -32.48
C ASP D 59 24.62 34.10 -31.87
N ALA D 60 23.99 34.25 -30.70
CA ALA D 60 23.39 33.13 -29.94
C ALA D 60 22.10 33.58 -29.25
N VAL D 61 21.30 32.61 -28.83
CA VAL D 61 20.03 32.85 -28.08
C VAL D 61 19.92 31.81 -26.96
N ILE D 62 19.60 32.28 -25.74
CA ILE D 62 19.30 31.45 -24.54
C ILE D 62 17.80 31.44 -24.36
N PRO D 63 17.11 30.33 -24.71
CA PRO D 63 15.66 30.21 -24.49
C PRO D 63 15.36 29.90 -23.02
N ARG D 64 14.59 30.77 -22.38
CA ARG D 64 13.98 30.57 -21.04
C ARG D 64 12.47 30.59 -21.25
N ILE D 65 11.95 29.68 -22.07
CA ILE D 65 10.54 29.69 -22.53
C ILE D 65 9.69 29.01 -21.46
N GLY D 66 8.80 29.77 -20.78
CA GLY D 66 7.85 29.23 -19.81
C GLY D 66 6.93 28.21 -20.46
N ALA D 67 6.49 27.17 -19.70
CA ALA D 67 5.72 26.02 -20.21
C ALA D 67 4.40 26.48 -20.84
N SER D 68 3.76 27.53 -20.33
CA SER D 68 2.45 28.05 -20.83
C SER D 68 2.57 28.60 -22.25
N VAL D 69 3.78 28.96 -22.71
CA VAL D 69 4.00 29.62 -24.04
C VAL D 69 5.00 28.81 -24.86
N THR D 70 4.99 27.48 -24.72
CA THR D 70 5.95 26.57 -25.39
C THR D 70 5.82 26.70 -26.92
N PHE D 71 4.60 26.66 -27.45
CA PHE D 71 4.35 26.69 -28.92
C PHE D 71 4.88 27.99 -29.52
N TYR D 72 4.53 29.14 -28.96
CA TYR D 72 4.93 30.45 -29.52
C TYR D 72 6.42 30.68 -29.29
N GLY D 73 6.92 30.35 -28.10
CA GLY D 73 8.34 30.45 -27.75
C GLY D 73 9.21 29.64 -28.70
N CYS D 74 8.77 28.44 -29.04
CA CYS D 74 9.50 27.52 -29.95
C CYS D 74 9.46 28.08 -31.38
N ALA D 75 8.38 28.77 -31.77
CA ALA D 75 8.26 29.44 -33.09
C ALA D 75 9.29 30.59 -33.19
N VAL D 76 9.44 31.38 -32.13
CA VAL D 76 10.41 32.51 -32.08
C VAL D 76 11.83 31.92 -32.11
N LEU D 77 12.08 30.85 -31.35
CA LEU D 77 13.42 30.20 -31.27
C LEU D 77 13.76 29.58 -32.64
N ARG D 78 12.80 28.87 -33.24
CA ARG D 78 12.94 28.23 -34.58
C ARG D 78 13.35 29.27 -35.61
N GLN D 79 12.78 30.48 -35.52
CA GLN D 79 13.06 31.61 -36.43
C GLN D 79 14.52 32.05 -36.25
N PHE D 80 14.96 32.25 -35.01
CA PHE D 80 16.38 32.55 -34.67
C PHE D 80 17.28 31.47 -35.31
N GLU D 81 16.91 30.20 -35.17
CA GLU D 81 17.69 29.06 -35.71
C GLU D 81 17.79 29.20 -37.23
N MET D 82 16.67 29.43 -37.92
CA MET D 82 16.63 29.60 -39.40
C MET D 82 17.50 30.79 -39.83
N MET D 83 17.69 31.80 -38.99
CA MET D 83 18.52 33.00 -39.29
C MET D 83 19.99 32.73 -38.94
N GLY D 84 20.36 31.49 -38.58
CA GLY D 84 21.75 31.09 -38.30
C GLY D 84 22.21 31.43 -36.89
N VAL D 85 21.31 31.87 -36.01
CA VAL D 85 21.65 32.18 -34.59
C VAL D 85 21.78 30.86 -33.83
N PHE D 86 22.80 30.72 -33.00
CA PHE D 86 23.09 29.47 -32.25
C PHE D 86 22.20 29.39 -31.02
N PRO D 87 21.32 28.36 -30.92
CA PRO D 87 20.48 28.18 -29.74
C PRO D 87 21.19 27.35 -28.65
N LEU D 88 21.15 27.82 -27.39
CA LEU D 88 21.72 27.08 -26.23
C LEU D 88 21.11 25.67 -26.25
N ASN D 89 19.78 25.61 -26.39
CA ASN D 89 18.98 24.37 -26.57
C ASN D 89 18.14 24.54 -27.84
N GLU D 90 18.06 23.49 -28.66
CA GLU D 90 17.28 23.50 -29.93
C GLU D 90 15.78 23.49 -29.62
N SER D 91 15.01 24.18 -30.47
CA SER D 91 13.54 24.28 -30.43
C SER D 91 12.91 22.87 -30.37
N VAL D 92 13.35 21.93 -31.21
CA VAL D 92 12.75 20.56 -31.29
C VAL D 92 12.94 19.86 -29.94
N ALA D 93 14.09 20.05 -29.30
CA ALA D 93 14.43 19.42 -28.01
C ALA D 93 13.59 20.02 -26.87
N ILE D 94 13.39 21.35 -26.87
CA ILE D 94 12.58 22.03 -25.82
C ILE D 94 11.13 21.57 -25.95
N ALA D 95 10.58 21.56 -27.16
CA ALA D 95 9.20 21.11 -27.44
C ALA D 95 9.05 19.67 -26.93
N ARG D 96 9.99 18.80 -27.28
CA ARG D 96 9.98 17.36 -26.90
C ARG D 96 9.95 17.24 -25.38
N SER D 97 10.81 17.96 -24.67
CA SER D 97 10.97 17.85 -23.19
C SER D 97 9.73 18.39 -22.47
N ARG D 98 8.96 19.29 -23.08
CA ARG D 98 7.76 19.93 -22.46
C ARG D 98 6.53 19.04 -22.60
N ASP D 99 6.56 18.07 -23.54
CA ASP D 99 5.55 17.00 -23.70
C ASP D 99 5.94 15.85 -22.76
N LYS D 100 5.44 15.86 -21.54
CA LYS D 100 5.88 14.94 -20.45
C LYS D 100 5.61 13.49 -20.89
N LEU D 101 4.49 13.22 -21.57
CA LEU D 101 4.12 11.86 -22.02
C LEU D 101 5.17 11.35 -23.01
N ARG D 102 5.52 12.18 -24.00
CA ARG D 102 6.51 11.86 -25.05
C ARG D 102 7.90 11.69 -24.42
N SER D 103 8.27 12.55 -23.47
CA SER D 103 9.58 12.50 -22.77
C SER D 103 9.75 11.13 -22.08
N LEU D 104 8.75 10.71 -21.31
CA LEU D 104 8.80 9.44 -20.54
C LEU D 104 8.91 8.27 -21.52
N GLN D 105 8.09 8.25 -22.58
CA GLN D 105 8.10 7.16 -23.59
C GLN D 105 9.47 7.10 -24.26
N LEU D 106 10.13 8.23 -24.52
CA LEU D 106 11.46 8.26 -25.17
C LEU D 106 12.52 7.74 -24.20
N LEU D 107 12.56 8.26 -22.96
CA LEU D 107 13.54 7.80 -21.93
C LEU D 107 13.38 6.30 -21.70
N SER D 108 12.14 5.81 -21.62
CA SER D 108 11.82 4.37 -21.43
C SER D 108 12.39 3.56 -22.61
N ARG D 109 12.07 3.95 -23.84
CA ARG D 109 12.52 3.31 -25.09
C ARG D 109 14.07 3.22 -25.12
N LYS D 110 14.78 4.21 -24.56
CA LYS D 110 16.26 4.29 -24.60
C LYS D 110 16.88 3.66 -23.34
N GLY D 111 16.08 2.95 -22.53
CA GLY D 111 16.56 2.20 -21.37
C GLY D 111 17.09 3.08 -20.25
N ILE D 112 16.65 4.34 -20.15
CA ILE D 112 16.93 5.21 -18.97
C ILE D 112 16.01 4.73 -17.81
N GLY D 113 16.55 4.68 -16.60
CA GLY D 113 15.78 4.28 -15.42
C GLY D 113 14.65 5.27 -15.15
N LEU D 114 13.43 4.74 -15.00
CA LEU D 114 12.21 5.53 -14.67
C LEU D 114 11.44 4.84 -13.57
N PRO D 115 10.64 5.57 -12.76
CA PRO D 115 9.61 4.95 -11.94
C PRO D 115 8.63 4.24 -12.89
N VAL D 116 8.08 3.10 -12.48
CA VAL D 116 6.92 2.49 -13.18
C VAL D 116 5.88 3.59 -13.33
N THR D 117 5.41 3.79 -14.57
CA THR D 117 4.60 4.95 -14.97
C THR D 117 3.45 4.49 -15.88
N GLY D 118 2.26 5.00 -15.62
CA GLY D 118 1.07 4.78 -16.45
C GLY D 118 0.46 6.08 -16.93
N PHE D 119 -0.18 6.02 -18.08
CA PHE D 119 -0.94 7.12 -18.71
C PHE D 119 -2.40 6.69 -18.81
N ALA D 120 -3.29 7.64 -18.62
CA ALA D 120 -4.74 7.43 -18.80
C ALA D 120 -5.39 8.77 -19.13
N HIS D 121 -6.58 8.72 -19.72
CA HIS D 121 -7.47 9.90 -19.88
C HIS D 121 -8.85 9.55 -19.33
N SER D 122 -9.57 8.66 -20.01
CA SER D 122 -10.94 8.20 -19.63
C SER D 122 -10.97 6.68 -19.60
N PRO D 123 -10.18 6.02 -18.72
CA PRO D 123 -10.23 4.57 -18.58
C PRO D 123 -11.57 4.11 -17.99
N ASP D 124 -12.09 2.99 -18.49
CA ASP D 124 -13.36 2.37 -18.02
C ASP D 124 -13.11 1.57 -16.73
N ASP D 125 -11.86 1.13 -16.52
CA ASP D 125 -11.46 0.21 -15.42
C ASP D 125 -10.30 0.83 -14.63
N VAL D 126 -10.62 1.67 -13.66
CA VAL D 126 -9.63 2.37 -12.79
C VAL D 126 -8.85 1.34 -11.96
N PRO D 127 -9.51 0.34 -11.33
CA PRO D 127 -8.76 -0.68 -10.57
C PRO D 127 -7.70 -1.39 -11.42
N ASP D 128 -8.00 -1.66 -12.69
CA ASP D 128 -7.05 -2.30 -13.64
C ASP D 128 -5.84 -1.38 -13.84
N LEU D 129 -6.06 -0.09 -14.07
CA LEU D 129 -5.00 0.94 -14.23
C LEU D 129 -4.10 0.94 -13.00
N ILE D 130 -4.69 0.95 -11.79
CA ILE D 130 -3.96 1.00 -10.50
C ILE D 130 -3.11 -0.27 -10.36
N GLU D 131 -3.68 -1.42 -10.74
CA GLU D 131 -2.98 -2.73 -10.67
C GLU D 131 -1.79 -2.72 -11.65
N MET D 132 -2.00 -2.25 -12.89
CA MET D 132 -0.99 -2.22 -13.97
C MET D 132 0.32 -1.61 -13.47
N VAL D 133 0.25 -0.51 -12.70
CA VAL D 133 1.45 0.29 -12.31
C VAL D 133 1.93 -0.15 -10.93
N GLY D 134 1.41 -1.26 -10.40
CA GLY D 134 1.93 -1.90 -9.16
C GLY D 134 1.18 -1.47 -7.92
N GLY D 135 0.04 -0.79 -8.07
CA GLY D 135 -0.85 -0.43 -6.96
C GLY D 135 -0.31 0.74 -6.12
N ALA D 136 -1.08 1.11 -5.10
CA ALA D 136 -0.73 2.15 -4.10
C ALA D 136 0.47 1.68 -3.29
N PRO D 137 1.31 2.60 -2.76
CA PRO D 137 1.11 4.04 -2.94
C PRO D 137 1.59 4.49 -4.33
N LEU D 138 0.91 5.46 -4.93
CA LEU D 138 1.36 6.03 -6.23
C LEU D 138 1.09 7.54 -6.25
N VAL D 139 1.82 8.23 -7.11
CA VAL D 139 1.75 9.71 -7.32
C VAL D 139 0.96 9.95 -8.60
N ILE D 140 -0.06 10.81 -8.52
CA ILE D 140 -0.99 11.06 -9.66
C ILE D 140 -0.80 12.53 -10.08
N LYS D 141 -0.38 12.72 -11.34
CA LYS D 141 -0.14 14.04 -11.96
C LYS D 141 -1.23 14.29 -13.01
N LEU D 142 -1.75 15.50 -13.03
CA LEU D 142 -2.70 16.02 -14.04
C LEU D 142 -1.91 16.90 -15.03
N LEU D 143 -2.01 16.59 -16.32
CA LEU D 143 -1.33 17.32 -17.43
C LEU D 143 -2.38 17.94 -18.34
N GLU D 144 -2.21 19.21 -18.71
CA GLU D 144 -2.97 19.88 -19.79
C GLU D 144 -1.96 20.35 -20.84
N GLY D 145 -1.90 19.67 -21.99
CA GLY D 145 -0.89 19.88 -23.03
C GLY D 145 0.52 19.83 -22.43
N THR D 146 1.24 20.95 -22.47
CA THR D 146 2.67 21.09 -22.09
C THR D 146 2.84 21.61 -20.65
N GLN D 147 1.82 21.47 -19.79
CA GLN D 147 1.82 22.03 -18.41
C GLN D 147 1.30 20.99 -17.39
N GLY D 148 2.01 20.87 -16.26
CA GLY D 148 1.54 20.17 -15.05
C GLY D 148 0.55 21.03 -14.29
N ILE D 149 -0.62 20.48 -13.97
CA ILE D 149 -1.78 21.20 -13.35
C ILE D 149 -1.84 20.87 -11.85
N GLY D 150 -1.52 19.63 -11.46
CA GLY D 150 -1.66 19.17 -10.07
C GLY D 150 -0.86 17.91 -9.80
N VAL D 151 -0.52 17.65 -8.53
CA VAL D 151 0.23 16.44 -8.08
C VAL D 151 -0.35 15.99 -6.74
N VAL D 152 -0.75 14.71 -6.62
CA VAL D 152 -1.20 14.13 -5.33
C VAL D 152 -0.49 12.79 -5.06
N LEU D 153 -0.03 12.61 -3.82
CA LEU D 153 0.36 11.28 -3.26
C LEU D 153 -0.92 10.58 -2.79
N CYS D 154 -1.20 9.40 -3.33
CA CYS D 154 -2.32 8.51 -2.95
C CYS D 154 -1.74 7.28 -2.24
N GLU D 155 -1.86 7.24 -0.91
CA GLU D 155 -1.17 6.24 -0.05
C GLU D 155 -1.90 4.90 -0.11
N THR D 156 -3.20 4.88 -0.45
CA THR D 156 -4.04 3.65 -0.44
C THR D 156 -4.76 3.46 -1.78
N GLU D 157 -5.17 2.22 -2.10
CA GLU D 157 -5.93 1.87 -3.32
C GLU D 157 -7.18 2.76 -3.44
N LYS D 158 -7.90 2.95 -2.33
CA LYS D 158 -9.19 3.67 -2.29
C LYS D 158 -8.94 5.16 -2.57
N ALA D 159 -7.83 5.72 -2.08
CA ALA D 159 -7.43 7.12 -2.31
C ALA D 159 -7.08 7.31 -3.79
N ALA D 160 -6.34 6.39 -4.40
CA ALA D 160 -6.04 6.40 -5.85
C ALA D 160 -7.34 6.31 -6.64
N GLU D 161 -8.28 5.42 -6.26
CA GLU D 161 -9.57 5.24 -6.96
C GLU D 161 -10.32 6.58 -6.98
N SER D 162 -10.36 7.27 -5.83
CA SER D 162 -11.16 8.50 -5.64
C SER D 162 -10.53 9.66 -6.43
N VAL D 163 -9.22 9.84 -6.35
CA VAL D 163 -8.48 10.92 -7.08
C VAL D 163 -8.66 10.70 -8.58
N LEU D 164 -8.52 9.48 -9.09
CA LEU D 164 -8.64 9.21 -10.55
C LEU D 164 -10.08 9.47 -11.01
N GLU D 165 -11.08 9.04 -10.22
CA GLU D 165 -12.50 9.29 -10.54
C GLU D 165 -12.77 10.80 -10.57
N ALA D 166 -12.20 11.54 -9.61
CA ALA D 166 -12.34 13.01 -9.49
C ALA D 166 -11.74 13.69 -10.72
N PHE D 167 -10.53 13.30 -11.10
CA PHE D 167 -9.74 13.96 -12.19
C PHE D 167 -10.27 13.57 -13.57
N MET D 168 -11.00 12.45 -13.66
CA MET D 168 -11.58 12.02 -14.95
C MET D 168 -12.68 13.00 -15.37
N GLY D 169 -13.26 13.78 -14.46
CA GLY D 169 -14.24 14.84 -14.78
C GLY D 169 -13.60 16.12 -15.30
N LEU D 170 -12.29 16.25 -15.22
CA LEU D 170 -11.54 17.44 -15.71
C LEU D 170 -11.11 17.29 -17.17
N LYS D 171 -11.21 16.09 -17.75
CA LYS D 171 -10.83 15.79 -19.16
C LYS D 171 -9.41 16.28 -19.48
N HIS D 172 -8.49 16.06 -18.54
CA HIS D 172 -7.03 16.31 -18.66
C HIS D 172 -6.31 14.97 -18.86
N ASN D 173 -5.04 14.97 -19.18
CA ASN D 173 -4.20 13.76 -19.30
C ASN D 173 -3.69 13.40 -17.92
N ILE D 174 -3.69 12.12 -17.56
CA ILE D 174 -3.38 11.63 -16.18
C ILE D 174 -2.13 10.75 -16.25
N MET D 175 -1.13 11.11 -15.44
CA MET D 175 0.09 10.30 -15.18
C MET D 175 -0.07 9.64 -13.81
N VAL D 176 0.21 8.34 -13.74
CA VAL D 176 0.26 7.55 -12.48
C VAL D 176 1.69 6.99 -12.35
N GLN D 177 2.37 7.23 -11.24
CA GLN D 177 3.75 6.74 -10.97
C GLN D 177 3.85 6.03 -9.63
N GLU D 178 4.59 4.92 -9.56
CA GLU D 178 4.97 4.29 -8.28
C GLU D 178 5.66 5.37 -7.43
N TYR D 179 5.30 5.43 -6.16
CA TYR D 179 5.99 6.23 -5.13
C TYR D 179 7.25 5.49 -4.67
N ILE D 180 8.42 6.07 -4.86
CA ILE D 180 9.75 5.49 -4.46
C ILE D 180 10.03 5.80 -2.99
N LYS D 181 9.50 4.99 -2.09
CA LYS D 181 9.60 5.22 -0.62
C LYS D 181 11.06 5.15 -0.16
N GLU D 182 11.87 4.29 -0.80
CA GLU D 182 13.26 3.97 -0.34
C GLU D 182 14.17 5.20 -0.49
N ALA D 183 13.76 6.20 -1.27
CA ALA D 183 14.48 7.49 -1.44
C ALA D 183 14.38 8.34 -0.17
N GLY D 184 13.44 8.02 0.73
CA GLY D 184 13.22 8.75 2.00
C GLY D 184 13.00 10.24 1.79
N GLY D 185 12.24 10.63 0.76
CA GLY D 185 11.84 12.01 0.46
C GLY D 185 12.97 12.85 -0.11
N ALA D 186 14.12 12.26 -0.46
CA ALA D 186 15.27 12.96 -1.07
C ALA D 186 15.29 12.74 -2.59
N ASP D 187 15.78 13.71 -3.35
CA ASP D 187 16.08 13.56 -4.80
C ASP D 187 17.40 14.31 -5.10
N ILE D 188 18.04 13.98 -6.21
CA ILE D 188 19.29 14.64 -6.69
C ILE D 188 18.92 15.51 -7.88
N ARG D 189 19.23 16.81 -7.85
CA ARG D 189 19.19 17.68 -9.05
C ARG D 189 20.60 17.76 -9.64
N CYS D 190 20.78 17.22 -10.84
CA CYS D 190 22.04 17.27 -11.63
C CYS D 190 21.89 18.35 -12.71
N PHE D 191 22.75 19.36 -12.66
CA PHE D 191 22.81 20.42 -13.69
C PHE D 191 23.78 19.98 -14.78
N VAL D 192 23.23 19.60 -15.95
CA VAL D 192 23.99 19.08 -17.12
C VAL D 192 24.25 20.22 -18.11
N VAL D 193 25.51 20.39 -18.52
CA VAL D 193 25.96 21.31 -19.61
C VAL D 193 26.92 20.52 -20.50
N GLY D 194 26.60 20.38 -21.78
CA GLY D 194 27.28 19.47 -22.73
C GLY D 194 27.24 18.06 -22.18
N ASP D 195 28.37 17.36 -22.21
CA ASP D 195 28.45 15.94 -21.81
C ASP D 195 28.93 15.86 -20.35
N LYS D 196 28.61 16.85 -19.50
CA LYS D 196 29.11 16.93 -18.10
C LYS D 196 28.00 17.35 -17.14
N VAL D 197 27.95 16.71 -15.97
CA VAL D 197 27.25 17.25 -14.76
C VAL D 197 28.20 18.26 -14.13
N ILE D 198 27.90 19.55 -14.21
CA ILE D 198 28.78 20.65 -13.74
C ILE D 198 28.46 21.00 -12.28
N ALA D 199 27.33 20.53 -11.76
CA ALA D 199 26.87 20.81 -10.39
C ALA D 199 25.70 19.89 -10.03
N SER D 200 25.55 19.57 -8.75
CA SER D 200 24.46 18.73 -8.22
C SER D 200 24.17 19.11 -6.77
N MET D 201 22.97 18.79 -6.30
CA MET D 201 22.51 19.05 -4.92
C MET D 201 21.47 17.99 -4.53
N LYS D 202 21.39 17.68 -3.24
CA LYS D 202 20.35 16.82 -2.63
C LYS D 202 19.24 17.73 -2.12
N ARG D 203 18.00 17.48 -2.50
CA ARG D 203 16.80 18.17 -1.99
C ARG D 203 16.05 17.20 -1.07
N GLN D 204 15.84 17.56 0.19
CA GLN D 204 15.12 16.74 1.21
C GLN D 204 13.79 17.41 1.51
N ALA D 205 12.67 16.69 1.31
CA ALA D 205 11.30 17.16 1.64
C ALA D 205 11.16 17.22 3.16
N ALA D 206 10.42 18.20 3.68
CA ALA D 206 10.11 18.32 5.13
C ALA D 206 9.39 17.05 5.58
N PRO D 207 9.49 16.60 6.84
CA PRO D 207 8.72 15.44 7.30
C PRO D 207 7.22 15.65 7.01
N GLY D 208 6.55 14.64 6.42
CA GLY D 208 5.17 14.72 5.93
C GLY D 208 5.11 15.03 4.44
N GLU D 209 5.39 16.28 4.06
CA GLU D 209 5.45 16.77 2.65
C GLU D 209 6.28 15.78 1.84
N PHE D 210 5.72 15.28 0.72
CA PHE D 210 6.37 14.31 -0.20
C PHE D 210 7.12 15.07 -1.31
N ARG D 211 6.61 16.26 -1.69
CA ARG D 211 7.22 17.18 -2.68
C ARG D 211 8.42 17.84 -1.99
N SER D 212 9.60 17.74 -2.62
CA SER D 212 10.91 18.22 -2.09
C SER D 212 11.35 19.54 -2.77
N ASN D 213 10.44 20.29 -3.41
CA ASN D 213 10.62 21.70 -3.82
C ASN D 213 11.01 22.52 -2.59
N LEU D 214 11.96 23.45 -2.74
CA LEU D 214 12.29 24.51 -1.74
C LEU D 214 11.08 25.45 -1.60
N HIS D 215 10.32 25.61 -2.69
CA HIS D 215 8.99 26.27 -2.78
C HIS D 215 7.98 25.58 -1.85
N ARG D 216 8.07 24.24 -1.72
CA ARG D 216 7.16 23.40 -0.89
C ARG D 216 7.76 23.16 0.51
N GLY D 217 8.74 23.98 0.92
CA GLY D 217 9.27 24.03 2.31
C GLY D 217 10.28 22.92 2.60
N GLY D 218 11.18 22.61 1.66
CA GLY D 218 12.19 21.54 1.80
C GLY D 218 13.60 22.10 1.79
N SER D 219 14.55 21.39 2.40
CA SER D 219 15.98 21.81 2.55
C SER D 219 16.84 21.19 1.45
N ALA D 220 17.98 21.84 1.15
CA ALA D 220 18.95 21.45 0.10
C ALA D 220 20.35 21.30 0.73
N SER D 221 21.19 20.43 0.18
CA SER D 221 22.58 20.18 0.64
C SER D 221 23.47 19.73 -0.52
N LEU D 222 24.78 19.82 -0.34
CA LEU D 222 25.82 19.28 -1.27
C LEU D 222 25.72 17.75 -1.27
N ILE D 223 26.11 17.11 -2.38
CA ILE D 223 26.05 15.63 -2.56
C ILE D 223 27.15 15.19 -3.54
N LYS D 224 27.79 14.05 -3.25
CA LYS D 224 28.68 13.33 -4.20
C LYS D 224 27.83 12.29 -4.93
N ILE D 225 27.56 12.50 -6.22
CA ILE D 225 26.77 11.56 -7.07
C ILE D 225 27.67 10.39 -7.50
N THR D 226 27.08 9.21 -7.69
CA THR D 226 27.78 7.98 -8.15
C THR D 226 28.12 8.15 -9.62
N PRO D 227 29.16 7.47 -10.15
CA PRO D 227 29.38 7.41 -11.60
C PRO D 227 28.13 7.00 -12.40
N GLU D 228 27.27 6.13 -11.86
CA GLU D 228 26.06 5.68 -12.58
C GLU D 228 25.04 6.83 -12.68
N GLU D 229 24.89 7.62 -11.61
CA GLU D 229 23.97 8.78 -11.55
C GLU D 229 24.44 9.84 -12.54
N ARG D 230 25.74 10.14 -12.52
CA ARG D 230 26.44 11.07 -13.44
C ARG D 230 26.13 10.67 -14.89
N MET D 231 26.38 9.42 -15.26
CA MET D 231 26.14 8.91 -16.64
C MET D 231 24.64 9.00 -16.99
N THR D 232 23.75 8.64 -16.06
CA THR D 232 22.28 8.67 -16.26
C THR D 232 21.84 10.10 -16.59
N ALA D 233 22.28 11.09 -15.79
CA ALA D 233 21.93 12.52 -15.98
C ALA D 233 22.39 12.96 -17.39
N ILE D 234 23.64 12.67 -17.75
CA ILE D 234 24.23 13.05 -19.07
C ILE D 234 23.45 12.37 -20.19
N ARG D 235 23.16 11.07 -20.09
CA ARG D 235 22.43 10.29 -21.12
C ARG D 235 21.00 10.83 -21.31
N ALA D 236 20.31 11.13 -20.22
CA ALA D 236 18.92 11.66 -20.23
C ALA D 236 18.90 12.96 -21.07
N ALA D 237 19.84 13.87 -20.81
CA ALA D 237 19.97 15.15 -21.55
C ALA D 237 20.24 14.85 -23.03
N ARG D 238 21.19 13.97 -23.33
CA ARG D 238 21.60 13.65 -24.73
C ARG D 238 20.42 13.01 -25.47
N VAL D 239 19.70 12.10 -24.82
CA VAL D 239 18.51 11.41 -25.39
C VAL D 239 17.43 12.46 -25.74
N MET D 240 17.21 13.45 -24.85
CA MET D 240 16.22 14.54 -25.07
C MET D 240 16.71 15.50 -26.16
N GLY D 241 18.02 15.49 -26.48
CA GLY D 241 18.64 16.38 -27.49
C GLY D 241 18.93 17.76 -26.92
N LEU D 242 19.12 17.86 -25.59
CA LEU D 242 19.36 19.12 -24.86
C LEU D 242 20.85 19.25 -24.51
N ASN D 243 21.43 20.43 -24.72
CA ASN D 243 22.83 20.74 -24.32
C ASN D 243 22.86 21.18 -22.85
N VAL D 244 21.81 21.85 -22.39
CA VAL D 244 21.68 22.33 -20.99
C VAL D 244 20.34 21.80 -20.44
N ALA D 245 20.39 21.09 -19.30
CA ALA D 245 19.20 20.47 -18.68
C ALA D 245 19.42 20.31 -17.18
N GLY D 246 18.35 20.55 -16.41
CA GLY D 246 18.22 20.04 -15.02
C GLY D 246 17.61 18.65 -15.05
N VAL D 247 18.32 17.66 -14.52
CA VAL D 247 17.83 16.26 -14.42
C VAL D 247 17.67 15.95 -12.94
N ASP D 248 16.46 15.54 -12.54
CA ASP D 248 16.10 15.13 -11.16
C ASP D 248 16.17 13.60 -11.10
N ILE D 249 16.88 13.04 -10.12
CA ILE D 249 17.11 11.57 -9.97
C ILE D 249 16.72 11.12 -8.56
N LEU D 250 16.02 9.98 -8.46
CA LEU D 250 15.73 9.27 -7.19
C LEU D 250 16.67 8.06 -7.09
N ARG D 251 17.31 7.86 -5.95
CA ARG D 251 18.05 6.62 -5.61
C ARG D 251 17.05 5.54 -5.20
N SER D 252 16.68 4.65 -6.12
CA SER D 252 15.73 3.53 -5.89
C SER D 252 16.51 2.23 -5.71
N ASN D 253 15.80 1.17 -5.33
CA ASN D 253 16.33 -0.21 -5.17
C ASN D 253 16.66 -0.82 -6.55
N HIS D 254 16.20 -0.21 -7.65
CA HIS D 254 16.52 -0.63 -9.04
C HIS D 254 17.48 0.39 -9.69
N GLY D 255 18.25 1.13 -8.88
CA GLY D 255 19.24 2.13 -9.36
C GLY D 255 18.62 3.50 -9.56
N PRO D 256 19.36 4.44 -10.19
CA PRO D 256 18.88 5.82 -10.36
C PRO D 256 17.71 5.90 -11.34
N LEU D 257 16.64 6.58 -10.93
CA LEU D 257 15.42 6.81 -11.74
C LEU D 257 15.32 8.32 -12.03
N VAL D 258 15.17 8.67 -13.31
CA VAL D 258 14.97 10.06 -13.76
C VAL D 258 13.50 10.43 -13.48
N MET D 259 13.28 11.56 -12.80
CA MET D 259 11.94 12.09 -12.44
C MET D 259 11.52 13.19 -13.42
N GLU D 260 12.49 14.02 -13.79
CA GLU D 260 12.28 15.27 -14.54
C GLU D 260 13.51 15.52 -15.41
N VAL D 261 13.29 15.93 -16.66
CA VAL D 261 14.32 16.59 -17.51
C VAL D 261 13.77 17.96 -17.91
N ASN D 262 14.34 19.03 -17.33
CA ASN D 262 13.92 20.43 -17.54
C ASN D 262 14.87 21.10 -18.54
N SER D 263 14.32 21.67 -19.63
CA SER D 263 15.05 22.41 -20.69
C SER D 263 15.45 23.82 -20.23
N SER D 264 14.86 24.32 -19.14
CA SER D 264 15.03 25.70 -18.64
C SER D 264 15.16 25.67 -17.12
N PRO D 265 16.23 25.02 -16.59
CA PRO D 265 16.36 24.83 -15.14
C PRO D 265 16.68 26.15 -14.43
N GLY D 266 16.15 26.29 -13.20
CA GLY D 266 16.46 27.41 -12.29
C GLY D 266 17.91 27.39 -11.87
N LEU D 267 18.48 28.56 -11.58
CA LEU D 267 19.89 28.68 -11.13
C LEU D 267 19.94 28.96 -9.62
N GLU D 268 18.87 29.48 -9.01
CA GLU D 268 18.90 30.00 -7.61
C GLU D 268 19.28 28.87 -6.64
N GLY D 269 18.51 27.79 -6.62
CA GLY D 269 18.73 26.64 -5.71
C GLY D 269 20.15 26.10 -5.83
N ILE D 270 20.56 25.76 -7.04
CA ILE D 270 21.85 25.07 -7.33
C ILE D 270 23.03 26.02 -7.04
N GLU D 271 22.90 27.31 -7.35
CA GLU D 271 24.00 28.30 -7.17
C GLU D 271 24.20 28.60 -5.67
N SER D 272 23.13 28.81 -4.90
CA SER D 272 23.21 29.15 -3.45
C SER D 272 23.73 27.95 -2.65
N THR D 273 23.50 26.72 -3.10
CA THR D 273 23.94 25.47 -2.41
C THR D 273 25.40 25.15 -2.76
N THR D 274 25.80 25.25 -4.03
CA THR D 274 27.17 24.87 -4.51
C THR D 274 28.13 26.05 -4.46
N GLY D 275 27.63 27.27 -4.63
CA GLY D 275 28.45 28.50 -4.71
C GLY D 275 29.11 28.67 -6.07
N LYS D 276 28.74 27.85 -7.06
CA LYS D 276 29.38 27.81 -8.41
C LYS D 276 28.72 28.85 -9.34
N ASP D 277 29.52 29.45 -10.21
CA ASP D 277 29.07 30.39 -11.27
C ASP D 277 28.48 29.56 -12.42
N ILE D 278 27.24 29.09 -12.25
CA ILE D 278 26.54 28.22 -13.26
C ILE D 278 26.23 29.08 -14.49
N ALA D 279 25.73 30.29 -14.28
CA ALA D 279 25.44 31.28 -15.35
C ALA D 279 26.70 31.44 -16.22
N GLY D 280 27.84 31.67 -15.59
CA GLY D 280 29.17 31.79 -16.25
C GLY D 280 29.49 30.57 -17.11
N ILE D 281 29.29 29.36 -16.57
CA ILE D 281 29.61 28.09 -17.27
C ILE D 281 28.72 27.97 -18.53
N ILE D 282 27.47 28.41 -18.44
CA ILE D 282 26.51 28.42 -19.57
C ILE D 282 27.03 29.38 -20.64
N ILE D 283 27.48 30.57 -20.24
CA ILE D 283 28.04 31.59 -21.17
C ILE D 283 29.27 30.98 -21.84
N GLN D 284 30.14 30.34 -21.06
CA GLN D 284 31.36 29.64 -21.56
C GLN D 284 30.96 28.63 -22.64
N TYR D 285 29.88 27.87 -22.42
CA TYR D 285 29.40 26.85 -23.39
C TYR D 285 29.09 27.55 -24.72
N LEU D 286 28.44 28.72 -24.67
CA LEU D 286 28.05 29.47 -25.89
C LEU D 286 29.30 29.96 -26.62
N GLU D 287 30.30 30.44 -25.88
CA GLU D 287 31.60 30.91 -26.42
C GLU D 287 32.24 29.77 -27.22
N LYS D 288 32.28 28.56 -26.66
CA LYS D 288 33.00 27.39 -27.22
C LYS D 288 32.25 26.77 -28.42
N ASN D 289 30.94 27.01 -28.56
CA ASN D 289 30.07 26.28 -29.54
C ASN D 289 29.33 27.23 -30.47
N GLY D 290 29.15 28.51 -30.12
CA GLY D 290 28.29 29.44 -30.86
C GLY D 290 28.95 30.72 -31.27
N GLY D 291 30.20 30.96 -30.84
CA GLY D 291 30.87 32.25 -31.00
C GLY D 291 31.94 32.19 -32.09
N PRO D 292 32.84 33.20 -32.12
CA PRO D 292 34.03 33.12 -32.96
C PRO D 292 34.81 31.83 -32.69
N HIS D 293 35.17 31.08 -33.75
CA HIS D 293 35.89 29.77 -33.72
C HIS D 293 36.71 29.59 -35.00
N MET E 1 17.20 -49.90 -16.68
CA MET E 1 17.87 -49.37 -15.47
C MET E 1 17.13 -49.83 -14.21
N LYS E 2 17.86 -49.93 -13.10
CA LYS E 2 17.30 -50.04 -11.73
C LYS E 2 17.34 -48.65 -11.08
N ILE E 3 16.16 -48.10 -10.76
CA ILE E 3 16.01 -46.69 -10.29
C ILE E 3 15.34 -46.70 -8.91
N ALA E 4 16.02 -46.11 -7.92
CA ALA E 4 15.48 -45.84 -6.57
C ALA E 4 14.71 -44.51 -6.61
N VAL E 5 13.54 -44.49 -5.98
CA VAL E 5 12.75 -43.24 -5.72
C VAL E 5 12.76 -43.04 -4.19
N LEU E 6 13.52 -42.06 -3.69
CA LEU E 6 13.52 -41.68 -2.26
C LEU E 6 12.23 -40.90 -1.98
N SER E 7 11.21 -41.58 -1.44
CA SER E 7 9.89 -41.00 -1.10
C SER E 7 9.37 -41.68 0.15
N ARG E 8 8.81 -40.91 1.07
CA ARG E 8 8.30 -41.42 2.38
C ARG E 8 6.93 -42.09 2.18
N ASN E 9 6.29 -41.87 1.04
CA ASN E 9 4.93 -42.40 0.76
C ASN E 9 4.82 -42.80 -0.70
N PRO E 10 4.78 -44.12 -1.02
CA PRO E 10 4.65 -44.59 -2.40
C PRO E 10 3.27 -44.37 -3.04
N ARG E 11 2.27 -43.94 -2.26
CA ARG E 11 0.87 -43.72 -2.74
C ARG E 11 0.71 -42.29 -3.27
N LEU E 12 1.65 -41.39 -2.96
CA LEU E 12 1.63 -39.97 -3.43
C LEU E 12 1.62 -39.92 -4.96
N TYR E 13 0.82 -39.03 -5.56
CA TYR E 13 0.64 -38.90 -7.03
C TYR E 13 1.99 -38.94 -7.74
N SER E 14 2.93 -38.08 -7.34
CA SER E 14 4.23 -37.87 -8.04
C SER E 14 5.10 -39.13 -7.97
N THR E 15 5.14 -39.78 -6.81
CA THR E 15 5.92 -41.02 -6.60
C THR E 15 5.30 -42.17 -7.42
N ARG E 16 3.97 -42.35 -7.34
CA ARG E 16 3.21 -43.35 -8.13
C ARG E 16 3.55 -43.18 -9.61
N ARG E 17 3.43 -41.94 -10.11
CA ARG E 17 3.59 -41.60 -11.56
C ARG E 17 5.01 -41.88 -12.02
N LEU E 18 6.02 -41.52 -11.22
CA LEU E 18 7.45 -41.78 -11.55
C LEU E 18 7.67 -43.30 -11.65
N VAL E 19 7.09 -44.06 -10.73
CA VAL E 19 7.15 -45.55 -10.70
C VAL E 19 6.45 -46.10 -11.96
N GLU E 20 5.24 -45.62 -12.24
CA GLU E 20 4.42 -46.01 -13.42
C GLU E 20 5.23 -45.78 -14.71
N ALA E 21 5.72 -44.56 -14.90
CA ALA E 21 6.45 -44.11 -16.11
C ALA E 21 7.72 -44.95 -16.31
N GLY E 22 8.46 -45.19 -15.23
CA GLY E 22 9.68 -46.02 -15.25
C GLY E 22 9.40 -47.42 -15.75
N ARG E 23 8.29 -48.01 -15.31
CA ARG E 23 7.90 -49.41 -15.60
C ARG E 23 7.40 -49.53 -17.03
N GLU E 24 6.60 -48.56 -17.50
CA GLU E 24 6.19 -48.45 -18.93
C GLU E 24 7.41 -48.57 -19.85
N ARG E 25 8.56 -48.05 -19.40
CA ARG E 25 9.79 -47.89 -20.24
C ARG E 25 10.83 -48.96 -19.87
N GLY E 26 10.41 -50.02 -19.15
CA GLY E 26 11.18 -51.27 -18.99
C GLY E 26 12.18 -51.21 -17.85
N HIS E 27 12.05 -50.23 -16.94
CA HIS E 27 12.98 -50.03 -15.80
C HIS E 27 12.43 -50.72 -14.55
N GLU E 28 13.32 -51.18 -13.67
CA GLU E 28 12.97 -51.67 -12.31
C GLU E 28 12.93 -50.47 -11.37
N MET E 29 11.73 -50.09 -10.94
CA MET E 29 11.48 -48.90 -10.06
C MET E 29 11.22 -49.38 -8.64
N VAL E 30 12.06 -48.96 -7.69
CA VAL E 30 11.97 -49.37 -6.24
C VAL E 30 11.81 -48.10 -5.41
N VAL E 31 10.70 -47.99 -4.67
CA VAL E 31 10.44 -46.86 -3.73
C VAL E 31 11.14 -47.17 -2.40
N ILE E 32 12.11 -46.34 -2.03
CA ILE E 32 12.88 -46.43 -0.75
C ILE E 32 12.36 -45.33 0.20
N ASP E 33 11.73 -45.72 1.32
CA ASP E 33 11.36 -44.77 2.41
C ASP E 33 12.67 -44.23 3.00
N THR E 34 13.00 -42.98 2.66
CA THR E 34 14.28 -42.31 3.01
C THR E 34 14.67 -42.57 4.47
N LEU E 35 13.72 -42.52 5.41
CA LEU E 35 14.02 -42.54 6.88
C LEU E 35 14.26 -43.97 7.36
N ARG E 36 13.95 -44.98 6.54
CA ARG E 36 14.10 -46.42 6.90
C ARG E 36 15.40 -46.97 6.32
N ALA E 37 16.11 -46.18 5.51
CA ALA E 37 17.50 -46.43 5.07
C ALA E 37 18.43 -46.06 6.23
N TYR E 38 19.39 -46.95 6.53
CA TYR E 38 20.47 -46.72 7.52
C TYR E 38 21.78 -47.17 6.87
N MET E 39 22.91 -46.63 7.31
CA MET E 39 24.17 -46.68 6.53
C MET E 39 25.39 -46.77 7.45
N ASN E 40 26.40 -47.48 6.96
CA ASN E 40 27.80 -47.40 7.42
C ASN E 40 28.49 -46.38 6.52
N ILE E 41 29.17 -45.39 7.08
CA ILE E 41 29.97 -44.40 6.31
C ILE E 41 31.44 -44.86 6.21
N ALA E 42 31.84 -45.30 5.02
CA ALA E 42 33.20 -45.84 4.73
C ALA E 42 33.43 -45.75 3.22
N SER E 43 34.60 -45.24 2.80
CA SER E 43 35.01 -45.14 1.37
C SER E 43 35.21 -46.53 0.75
N HIS E 44 35.67 -47.52 1.53
CA HIS E 44 35.85 -48.93 1.09
C HIS E 44 34.51 -49.69 1.16
N LYS E 45 33.97 -50.07 0.01
CA LYS E 45 32.70 -50.82 -0.15
C LYS E 45 31.57 -50.03 0.52
N PRO E 46 31.22 -48.83 0.01
CA PRO E 46 30.16 -48.00 0.61
C PRO E 46 28.78 -48.63 0.39
N GLN E 47 27.95 -48.74 1.45
CA GLN E 47 26.67 -49.49 1.41
C GLN E 47 25.57 -48.73 2.16
N ILE E 48 24.34 -48.95 1.72
CA ILE E 48 23.06 -48.49 2.35
C ILE E 48 22.24 -49.74 2.65
N HIS E 49 21.81 -49.92 3.89
CA HIS E 49 20.93 -51.05 4.31
C HIS E 49 19.49 -50.55 4.40
N TYR E 50 18.54 -51.44 4.17
CA TYR E 50 17.09 -51.17 4.11
C TYR E 50 16.34 -52.45 4.45
N ARG E 51 15.63 -52.46 5.58
CA ARG E 51 14.84 -53.62 6.05
C ARG E 51 15.75 -54.86 6.10
N GLY E 52 16.95 -54.72 6.68
CA GLY E 52 17.86 -55.83 7.02
C GLY E 52 18.81 -56.21 5.90
N GLN E 53 18.64 -55.67 4.68
CA GLN E 53 19.42 -56.09 3.49
C GLN E 53 20.15 -54.88 2.90
N PRO E 54 21.31 -55.08 2.23
CA PRO E 54 21.95 -54.01 1.47
C PRO E 54 21.16 -53.67 0.19
N LEU E 55 21.24 -52.42 -0.25
CA LEU E 55 20.72 -51.95 -1.57
C LEU E 55 21.85 -52.02 -2.60
N GLU E 56 21.66 -52.83 -3.65
CA GLU E 56 22.71 -53.18 -4.65
C GLU E 56 22.15 -53.05 -6.07
N GLY E 57 23.02 -52.73 -7.03
CA GLY E 57 22.72 -52.75 -8.47
C GLY E 57 21.84 -51.60 -8.92
N PHE E 58 21.75 -50.51 -8.14
CA PHE E 58 20.99 -49.29 -8.54
C PHE E 58 21.83 -48.49 -9.53
N ASP E 59 21.23 -48.08 -10.64
CA ASP E 59 21.87 -47.26 -11.70
C ASP E 59 21.64 -45.76 -11.39
N ALA E 60 20.45 -45.41 -10.95
CA ALA E 60 20.04 -44.00 -10.70
C ALA E 60 19.14 -43.91 -9.47
N VAL E 61 18.99 -42.70 -8.94
CA VAL E 61 18.08 -42.40 -7.80
C VAL E 61 17.37 -41.07 -8.08
N ILE E 62 16.05 -41.06 -7.87
CA ILE E 62 15.17 -39.85 -7.94
C ILE E 62 14.87 -39.42 -6.50
N PRO E 63 15.52 -38.35 -6.00
CA PRO E 63 15.23 -37.85 -4.66
C PRO E 63 13.93 -37.03 -4.63
N ARG E 64 12.98 -37.47 -3.80
CA ARG E 64 11.73 -36.72 -3.46
C ARG E 64 11.80 -36.43 -1.95
N ILE E 65 12.81 -35.68 -1.53
CA ILE E 65 13.12 -35.44 -0.09
C ILE E 65 12.26 -34.27 0.40
N GLY E 66 11.28 -34.53 1.26
CA GLY E 66 10.50 -33.47 1.94
C GLY E 66 11.37 -32.50 2.71
N ALA E 67 10.96 -31.24 2.84
CA ALA E 67 11.75 -30.14 3.46
C ALA E 67 12.06 -30.44 4.93
N SER E 68 11.15 -31.12 5.65
CA SER E 68 11.33 -31.41 7.11
C SER E 68 12.47 -32.42 7.32
N VAL E 69 12.88 -33.18 6.30
CA VAL E 69 13.90 -34.26 6.42
C VAL E 69 15.06 -34.01 5.45
N THR E 70 15.38 -32.75 5.18
CA THR E 70 16.41 -32.34 4.19
C THR E 70 17.78 -32.93 4.59
N PHE E 71 18.18 -32.79 5.85
CA PHE E 71 19.53 -33.19 6.33
C PHE E 71 19.70 -34.71 6.17
N TYR E 72 18.74 -35.51 6.64
CA TYR E 72 18.87 -36.99 6.60
C TYR E 72 18.71 -37.47 5.16
N GLY E 73 17.74 -36.91 4.42
CA GLY E 73 17.51 -37.26 3.01
C GLY E 73 18.76 -37.00 2.17
N CYS E 74 19.44 -35.89 2.41
CA CYS E 74 20.67 -35.51 1.68
C CYS E 74 21.82 -36.47 2.05
N ALA E 75 21.86 -36.97 3.29
CA ALA E 75 22.85 -37.96 3.75
C ALA E 75 22.64 -39.28 2.99
N VAL E 76 21.39 -39.73 2.84
CA VAL E 76 21.05 -40.98 2.10
C VAL E 76 21.41 -40.79 0.63
N LEU E 77 21.08 -39.64 0.04
CA LEU E 77 21.35 -39.34 -1.39
C LEU E 77 22.88 -39.27 -1.61
N ARG E 78 23.59 -38.57 -0.74
CA ARG E 78 25.07 -38.42 -0.77
C ARG E 78 25.73 -39.81 -0.79
N GLN E 79 25.18 -40.75 -0.02
CA GLN E 79 25.69 -42.14 0.09
C GLN E 79 25.50 -42.83 -1.26
N PHE E 80 24.31 -42.75 -1.86
CA PHE E 80 24.03 -43.26 -3.23
C PHE E 80 25.06 -42.69 -4.21
N GLU E 81 25.33 -41.39 -4.13
CA GLU E 81 26.29 -40.68 -5.01
C GLU E 81 27.68 -41.29 -4.83
N MET E 82 28.14 -41.46 -3.58
CA MET E 82 29.47 -42.05 -3.26
C MET E 82 29.56 -43.48 -3.82
N MET E 83 28.45 -44.19 -3.94
CA MET E 83 28.40 -45.58 -4.47
C MET E 83 28.31 -45.59 -6.00
N GLY E 84 28.41 -44.43 -6.65
CA GLY E 84 28.43 -44.30 -8.12
C GLY E 84 27.04 -44.29 -8.72
N VAL E 85 25.97 -44.21 -7.92
CA VAL E 85 24.56 -44.14 -8.43
C VAL E 85 24.31 -42.71 -8.94
N PHE E 86 23.67 -42.59 -10.11
CA PHE E 86 23.42 -41.28 -10.77
C PHE E 86 22.21 -40.62 -10.13
N PRO E 87 22.38 -39.43 -9.50
CA PRO E 87 21.25 -38.71 -8.89
C PRO E 87 20.56 -37.79 -9.91
N LEU E 88 19.22 -37.84 -9.99
CA LEU E 88 18.44 -36.93 -10.88
C LEU E 88 18.85 -35.50 -10.54
N ASN E 89 18.89 -35.17 -9.25
CA ASN E 89 19.39 -33.89 -8.68
C ASN E 89 20.46 -34.24 -7.63
N GLU E 90 21.57 -33.50 -7.63
CA GLU E 90 22.70 -33.70 -6.68
C GLU E 90 22.29 -33.23 -5.28
N SER E 91 22.80 -33.94 -4.27
CA SER E 91 22.61 -33.65 -2.82
C SER E 91 22.96 -32.19 -2.51
N VAL E 92 24.11 -31.69 -2.99
CA VAL E 92 24.59 -30.31 -2.68
C VAL E 92 23.58 -29.30 -3.23
N ALA E 93 23.00 -29.57 -4.41
CA ALA E 93 22.03 -28.67 -5.07
C ALA E 93 20.70 -28.66 -4.30
N ILE E 94 20.23 -29.82 -3.83
CA ILE E 94 18.95 -29.93 -3.06
C ILE E 94 19.12 -29.19 -1.73
N ALA E 95 20.23 -29.42 -1.01
CA ALA E 95 20.53 -28.74 0.26
C ALA E 95 20.54 -27.22 0.04
N ARG E 96 21.23 -26.76 -1.01
CA ARG E 96 21.36 -25.33 -1.36
C ARG E 96 19.96 -24.73 -1.58
N SER E 97 19.11 -25.40 -2.37
CA SER E 97 17.79 -24.87 -2.78
C SER E 97 16.83 -24.82 -1.57
N ARG E 98 17.05 -25.65 -0.54
CA ARG E 98 16.16 -25.73 0.66
C ARG E 98 16.50 -24.63 1.67
N ASP E 99 17.70 -24.04 1.57
CA ASP E 99 18.13 -22.85 2.36
C ASP E 99 17.67 -21.61 1.59
N LYS E 100 16.47 -21.11 1.88
CA LYS E 100 15.82 -20.02 1.11
C LYS E 100 16.69 -18.77 1.12
N LEU E 101 17.33 -18.43 2.25
CA LEU E 101 18.20 -17.22 2.37
C LEU E 101 19.39 -17.35 1.41
N ARG E 102 20.05 -18.51 1.41
CA ARG E 102 21.22 -18.80 0.55
C ARG E 102 20.79 -18.78 -0.93
N SER E 103 19.63 -19.38 -1.25
CA SER E 103 19.09 -19.45 -2.62
C SER E 103 18.92 -18.04 -3.19
N LEU E 104 18.26 -17.15 -2.44
CA LEU E 104 17.98 -15.76 -2.88
C LEU E 104 19.29 -15.01 -3.09
N GLN E 105 20.23 -15.12 -2.15
CA GLN E 105 21.55 -14.44 -2.24
C GLN E 105 22.31 -14.92 -3.49
N LEU E 106 22.21 -16.21 -3.81
CA LEU E 106 22.91 -16.78 -5.00
C LEU E 106 22.24 -16.27 -6.29
N LEU E 107 20.92 -16.40 -6.39
CA LEU E 107 20.16 -15.94 -7.59
C LEU E 107 20.42 -14.43 -7.81
N SER E 108 20.42 -13.64 -6.73
CA SER E 108 20.68 -12.18 -6.76
C SER E 108 22.09 -11.92 -7.32
N ARG E 109 23.10 -12.57 -6.74
CA ARG E 109 24.52 -12.46 -7.16
C ARG E 109 24.68 -12.78 -8.66
N LYS E 110 23.87 -13.71 -9.20
CA LYS E 110 23.97 -14.16 -10.61
C LYS E 110 23.01 -13.37 -11.52
N GLY E 111 22.44 -12.28 -11.02
CA GLY E 111 21.60 -11.34 -11.81
C GLY E 111 20.28 -11.94 -12.26
N ILE E 112 19.75 -12.94 -11.55
CA ILE E 112 18.37 -13.47 -11.80
C ILE E 112 17.37 -12.48 -11.22
N GLY E 113 16.26 -12.22 -11.92
CA GLY E 113 15.21 -11.32 -11.46
C GLY E 113 14.58 -11.84 -10.18
N LEU E 114 14.54 -10.99 -9.15
CA LEU E 114 13.92 -11.30 -7.83
C LEU E 114 13.09 -10.11 -7.40
N PRO E 115 12.05 -10.32 -6.56
CA PRO E 115 11.41 -9.21 -5.87
C PRO E 115 12.47 -8.56 -4.97
N VAL E 116 12.43 -7.24 -4.80
CA VAL E 116 13.26 -6.58 -3.77
C VAL E 116 12.98 -7.31 -2.46
N THR E 117 14.03 -7.74 -1.77
CA THR E 117 13.96 -8.70 -0.65
C THR E 117 14.90 -8.24 0.47
N GLY E 118 14.42 -8.32 1.72
CA GLY E 118 15.21 -8.07 2.93
C GLY E 118 15.19 -9.25 3.86
N PHE E 119 16.27 -9.42 4.62
CA PHE E 119 16.38 -10.43 5.69
C PHE E 119 16.55 -9.70 7.02
N ALA E 120 15.93 -10.23 8.06
CA ALA E 120 16.06 -9.71 9.44
C ALA E 120 15.84 -10.86 10.40
N HIS E 121 16.31 -10.69 11.64
CA HIS E 121 16.00 -11.59 12.78
C HIS E 121 15.47 -10.74 13.94
N SER E 122 16.35 -9.93 14.52
CA SER E 122 16.05 -9.02 15.66
C SER E 122 16.54 -7.61 15.31
N PRO E 123 15.98 -6.97 14.27
CA PRO E 123 16.39 -5.61 13.90
C PRO E 123 15.97 -4.60 14.97
N ASP E 124 16.85 -3.63 15.29
CA ASP E 124 16.57 -2.56 16.28
C ASP E 124 15.72 -1.45 15.65
N ASP E 125 15.77 -1.32 14.32
CA ASP E 125 15.11 -0.23 13.55
C ASP E 125 14.19 -0.84 12.48
N VAL E 126 12.96 -1.17 12.86
CA VAL E 126 11.95 -1.79 11.95
C VAL E 126 11.58 -0.82 10.83
N PRO E 127 11.32 0.47 11.13
CA PRO E 127 11.01 1.44 10.08
C PRO E 127 12.10 1.51 9.00
N ASP E 128 13.38 1.42 9.39
CA ASP E 128 14.54 1.43 8.46
C ASP E 128 14.46 0.19 7.54
N LEU E 129 14.20 -0.99 8.12
CA LEU E 129 14.05 -2.26 7.37
C LEU E 129 12.94 -2.12 6.33
N ILE E 130 11.78 -1.57 6.74
CA ILE E 130 10.59 -1.40 5.87
C ILE E 130 10.94 -0.45 4.72
N GLU E 131 11.66 0.63 5.03
CA GLU E 131 12.08 1.63 4.02
C GLU E 131 13.06 0.99 3.03
N MET E 132 14.04 0.23 3.53
CA MET E 132 15.10 -0.44 2.71
C MET E 132 14.49 -1.21 1.54
N VAL E 133 13.38 -1.91 1.77
CA VAL E 133 12.78 -2.84 0.75
C VAL E 133 11.66 -2.13 -0.01
N GLY E 134 11.54 -0.82 0.13
CA GLY E 134 10.64 0.02 -0.70
C GLY E 134 9.30 0.27 -0.05
N GLY E 135 9.16 -0.06 1.24
CA GLY E 135 7.94 0.23 2.02
C GLY E 135 6.78 -0.70 1.69
N ALA E 136 5.65 -0.48 2.37
CA ALA E 136 4.39 -1.22 2.15
C ALA E 136 3.84 -0.87 0.77
N PRO E 137 3.07 -1.77 0.12
CA PRO E 137 2.75 -3.09 0.68
C PRO E 137 3.92 -4.06 0.53
N LEU E 138 4.11 -4.96 1.49
CA LEU E 138 5.16 -6.00 1.39
C LEU E 138 4.65 -7.31 1.99
N VAL E 139 5.26 -8.42 1.58
CA VAL E 139 4.95 -9.80 2.01
C VAL E 139 6.02 -10.22 3.01
N ILE E 140 5.61 -10.71 4.17
CA ILE E 140 6.54 -11.10 5.27
C ILE E 140 6.44 -12.61 5.46
N LYS E 141 7.57 -13.29 5.28
CA LYS E 141 7.72 -14.76 5.42
C LYS E 141 8.54 -15.05 6.67
N LEU E 142 8.11 -16.06 7.42
CA LEU E 142 8.79 -16.63 8.60
C LEU E 142 9.50 -17.93 8.16
N LEU E 143 10.80 -18.05 8.39
CA LEU E 143 11.62 -19.25 8.07
C LEU E 143 12.17 -19.85 9.37
N GLU E 144 12.08 -21.18 9.51
CA GLU E 144 12.80 -21.96 10.57
C GLU E 144 13.68 -22.99 9.85
N GLY E 145 14.99 -22.77 9.82
CA GLY E 145 15.95 -23.64 9.09
C GLY E 145 15.54 -23.79 7.64
N THR E 146 15.19 -25.01 7.20
CA THR E 146 14.94 -25.37 5.77
C THR E 146 13.43 -25.38 5.47
N GLN E 147 12.60 -24.72 6.29
CA GLN E 147 11.12 -24.75 6.18
C GLN E 147 10.52 -23.33 6.30
N GLY E 148 9.60 -22.99 5.40
CA GLY E 148 8.74 -21.80 5.50
C GLY E 148 7.59 -22.07 6.46
N ILE E 149 7.39 -21.18 7.44
CA ILE E 149 6.45 -21.38 8.58
C ILE E 149 5.15 -20.59 8.34
N GLY E 150 5.24 -19.40 7.75
CA GLY E 150 4.08 -18.50 7.58
C GLY E 150 4.33 -17.42 6.54
N VAL E 151 3.26 -16.86 5.94
CA VAL E 151 3.33 -15.84 4.85
C VAL E 151 2.20 -14.84 5.08
N VAL E 152 2.50 -13.55 5.10
CA VAL E 152 1.54 -12.47 5.47
C VAL E 152 1.65 -11.31 4.50
N LEU E 153 0.53 -10.87 3.92
CA LEU E 153 0.46 -9.60 3.16
C LEU E 153 0.22 -8.46 4.15
N CYS E 154 1.13 -7.48 4.19
CA CYS E 154 1.02 -6.25 5.01
C CYS E 154 0.80 -5.06 4.07
N GLU E 155 -0.43 -4.56 4.00
CA GLU E 155 -0.85 -3.55 2.99
C GLU E 155 -0.33 -2.16 3.37
N THR E 156 -0.07 -1.90 4.64
CA THR E 156 0.32 -0.56 5.18
C THR E 156 1.61 -0.67 6.02
N GLU E 157 2.32 0.44 6.19
CA GLU E 157 3.54 0.55 7.04
C GLU E 157 3.23 0.03 8.46
N LYS E 158 2.07 0.40 9.01
CA LYS E 158 1.71 0.07 10.42
C LYS E 158 1.45 -1.43 10.54
N ALA E 159 0.88 -2.06 9.50
CA ALA E 159 0.64 -3.53 9.45
C ALA E 159 1.99 -4.26 9.40
N ALA E 160 2.93 -3.79 8.57
CA ALA E 160 4.31 -4.32 8.50
C ALA E 160 4.98 -4.17 9.86
N GLU E 161 4.86 -3.01 10.51
CA GLU E 161 5.49 -2.75 11.84
C GLU E 161 4.96 -3.78 12.85
N SER E 162 3.65 -4.05 12.85
CA SER E 162 2.98 -4.93 13.83
C SER E 162 3.40 -6.39 13.61
N VAL E 163 3.36 -6.86 12.37
CA VAL E 163 3.75 -8.25 12.00
C VAL E 163 5.22 -8.47 12.37
N LEU E 164 6.12 -7.54 12.06
CA LEU E 164 7.57 -7.68 12.36
C LEU E 164 7.79 -7.71 13.86
N GLU E 165 7.11 -6.84 14.61
CA GLU E 165 7.21 -6.81 16.10
C GLU E 165 6.71 -8.16 16.66
N ALA E 166 5.61 -8.68 16.11
CA ALA E 166 4.99 -9.96 16.53
C ALA E 166 5.97 -11.11 16.31
N PHE E 167 6.57 -11.17 15.12
CA PHE E 167 7.42 -12.31 14.69
C PHE E 167 8.81 -12.22 15.31
N MET E 168 9.21 -11.04 15.77
CA MET E 168 10.52 -10.86 16.44
C MET E 168 10.54 -11.60 17.78
N GLY E 169 9.38 -11.88 18.38
CA GLY E 169 9.26 -12.66 19.62
C GLY E 169 9.30 -14.16 19.38
N LEU E 170 9.28 -14.62 18.12
CA LEU E 170 9.31 -16.06 17.78
C LEU E 170 10.75 -16.54 17.57
N LYS E 171 11.74 -15.63 17.50
CA LYS E 171 13.17 -15.99 17.28
C LYS E 171 13.34 -16.85 16.02
N HIS E 172 12.59 -16.57 14.95
CA HIS E 172 12.70 -17.21 13.61
C HIS E 172 13.40 -16.24 12.65
N ASN E 173 13.78 -16.70 11.45
CA ASN E 173 14.39 -15.83 10.41
C ASN E 173 13.25 -15.19 9.61
N ILE E 174 13.37 -13.91 9.28
CA ILE E 174 12.28 -13.11 8.66
C ILE E 174 12.73 -12.64 7.27
N MET E 175 11.92 -12.96 6.27
CA MET E 175 12.04 -12.45 4.88
C MET E 175 10.98 -11.36 4.69
N VAL E 176 11.38 -10.21 4.14
CA VAL E 176 10.47 -9.11 3.74
C VAL E 176 10.64 -8.92 2.22
N GLN E 177 9.55 -8.99 1.46
CA GLN E 177 9.56 -8.83 -0.02
C GLN E 177 8.56 -7.77 -0.46
N GLU E 178 8.90 -6.97 -1.46
CA GLU E 178 7.92 -6.11 -2.17
C GLU E 178 6.80 -7.03 -2.65
N TYR E 179 5.55 -6.57 -2.49
CA TYR E 179 4.34 -7.21 -3.03
C TYR E 179 4.24 -6.81 -4.50
N ILE E 180 4.26 -7.82 -5.39
CA ILE E 180 4.08 -7.65 -6.86
C ILE E 180 2.57 -7.67 -7.15
N LYS E 181 1.90 -6.54 -6.91
CA LYS E 181 0.44 -6.40 -7.11
C LYS E 181 0.11 -6.51 -8.60
N GLU E 182 1.02 -6.07 -9.49
CA GLU E 182 0.76 -5.98 -10.96
C GLU E 182 0.58 -7.38 -11.56
N ALA E 183 0.99 -8.44 -10.87
CA ALA E 183 0.79 -9.85 -11.28
C ALA E 183 -0.68 -10.25 -11.14
N GLY E 184 -1.48 -9.47 -10.42
CA GLY E 184 -2.94 -9.69 -10.26
C GLY E 184 -3.24 -11.06 -9.69
N GLY E 185 -2.45 -11.54 -8.72
CA GLY E 185 -2.66 -12.81 -8.00
C GLY E 185 -2.29 -14.03 -8.83
N ALA E 186 -1.67 -13.86 -10.00
CA ALA E 186 -1.22 -14.95 -10.90
C ALA E 186 0.29 -15.17 -10.72
N ASP E 187 0.73 -16.42 -10.89
CA ASP E 187 2.17 -16.77 -11.03
C ASP E 187 2.29 -17.84 -12.11
N ILE E 188 3.49 -17.98 -12.67
CA ILE E 188 3.81 -19.00 -13.71
C ILE E 188 4.66 -20.09 -13.04
N ARG E 189 4.23 -21.35 -13.10
CA ARG E 189 5.08 -22.51 -12.71
C ARG E 189 5.69 -23.08 -13.99
N CYS E 190 7.01 -22.98 -14.10
CA CYS E 190 7.82 -23.53 -15.21
C CYS E 190 8.49 -24.82 -14.73
N PHE E 191 8.18 -25.95 -15.37
CA PHE E 191 8.79 -27.26 -15.06
C PHE E 191 10.04 -27.40 -15.93
N VAL E 192 11.21 -27.30 -15.31
CA VAL E 192 12.54 -27.35 -15.97
C VAL E 192 13.12 -28.77 -15.86
N VAL E 193 13.51 -29.36 -16.98
CA VAL E 193 14.28 -30.64 -17.09
C VAL E 193 15.43 -30.42 -18.06
N GLY E 194 16.67 -30.59 -17.58
CA GLY E 194 17.92 -30.43 -18.34
C GLY E 194 18.00 -29.21 -19.23
N ASP E 195 17.90 -27.99 -18.68
CA ASP E 195 18.11 -26.71 -19.39
C ASP E 195 17.04 -26.44 -20.48
N LYS E 196 15.86 -27.01 -20.28
CA LYS E 196 14.63 -26.78 -21.10
C LYS E 196 13.42 -26.65 -20.15
N VAL E 197 12.53 -25.70 -20.41
CA VAL E 197 11.16 -25.68 -19.82
C VAL E 197 10.30 -26.63 -20.66
N ILE E 198 9.91 -27.77 -20.10
CA ILE E 198 9.18 -28.86 -20.81
C ILE E 198 7.67 -28.65 -20.64
N ALA E 199 7.25 -27.81 -19.71
CA ALA E 199 5.82 -27.56 -19.39
C ALA E 199 5.71 -26.33 -18.48
N SER E 200 4.59 -25.62 -18.57
CA SER E 200 4.28 -24.44 -17.74
C SER E 200 2.76 -24.30 -17.56
N MET E 201 2.36 -23.59 -16.52
CA MET E 201 0.94 -23.32 -16.21
C MET E 201 0.86 -21.98 -15.47
N LYS E 202 -0.28 -21.29 -15.61
CA LYS E 202 -0.64 -20.09 -14.81
C LYS E 202 -1.48 -20.57 -13.63
N ARG E 203 -1.11 -20.18 -12.42
CA ARG E 203 -1.91 -20.39 -11.19
C ARG E 203 -2.52 -19.04 -10.78
N GLN E 204 -3.86 -18.98 -10.69
CA GLN E 204 -4.61 -17.76 -10.34
C GLN E 204 -5.22 -17.95 -8.95
N ALA E 205 -4.89 -17.07 -8.00
CA ALA E 205 -5.48 -17.06 -6.63
C ALA E 205 -6.94 -16.61 -6.73
N ALA E 206 -7.81 -17.16 -5.88
CA ALA E 206 -9.23 -16.73 -5.73
C ALA E 206 -9.27 -15.23 -5.43
N PRO E 207 -10.32 -14.49 -5.86
CA PRO E 207 -10.39 -13.05 -5.57
C PRO E 207 -10.23 -12.80 -4.06
N GLY E 208 -9.38 -11.83 -3.68
CA GLY E 208 -9.02 -11.56 -2.28
C GLY E 208 -7.71 -12.23 -1.89
N GLU E 209 -7.72 -13.55 -1.70
CA GLU E 209 -6.52 -14.39 -1.40
C GLU E 209 -5.41 -14.01 -2.39
N PHE E 210 -4.22 -13.70 -1.88
CA PHE E 210 -3.01 -13.35 -2.67
C PHE E 210 -2.18 -14.62 -2.93
N ARG E 211 -2.23 -15.59 -2.00
CA ARG E 211 -1.56 -16.92 -2.13
C ARG E 211 -2.33 -17.76 -3.15
N SER E 212 -1.66 -18.26 -4.20
CA SER E 212 -2.25 -18.89 -5.41
C SER E 212 -2.03 -20.41 -5.44
N ASN E 213 -1.79 -21.04 -4.28
CA ASN E 213 -1.79 -22.52 -4.12
C ASN E 213 -3.18 -23.03 -4.54
N LEU E 214 -3.22 -24.17 -5.25
CA LEU E 214 -4.46 -24.95 -5.54
C LEU E 214 -5.00 -25.51 -4.21
N HIS E 215 -4.09 -25.79 -3.27
CA HIS E 215 -4.35 -26.12 -1.84
C HIS E 215 -5.10 -24.97 -1.14
N ARG E 216 -4.81 -23.72 -1.51
CA ARG E 216 -5.42 -22.49 -0.93
C ARG E 216 -6.62 -22.02 -1.78
N GLY E 217 -7.18 -22.89 -2.63
CA GLY E 217 -8.46 -22.67 -3.36
C GLY E 217 -8.30 -21.79 -4.59
N GLY E 218 -7.23 -22.00 -5.38
CA GLY E 218 -6.94 -21.24 -6.61
C GLY E 218 -6.99 -22.13 -7.84
N SER E 219 -7.28 -21.55 -9.02
CA SER E 219 -7.42 -22.25 -10.32
C SER E 219 -6.10 -22.21 -11.11
N ALA E 220 -5.94 -23.16 -12.04
CA ALA E 220 -4.78 -23.30 -12.96
C ALA E 220 -5.24 -23.27 -14.41
N SER E 221 -4.38 -22.81 -15.33
CA SER E 221 -4.67 -22.71 -16.78
C SER E 221 -3.38 -22.83 -17.59
N LEU E 222 -3.51 -23.16 -18.88
CA LEU E 222 -2.41 -23.15 -19.88
C LEU E 222 -1.91 -21.72 -20.07
N ILE E 223 -0.63 -21.57 -20.42
CA ILE E 223 0.03 -20.24 -20.63
C ILE E 223 1.13 -20.38 -21.68
N LYS E 224 1.26 -19.38 -22.56
CA LYS E 224 2.43 -19.21 -23.46
C LYS E 224 3.41 -18.28 -22.76
N ILE E 225 4.56 -18.81 -22.29
CA ILE E 225 5.60 -18.01 -21.58
C ILE E 225 6.43 -17.23 -22.59
N THR E 226 6.93 -16.06 -22.20
CA THR E 226 7.81 -15.20 -23.04
C THR E 226 9.17 -15.86 -23.11
N PRO E 227 9.96 -15.60 -24.17
CA PRO E 227 11.36 -16.05 -24.20
C PRO E 227 12.15 -15.62 -22.97
N GLU E 228 11.86 -14.47 -22.37
CA GLU E 228 12.60 -13.99 -21.19
C GLU E 228 12.25 -14.84 -19.95
N GLU E 229 10.98 -15.22 -19.81
CA GLU E 229 10.49 -16.10 -18.69
C GLU E 229 11.14 -17.47 -18.81
N ARG E 230 11.11 -18.04 -20.02
CA ARG E 230 11.74 -19.33 -20.37
C ARG E 230 13.22 -19.32 -19.97
N MET E 231 13.98 -18.31 -20.39
CA MET E 231 15.42 -18.17 -20.09
C MET E 231 15.63 -18.03 -18.57
N THR E 232 14.79 -17.23 -17.90
CA THR E 232 14.88 -16.99 -16.43
C THR E 232 14.71 -18.31 -15.68
N ALA E 233 13.68 -19.10 -16.03
CA ALA E 233 13.40 -20.41 -15.41
C ALA E 233 14.61 -21.34 -15.57
N ILE E 234 15.13 -21.45 -16.79
CA ILE E 234 16.29 -22.33 -17.14
C ILE E 234 17.51 -21.87 -16.35
N ARG E 235 17.81 -20.56 -16.32
CA ARG E 235 19.01 -20.01 -15.64
C ARG E 235 18.92 -20.25 -14.14
N ALA E 236 17.74 -20.03 -13.54
CA ALA E 236 17.50 -20.23 -12.10
C ALA E 236 17.86 -21.67 -11.71
N ALA E 237 17.38 -22.64 -12.47
CA ALA E 237 17.68 -24.09 -12.27
C ALA E 237 19.18 -24.33 -12.39
N ARG E 238 19.82 -23.80 -13.43
CA ARG E 238 21.27 -24.04 -13.71
C ARG E 238 22.09 -23.41 -12.58
N VAL E 239 21.73 -22.21 -12.14
CA VAL E 239 22.43 -21.47 -11.05
C VAL E 239 22.34 -22.29 -9.76
N MET E 240 21.18 -22.89 -9.47
CA MET E 240 20.95 -23.73 -8.27
C MET E 240 21.68 -25.07 -8.41
N GLY E 241 22.07 -25.46 -9.63
CA GLY E 241 22.78 -26.73 -9.91
C GLY E 241 21.82 -27.90 -9.99
N LEU E 242 20.56 -27.64 -10.35
CA LEU E 242 19.45 -28.63 -10.41
C LEU E 242 19.17 -28.99 -11.87
N ASN E 243 19.04 -30.27 -12.16
CA ASN E 243 18.68 -30.81 -13.50
C ASN E 243 17.16 -30.81 -13.64
N VAL E 244 16.43 -31.05 -12.56
CA VAL E 244 14.94 -31.01 -12.52
C VAL E 244 14.51 -30.03 -11.42
N ALA E 245 13.70 -29.03 -11.78
CA ALA E 245 13.23 -27.98 -10.85
C ALA E 245 11.89 -27.41 -11.31
N GLY E 246 11.01 -27.15 -10.34
CA GLY E 246 9.86 -26.24 -10.50
C GLY E 246 10.28 -24.82 -10.17
N VAL E 247 10.17 -23.91 -11.13
CA VAL E 247 10.51 -22.47 -10.94
C VAL E 247 9.19 -21.69 -11.04
N ASP E 248 8.86 -20.93 -10.00
CA ASP E 248 7.67 -20.06 -9.92
C ASP E 248 8.12 -18.63 -10.29
N ILE E 249 7.40 -17.99 -11.21
CA ILE E 249 7.75 -16.66 -11.75
C ILE E 249 6.55 -15.73 -11.64
N LEU E 250 6.78 -14.49 -11.22
CA LEU E 250 5.79 -13.38 -11.24
C LEU E 250 6.13 -12.46 -12.42
N ARG E 251 5.12 -12.13 -13.23
CA ARG E 251 5.23 -11.12 -14.32
C ARG E 251 5.12 -9.72 -13.68
N SER E 252 6.25 -9.09 -13.41
CA SER E 252 6.34 -7.77 -12.74
C SER E 252 6.62 -6.69 -13.78
N ASN E 253 6.55 -5.43 -13.36
CA ASN E 253 6.88 -4.24 -14.17
C ASN E 253 8.39 -4.15 -14.42
N HIS E 254 9.22 -4.91 -13.69
CA HIS E 254 10.68 -5.04 -13.92
C HIS E 254 11.04 -6.39 -14.54
N GLY E 255 10.08 -7.01 -15.25
CA GLY E 255 10.29 -8.30 -15.95
C GLY E 255 10.01 -9.49 -15.03
N PRO E 256 10.34 -10.73 -15.47
CA PRO E 256 10.03 -11.93 -14.70
C PRO E 256 10.88 -12.04 -13.44
N LEU E 257 10.24 -12.27 -12.30
CA LEU E 257 10.88 -12.42 -10.97
C LEU E 257 10.67 -13.85 -10.49
N VAL E 258 11.75 -14.52 -10.09
CA VAL E 258 11.73 -15.89 -9.52
C VAL E 258 11.27 -15.79 -8.06
N MET E 259 10.23 -16.55 -7.68
CA MET E 259 9.67 -16.62 -6.30
C MET E 259 10.22 -17.84 -5.57
N GLU E 260 10.31 -18.95 -6.29
CA GLU E 260 10.59 -20.30 -5.72
C GLU E 260 11.40 -21.08 -6.75
N VAL E 261 12.43 -21.79 -6.30
CA VAL E 261 13.08 -22.89 -7.05
C VAL E 261 12.97 -24.16 -6.21
N ASN E 262 12.11 -25.09 -6.62
CA ASN E 262 11.80 -26.34 -5.91
C ASN E 262 12.56 -27.50 -6.56
N SER E 263 13.35 -28.23 -5.76
CA SER E 263 14.17 -29.41 -6.17
C SER E 263 13.32 -30.66 -6.31
N SER E 264 12.08 -30.64 -5.81
CA SER E 264 11.15 -31.79 -5.77
C SER E 264 9.75 -31.31 -6.13
N PRO E 265 9.54 -30.81 -7.37
CA PRO E 265 8.26 -30.23 -7.77
C PRO E 265 7.17 -31.30 -7.92
N GLY E 266 5.94 -30.95 -7.57
CA GLY E 266 4.75 -31.79 -7.77
C GLY E 266 4.48 -32.00 -9.24
N LEU E 267 3.86 -33.13 -9.60
CA LEU E 267 3.49 -33.44 -11.01
C LEU E 267 1.98 -33.27 -11.22
N GLU E 268 1.16 -33.33 -10.15
CA GLU E 268 -0.32 -33.41 -10.28
C GLU E 268 -0.85 -32.17 -11.02
N GLY E 269 -0.59 -30.98 -10.48
CA GLY E 269 -1.08 -29.70 -11.06
C GLY E 269 -0.68 -29.56 -12.51
N ILE E 270 0.61 -29.69 -12.80
CA ILE E 270 1.21 -29.43 -14.15
C ILE E 270 0.72 -30.50 -15.14
N GLU E 271 0.59 -31.76 -14.72
CA GLU E 271 0.19 -32.87 -15.63
C GLU E 271 -1.29 -32.75 -15.99
N SER E 272 -2.16 -32.49 -15.02
CA SER E 272 -3.63 -32.40 -15.24
C SER E 272 -3.97 -31.18 -16.10
N THR E 273 -3.17 -30.10 -16.05
CA THR E 273 -3.40 -28.84 -16.80
C THR E 273 -2.85 -28.97 -18.23
N THR E 274 -1.65 -29.52 -18.41
CA THR E 274 -0.97 -29.61 -19.74
C THR E 274 -1.31 -30.92 -20.46
N GLY E 275 -1.57 -32.00 -19.72
CA GLY E 275 -1.83 -33.35 -20.27
C GLY E 275 -0.55 -34.05 -20.70
N LYS E 276 0.61 -33.50 -20.35
CA LYS E 276 1.95 -34.01 -20.76
C LYS E 276 2.42 -35.11 -19.79
N ASP E 277 3.12 -36.10 -20.33
CA ASP E 277 3.79 -37.20 -19.55
C ASP E 277 5.09 -36.64 -18.97
N ILE E 278 4.99 -35.87 -17.88
CA ILE E 278 6.16 -35.20 -17.22
C ILE E 278 7.02 -36.29 -16.59
N ALA E 279 6.41 -37.25 -15.89
CA ALA E 279 7.08 -38.40 -15.27
C ALA E 279 7.95 -39.10 -16.33
N GLY E 280 7.36 -39.38 -17.50
CA GLY E 280 8.05 -39.98 -18.66
C GLY E 280 9.28 -39.18 -19.08
N ILE E 281 9.15 -37.86 -19.19
CA ILE E 281 10.24 -36.95 -19.64
C ILE E 281 11.39 -37.02 -18.63
N ILE E 282 11.07 -37.12 -17.34
CA ILE E 282 12.06 -37.25 -16.23
C ILE E 282 12.80 -38.58 -16.41
N ILE E 283 12.07 -39.66 -16.67
CA ILE E 283 12.67 -41.01 -16.88
C ILE E 283 13.60 -40.91 -18.10
N GLN E 284 13.13 -40.27 -19.19
CA GLN E 284 13.92 -40.07 -20.43
C GLN E 284 15.23 -39.36 -20.08
N TYR E 285 15.20 -38.34 -19.21
CA TYR E 285 16.40 -37.60 -18.79
C TYR E 285 17.41 -38.59 -18.18
N LEU E 286 16.95 -39.52 -17.34
CA LEU E 286 17.83 -40.48 -16.65
C LEU E 286 18.44 -41.44 -17.68
N GLU E 287 17.65 -41.88 -18.65
CA GLU E 287 18.09 -42.77 -19.76
C GLU E 287 19.26 -42.11 -20.51
N LYS E 288 19.14 -40.82 -20.84
CA LYS E 288 20.10 -40.07 -21.69
C LYS E 288 21.37 -39.68 -20.91
N ASN E 289 21.35 -39.67 -19.57
CA ASN E 289 22.44 -39.10 -18.72
C ASN E 289 22.95 -40.11 -17.69
N GLY E 290 22.21 -41.20 -17.42
CA GLY E 290 22.70 -42.43 -16.77
C GLY E 290 22.66 -43.61 -17.73
N MET F 1 -51.95 29.57 -29.85
CA MET F 1 -50.81 30.38 -29.36
C MET F 1 -49.61 30.25 -30.31
N LYS F 2 -48.76 31.27 -30.35
CA LYS F 2 -47.40 31.21 -30.94
C LYS F 2 -46.39 31.00 -29.80
N ILE F 3 -45.68 29.87 -29.81
CA ILE F 3 -44.80 29.43 -28.70
C ILE F 3 -43.37 29.26 -29.23
N ALA F 4 -42.42 29.97 -28.64
CA ALA F 4 -40.98 29.81 -28.87
C ALA F 4 -40.46 28.68 -27.96
N VAL F 5 -39.62 27.81 -28.50
CA VAL F 5 -38.83 26.80 -27.73
C VAL F 5 -37.36 27.19 -27.86
N LEU F 6 -36.77 27.72 -26.78
CA LEU F 6 -35.32 28.03 -26.73
C LEU F 6 -34.56 26.72 -26.56
N SER F 7 -34.06 26.18 -27.67
CA SER F 7 -33.31 24.90 -27.73
C SER F 7 -32.23 25.03 -28.82
N ARG F 8 -31.02 24.55 -28.52
CA ARG F 8 -29.86 24.65 -29.43
C ARG F 8 -29.95 23.59 -30.52
N ASN F 9 -30.82 22.59 -30.34
CA ASN F 9 -30.92 21.43 -31.27
C ASN F 9 -32.38 21.00 -31.40
N PRO F 10 -33.04 21.26 -32.54
CA PRO F 10 -34.43 20.85 -32.76
C PRO F 10 -34.63 19.35 -32.99
N ARG F 11 -33.56 18.57 -33.11
CA ARG F 11 -33.61 17.10 -33.34
C ARG F 11 -33.65 16.34 -32.00
N LEU F 12 -33.34 17.00 -30.88
CA LEU F 12 -33.39 16.42 -29.52
C LEU F 12 -34.81 15.93 -29.22
N TYR F 13 -34.94 14.76 -28.58
CA TYR F 13 -36.23 14.10 -28.27
C TYR F 13 -37.19 15.12 -27.63
N SER F 14 -36.75 15.81 -26.57
CA SER F 14 -37.59 16.71 -25.74
C SER F 14 -38.10 17.89 -26.57
N THR F 15 -37.22 18.49 -27.38
CA THR F 15 -37.57 19.65 -28.25
C THR F 15 -38.54 19.20 -29.35
N ARG F 16 -38.23 18.09 -30.04
CA ARG F 16 -39.11 17.47 -31.07
C ARG F 16 -40.52 17.27 -30.48
N ARG F 17 -40.60 16.64 -29.30
CA ARG F 17 -41.87 16.24 -28.64
C ARG F 17 -42.67 17.49 -28.25
N LEU F 18 -42.02 18.51 -27.70
CA LEU F 18 -42.69 19.79 -27.32
C LEU F 18 -43.28 20.43 -28.59
N VAL F 19 -42.53 20.43 -29.69
CA VAL F 19 -42.97 20.96 -31.03
C VAL F 19 -44.17 20.13 -31.52
N GLU F 20 -44.03 18.80 -31.48
CA GLU F 20 -45.08 17.83 -31.90
C GLU F 20 -46.38 18.10 -31.12
N ALA F 21 -46.29 18.11 -29.79
CA ALA F 21 -47.44 18.25 -28.86
C ALA F 21 -48.13 19.59 -29.08
N GLY F 22 -47.35 20.66 -29.24
CA GLY F 22 -47.87 22.02 -29.51
C GLY F 22 -48.70 22.06 -30.78
N ARG F 23 -48.22 21.39 -31.84
CA ARG F 23 -48.85 21.40 -33.18
C ARG F 23 -50.12 20.54 -33.18
N GLU F 24 -50.10 19.38 -32.52
CA GLU F 24 -51.31 18.54 -32.28
C GLU F 24 -52.44 19.40 -31.72
N ARG F 25 -52.12 20.40 -30.91
CA ARG F 25 -53.09 21.21 -30.11
C ARG F 25 -53.29 22.58 -30.76
N GLY F 26 -52.86 22.76 -32.01
CA GLY F 26 -53.25 23.89 -32.88
C GLY F 26 -52.37 25.11 -32.68
N HIS F 27 -51.21 24.97 -32.04
CA HIS F 27 -50.27 26.09 -31.74
C HIS F 27 -49.21 26.19 -32.84
N GLU F 28 -48.71 27.40 -33.10
CA GLU F 28 -47.53 27.65 -33.95
C GLU F 28 -46.27 27.52 -33.07
N MET F 29 -45.50 26.46 -33.28
CA MET F 29 -44.29 26.13 -32.48
C MET F 29 -43.04 26.51 -33.30
N VAL F 30 -42.21 27.42 -32.79
CA VAL F 30 -40.96 27.89 -33.46
C VAL F 30 -39.78 27.57 -32.54
N VAL F 31 -38.83 26.76 -33.00
CA VAL F 31 -37.56 26.47 -32.27
C VAL F 31 -36.57 27.59 -32.56
N ILE F 32 -36.18 28.32 -31.52
CA ILE F 32 -35.17 29.42 -31.55
C ILE F 32 -33.85 28.90 -30.95
N ASP F 33 -32.79 28.78 -31.76
CA ASP F 33 -31.43 28.48 -31.27
C ASP F 33 -30.98 29.65 -30.40
N THR F 34 -31.00 29.46 -29.08
CA THR F 34 -30.73 30.48 -28.05
C THR F 34 -29.55 31.37 -28.43
N LEU F 35 -28.45 30.80 -28.92
CA LEU F 35 -27.16 31.52 -29.12
C LEU F 35 -27.18 32.33 -30.42
N ARG F 36 -28.17 32.12 -31.29
CA ARG F 36 -28.30 32.81 -32.60
C ARG F 36 -29.28 33.98 -32.48
N ALA F 37 -29.95 34.11 -31.34
CA ALA F 37 -30.73 35.31 -30.96
C ALA F 37 -29.74 36.39 -30.49
N TYR F 38 -29.90 37.62 -30.99
CA TYR F 38 -29.13 38.81 -30.58
C TYR F 38 -30.12 39.94 -30.36
N MET F 39 -29.76 40.91 -29.51
CA MET F 39 -30.75 41.83 -28.92
C MET F 39 -30.15 43.22 -28.74
N ASN F 40 -31.02 44.21 -28.95
CA ASN F 40 -30.87 45.61 -28.50
C ASN F 40 -31.58 45.69 -27.15
N ILE F 41 -30.91 46.14 -26.08
CA ILE F 41 -31.52 46.19 -24.72
C ILE F 41 -31.87 47.66 -24.48
N ALA F 42 -30.88 48.53 -24.61
CA ALA F 42 -31.07 50.01 -24.48
C ALA F 42 -31.83 50.47 -25.73
N SER F 43 -32.92 51.23 -25.57
CA SER F 43 -33.63 51.97 -26.64
C SER F 43 -35.16 52.05 -26.34
N HIS F 44 -35.97 52.31 -27.36
CA HIS F 44 -37.36 52.83 -27.20
C HIS F 44 -38.37 51.70 -27.01
N LYS F 45 -38.00 50.43 -27.22
CA LYS F 45 -38.97 49.30 -27.35
C LYS F 45 -38.24 47.97 -27.46
N PRO F 46 -38.40 47.02 -26.50
CA PRO F 46 -37.53 45.86 -26.42
C PRO F 46 -37.82 44.85 -27.55
N GLN F 47 -36.76 44.41 -28.25
CA GLN F 47 -36.84 43.50 -29.41
C GLN F 47 -35.70 42.48 -29.36
N ILE F 48 -35.95 41.30 -29.96
CA ILE F 48 -35.00 40.17 -30.16
C ILE F 48 -34.92 39.93 -31.66
N HIS F 49 -33.72 39.96 -32.24
CA HIS F 49 -33.47 39.64 -33.67
C HIS F 49 -32.95 38.22 -33.79
N TYR F 50 -33.23 37.58 -34.92
CA TYR F 50 -32.91 36.16 -35.22
C TYR F 50 -32.80 36.00 -36.72
N ARG F 51 -31.61 35.69 -37.23
CA ARG F 51 -31.35 35.47 -38.68
C ARG F 51 -31.85 36.70 -39.45
N GLY F 52 -31.49 37.90 -39.00
CA GLY F 52 -31.68 39.17 -39.73
C GLY F 52 -33.03 39.84 -39.48
N GLN F 53 -33.98 39.16 -38.81
CA GLN F 53 -35.38 39.65 -38.65
C GLN F 53 -35.72 39.75 -37.17
N PRO F 54 -36.64 40.66 -36.76
CA PRO F 54 -37.17 40.67 -35.41
C PRO F 54 -38.11 39.48 -35.15
N LEU F 55 -38.18 39.02 -33.91
CA LEU F 55 -39.16 38.00 -33.44
C LEU F 55 -40.39 38.74 -32.87
N GLU F 56 -41.56 38.49 -33.47
CA GLU F 56 -42.82 39.21 -33.16
C GLU F 56 -43.96 38.21 -32.93
N GLY F 57 -44.93 38.60 -32.11
CA GLY F 57 -46.24 37.92 -31.95
C GLY F 57 -46.14 36.63 -31.17
N PHE F 58 -45.09 36.45 -30.36
CA PHE F 58 -44.95 35.26 -29.47
C PHE F 58 -45.83 35.46 -28.23
N ASP F 59 -46.62 34.46 -27.88
CA ASP F 59 -47.51 34.45 -26.68
C ASP F 59 -46.76 33.87 -25.50
N ALA F 60 -45.97 32.81 -25.71
CA ALA F 60 -45.25 32.08 -24.64
C ALA F 60 -43.90 31.59 -25.15
N VAL F 61 -43.02 31.23 -24.21
CA VAL F 61 -41.67 30.68 -24.51
C VAL F 61 -41.38 29.54 -23.54
N ILE F 62 -40.89 28.42 -24.08
CA ILE F 62 -40.40 27.22 -23.32
C ILE F 62 -38.88 27.27 -23.32
N PRO F 63 -38.24 27.66 -22.20
CA PRO F 63 -36.78 27.66 -22.11
C PRO F 63 -36.24 26.24 -21.89
N ARG F 64 -35.39 25.77 -22.82
CA ARG F 64 -34.59 24.53 -22.70
C ARG F 64 -33.12 24.96 -22.69
N ILE F 65 -32.73 25.75 -21.71
CA ILE F 65 -31.39 26.39 -21.63
C ILE F 65 -30.42 25.39 -20.98
N GLY F 66 -29.48 24.86 -21.75
CA GLY F 66 -28.37 24.02 -21.22
C GLY F 66 -27.54 24.77 -20.19
N ALA F 67 -26.96 24.05 -19.23
CA ALA F 67 -26.22 24.62 -18.06
C ALA F 67 -25.00 25.43 -18.53
N SER F 68 -24.36 25.04 -19.64
CA SER F 68 -23.13 25.73 -20.14
C SER F 68 -23.48 27.14 -20.67
N VAL F 69 -24.75 27.42 -20.99
CA VAL F 69 -25.18 28.71 -21.60
C VAL F 69 -26.25 29.38 -20.73
N THR F 70 -26.18 29.20 -19.40
CA THR F 70 -27.18 29.70 -18.44
C THR F 70 -27.30 31.23 -18.53
N PHE F 71 -26.16 31.94 -18.50
CA PHE F 71 -26.13 33.43 -18.44
C PHE F 71 -26.77 33.98 -19.71
N TYR F 72 -26.36 33.52 -20.89
CA TYR F 72 -26.86 34.07 -22.17
C TYR F 72 -28.32 33.65 -22.39
N GLY F 73 -28.63 32.39 -22.10
CA GLY F 73 -30.00 31.85 -22.22
C GLY F 73 -30.96 32.63 -21.34
N CYS F 74 -30.55 32.97 -20.12
CA CYS F 74 -31.39 33.74 -19.16
C CYS F 74 -31.57 35.18 -19.66
N ALA F 75 -30.57 35.76 -20.35
CA ALA F 75 -30.65 37.11 -20.95
C ALA F 75 -31.69 37.10 -22.08
N VAL F 76 -31.70 36.06 -22.93
CA VAL F 76 -32.67 35.93 -24.06
C VAL F 76 -34.08 35.74 -23.46
N LEU F 77 -34.21 34.91 -22.42
CA LEU F 77 -35.51 34.62 -21.76
C LEU F 77 -36.03 35.89 -21.09
N ARG F 78 -35.16 36.58 -20.36
CA ARG F 78 -35.47 37.86 -19.65
C ARG F 78 -36.03 38.88 -20.64
N GLN F 79 -35.46 38.92 -21.85
CA GLN F 79 -35.87 39.85 -22.93
C GLN F 79 -37.30 39.50 -23.37
N PHE F 80 -37.57 38.21 -23.64
CA PHE F 80 -38.93 37.70 -23.94
C PHE F 80 -39.89 38.16 -22.84
N GLU F 81 -39.50 38.00 -21.57
CA GLU F 81 -40.33 38.38 -20.39
C GLU F 81 -40.63 39.87 -20.45
N MET F 82 -39.62 40.72 -20.66
CA MET F 82 -39.78 42.20 -20.74
C MET F 82 -40.73 42.58 -21.88
N MET F 83 -40.80 41.76 -22.95
CA MET F 83 -41.67 42.00 -24.13
C MET F 83 -43.09 41.43 -23.89
N GLY F 84 -43.38 40.98 -22.66
CA GLY F 84 -44.72 40.50 -22.27
C GLY F 84 -45.00 39.05 -22.65
N VAL F 85 -43.99 38.30 -23.13
CA VAL F 85 -44.14 36.86 -23.49
C VAL F 85 -44.12 36.04 -22.21
N PHE F 86 -45.04 35.07 -22.09
CA PHE F 86 -45.22 34.23 -20.88
C PHE F 86 -44.16 33.12 -20.87
N PRO F 87 -43.26 33.09 -19.86
CA PRO F 87 -42.27 32.03 -19.75
C PRO F 87 -42.78 30.81 -18.98
N LEU F 88 -42.59 29.60 -19.51
CA LEU F 88 -42.97 28.34 -18.81
C LEU F 88 -42.33 28.36 -17.42
N ASN F 89 -41.03 28.69 -17.37
CA ASN F 89 -40.24 28.92 -16.15
C ASN F 89 -39.60 30.30 -16.24
N GLU F 90 -39.63 31.07 -15.16
CA GLU F 90 -39.06 32.44 -15.10
C GLU F 90 -37.52 32.37 -15.10
N SER F 91 -36.90 33.35 -15.73
CA SER F 91 -35.43 33.53 -15.84
C SER F 91 -34.78 33.49 -14.47
N VAL F 92 -35.32 34.21 -13.48
CA VAL F 92 -34.72 34.32 -12.11
C VAL F 92 -34.70 32.94 -11.46
N ALA F 93 -35.75 32.14 -11.68
CA ALA F 93 -35.88 30.78 -11.10
C ALA F 93 -34.88 29.81 -11.76
N ILE F 94 -34.71 29.89 -13.08
CA ILE F 94 -33.75 29.03 -13.83
C ILE F 94 -32.32 29.35 -13.36
N ALA F 95 -31.96 30.63 -13.29
CA ALA F 95 -30.64 31.09 -12.82
C ALA F 95 -30.40 30.56 -11.40
N ARG F 96 -31.38 30.71 -10.51
CA ARG F 96 -31.30 30.27 -9.09
C ARG F 96 -31.04 28.76 -9.04
N SER F 97 -31.78 27.96 -9.81
CA SER F 97 -31.71 26.48 -9.78
C SER F 97 -30.36 25.98 -10.33
N ARG F 98 -29.69 26.76 -11.19
CA ARG F 98 -28.41 26.36 -11.85
C ARG F 98 -27.22 26.65 -10.91
N ASP F 99 -27.41 27.51 -9.90
CA ASP F 99 -26.43 27.77 -8.81
C ASP F 99 -26.65 26.72 -7.72
N LYS F 100 -25.96 25.58 -7.80
CA LYS F 100 -26.19 24.41 -6.93
C LYS F 100 -26.02 24.80 -5.45
N LEU F 101 -25.03 25.62 -5.11
CA LEU F 101 -24.74 26.03 -3.72
C LEU F 101 -25.92 26.83 -3.17
N ARG F 102 -26.42 27.79 -3.95
CA ARG F 102 -27.56 28.65 -3.59
C ARG F 102 -28.83 27.79 -3.47
N SER F 103 -29.05 26.85 -4.38
CA SER F 103 -30.23 25.95 -4.39
C SER F 103 -30.29 25.17 -3.09
N LEU F 104 -29.18 24.54 -2.70
CA LEU F 104 -29.11 23.70 -1.47
C LEU F 104 -29.37 24.56 -0.24
N GLN F 105 -28.75 25.75 -0.14
CA GLN F 105 -28.93 26.66 1.00
C GLN F 105 -30.40 27.09 1.10
N LEU F 106 -31.07 27.31 -0.03
CA LEU F 106 -32.50 27.73 -0.04
C LEU F 106 -33.39 26.55 0.41
N LEU F 107 -33.22 25.38 -0.19
CA LEU F 107 -34.00 24.16 0.17
C LEU F 107 -33.82 23.85 1.66
N SER F 108 -32.58 23.95 2.16
CA SER F 108 -32.23 23.72 3.58
C SER F 108 -32.99 24.71 4.47
N ARG F 109 -32.88 26.01 4.17
CA ARG F 109 -33.56 27.11 4.89
C ARG F 109 -35.07 26.85 4.97
N LYS F 110 -35.67 26.27 3.92
CA LYS F 110 -37.14 26.04 3.83
C LYS F 110 -37.52 24.64 4.33
N GLY F 111 -36.60 23.94 5.00
CA GLY F 111 -36.88 22.64 5.67
C GLY F 111 -37.18 21.51 4.70
N ILE F 112 -36.70 21.57 3.46
CA ILE F 112 -36.77 20.43 2.50
C ILE F 112 -35.71 19.39 2.91
N GLY F 113 -36.06 18.11 2.86
CA GLY F 113 -35.14 16.99 3.18
C GLY F 113 -33.95 16.99 2.25
N LEU F 114 -32.73 17.02 2.81
CA LEU F 114 -31.45 17.02 2.07
C LEU F 114 -30.51 16.01 2.72
N PRO F 115 -29.55 15.44 1.97
CA PRO F 115 -28.44 14.73 2.60
C PRO F 115 -27.67 15.73 3.44
N VAL F 116 -27.11 15.31 4.57
CA VAL F 116 -26.14 16.16 5.32
C VAL F 116 -25.08 16.60 4.30
N THR F 117 -24.81 17.89 4.21
CA THR F 117 -24.05 18.51 3.10
C THR F 117 -23.12 19.60 3.64
N GLY F 118 -21.88 19.63 3.12
CA GLY F 118 -20.87 20.65 3.41
C GLY F 118 -20.39 21.31 2.12
N PHE F 119 -19.94 22.56 2.19
CA PHE F 119 -19.28 23.30 1.08
C PHE F 119 -17.86 23.64 1.50
N ALA F 120 -16.95 23.60 0.54
CA ALA F 120 -15.54 24.00 0.75
C ALA F 120 -14.96 24.43 -0.59
N HIS F 121 -13.84 25.16 -0.53
CA HIS F 121 -13.00 25.46 -1.71
C HIS F 121 -11.55 25.09 -1.37
N SER F 122 -10.94 25.82 -0.45
CA SER F 122 -9.53 25.62 0.02
C SER F 122 -9.52 25.54 1.55
N PRO F 123 -10.20 24.55 2.16
CA PRO F 123 -10.27 24.43 3.61
C PRO F 123 -8.90 24.08 4.22
N ASP F 124 -8.56 24.72 5.35
CA ASP F 124 -7.26 24.54 6.06
C ASP F 124 -7.34 23.28 6.93
N ASP F 125 -8.54 22.85 7.33
CA ASP F 125 -8.79 21.71 8.24
C ASP F 125 -9.74 20.73 7.56
N VAL F 126 -9.20 19.85 6.72
CA VAL F 126 -9.97 18.85 5.93
C VAL F 126 -10.61 17.84 6.88
N PRO F 127 -9.88 17.30 7.89
CA PRO F 127 -10.49 16.39 8.86
C PRO F 127 -11.72 16.97 9.55
N ASP F 128 -11.71 18.27 9.88
CA ASP F 128 -12.85 18.98 10.50
C ASP F 128 -14.05 18.96 9.54
N LEU F 129 -13.83 19.29 8.27
CA LEU F 129 -14.87 19.26 7.21
C LEU F 129 -15.48 17.86 7.11
N ILE F 130 -14.64 16.83 7.10
CA ILE F 130 -15.08 15.41 6.95
C ILE F 130 -15.91 15.02 8.17
N GLU F 131 -15.49 15.46 9.37
CA GLU F 131 -16.22 15.20 10.64
C GLU F 131 -17.58 15.89 10.61
N MET F 132 -17.63 17.16 10.16
CA MET F 132 -18.85 18.00 10.12
C MET F 132 -19.99 17.27 9.42
N VAL F 133 -19.70 16.56 8.33
CA VAL F 133 -20.73 15.92 7.46
C VAL F 133 -20.93 14.45 7.84
N GLY F 134 -20.35 14.02 8.97
CA GLY F 134 -20.61 12.69 9.55
C GLY F 134 -19.58 11.64 9.14
N GLY F 135 -18.46 12.06 8.54
CA GLY F 135 -17.31 11.18 8.22
C GLY F 135 -17.56 10.30 7.00
N ALA F 136 -16.58 9.49 6.61
CA ALA F 136 -16.66 8.56 5.47
C ALA F 136 -17.63 7.44 5.81
N PRO F 137 -18.31 6.80 4.82
CA PRO F 137 -18.16 7.15 3.41
C PRO F 137 -18.95 8.42 3.08
N LEU F 138 -18.43 9.25 2.16
CA LEU F 138 -19.17 10.44 1.69
C LEU F 138 -18.95 10.60 0.19
N VAL F 139 -19.85 11.38 -0.44
CA VAL F 139 -19.82 11.73 -1.88
C VAL F 139 -19.22 13.12 -2.01
N ILE F 140 -18.24 13.29 -2.90
CA ILE F 140 -17.66 14.60 -3.25
C ILE F 140 -18.13 14.99 -4.66
N LYS F 141 -18.80 16.14 -4.76
CA LYS F 141 -19.26 16.76 -6.02
C LYS F 141 -18.38 17.97 -6.30
N LEU F 142 -17.90 18.06 -7.54
CA LEU F 142 -17.04 19.15 -8.04
C LEU F 142 -17.91 20.07 -8.90
N LEU F 143 -17.95 21.37 -8.57
CA LEU F 143 -18.75 22.40 -9.31
C LEU F 143 -17.80 23.42 -9.93
N GLU F 144 -18.01 23.77 -11.19
CA GLU F 144 -17.37 24.93 -11.86
C GLU F 144 -18.49 25.87 -12.33
N GLY F 145 -18.67 27.00 -11.64
CA GLY F 145 -19.80 27.92 -11.88
C GLY F 145 -21.13 27.19 -11.82
N THR F 146 -21.86 27.16 -12.95
CA THR F 146 -23.27 26.65 -13.05
C THR F 146 -23.29 25.22 -13.58
N GLN F 147 -22.17 24.48 -13.49
CA GLN F 147 -22.03 23.11 -14.06
C GLN F 147 -21.39 22.15 -13.03
N GLY F 148 -21.99 20.97 -12.88
CA GLY F 148 -21.41 19.84 -12.12
C GLY F 148 -20.38 19.12 -12.98
N ILE F 149 -19.16 18.93 -12.47
CA ILE F 149 -17.98 18.43 -13.22
C ILE F 149 -17.75 16.95 -12.93
N GLY F 150 -17.99 16.52 -11.68
CA GLY F 150 -17.86 15.11 -11.29
C GLY F 150 -18.58 14.81 -9.99
N VAL F 151 -18.78 13.52 -9.74
CA VAL F 151 -19.41 12.96 -8.50
C VAL F 151 -18.63 11.69 -8.14
N VAL F 152 -18.11 11.62 -6.93
CA VAL F 152 -17.07 10.61 -6.53
C VAL F 152 -17.42 10.06 -5.16
N LEU F 153 -17.44 8.73 -5.04
CA LEU F 153 -17.57 8.02 -3.75
C LEU F 153 -16.18 7.93 -3.11
N CYS F 154 -16.05 8.47 -1.90
CA CYS F 154 -14.86 8.31 -1.03
C CYS F 154 -15.23 7.38 0.12
N GLU F 155 -14.80 6.12 0.07
CA GLU F 155 -15.26 5.04 0.99
C GLU F 155 -14.60 5.21 2.36
N THR F 156 -13.43 5.86 2.43
CA THR F 156 -12.59 6.00 3.64
C THR F 156 -12.24 7.47 3.87
N GLU F 157 -11.89 7.82 5.11
CA GLU F 157 -11.41 9.18 5.52
C GLU F 157 -10.23 9.58 4.63
N LYS F 158 -9.30 8.65 4.38
CA LYS F 158 -8.03 8.92 3.64
C LYS F 158 -8.37 9.21 2.17
N ALA F 159 -9.37 8.56 1.59
CA ALA F 159 -9.83 8.80 0.20
C ALA F 159 -10.44 10.20 0.10
N ALA F 160 -11.27 10.60 1.07
CA ALA F 160 -11.85 11.96 1.15
C ALA F 160 -10.69 12.98 1.28
N GLU F 161 -9.72 12.72 2.16
CA GLU F 161 -8.55 13.61 2.39
C GLU F 161 -7.80 13.80 1.06
N SER F 162 -7.58 12.75 0.29
CA SER F 162 -6.78 12.75 -0.95
C SER F 162 -7.50 13.52 -2.06
N VAL F 163 -8.80 13.29 -2.25
CA VAL F 163 -9.61 14.04 -3.27
C VAL F 163 -9.57 15.55 -2.94
N LEU F 164 -9.77 15.92 -1.68
CA LEU F 164 -9.82 17.34 -1.24
C LEU F 164 -8.43 17.96 -1.42
N GLU F 165 -7.36 17.26 -1.06
CA GLU F 165 -5.96 17.73 -1.23
C GLU F 165 -5.67 17.92 -2.73
N ALA F 166 -6.14 17.01 -3.58
CA ALA F 166 -5.95 17.06 -5.04
C ALA F 166 -6.65 18.31 -5.61
N PHE F 167 -7.90 18.54 -5.20
CA PHE F 167 -8.75 19.61 -5.77
C PHE F 167 -8.39 20.97 -5.17
N MET F 168 -7.67 21.00 -4.04
CA MET F 168 -7.20 22.26 -3.43
C MET F 168 -6.17 22.88 -4.41
N GLY F 169 -6.43 24.10 -4.84
CA GLY F 169 -5.60 24.81 -5.84
C GLY F 169 -6.05 24.52 -7.25
N LEU F 170 -7.07 23.67 -7.48
CA LEU F 170 -7.65 23.48 -8.84
C LEU F 170 -8.87 24.38 -9.06
N LYS F 171 -9.25 25.22 -8.08
CA LYS F 171 -10.20 26.35 -8.30
C LYS F 171 -11.56 25.77 -8.70
N HIS F 172 -11.96 24.63 -8.14
CA HIS F 172 -13.37 24.15 -8.20
C HIS F 172 -14.03 24.43 -6.85
N ASN F 173 -15.35 24.56 -6.86
CA ASN F 173 -16.20 24.57 -5.64
C ASN F 173 -16.52 23.12 -5.31
N ILE F 174 -16.45 22.76 -4.02
CA ILE F 174 -16.55 21.34 -3.57
C ILE F 174 -17.77 21.20 -2.67
N MET F 175 -18.64 20.25 -3.00
CA MET F 175 -19.74 19.76 -2.15
C MET F 175 -19.33 18.42 -1.55
N VAL F 176 -19.50 18.27 -0.22
CA VAL F 176 -19.29 17.00 0.50
C VAL F 176 -20.64 16.58 1.09
N GLN F 177 -21.11 15.36 0.77
CA GLN F 177 -22.43 14.83 1.20
C GLN F 177 -22.25 13.45 1.86
N GLU F 178 -23.04 13.17 2.88
CA GLU F 178 -23.20 11.79 3.42
C GLU F 178 -23.58 10.89 2.24
N TYR F 179 -22.99 9.69 2.18
CA TYR F 179 -23.34 8.64 1.18
C TYR F 179 -24.62 7.95 1.66
N ILE F 180 -25.69 8.02 0.86
CA ILE F 180 -26.98 7.33 1.13
C ILE F 180 -26.89 5.91 0.56
N LYS F 181 -26.19 5.01 1.27
CA LYS F 181 -25.98 3.61 0.84
C LYS F 181 -27.31 2.87 0.81
N GLU F 182 -28.25 3.21 1.71
CA GLU F 182 -29.52 2.47 1.92
C GLU F 182 -30.42 2.59 0.68
N ALA F 183 -30.16 3.57 -0.20
CA ALA F 183 -30.89 3.75 -1.48
C ALA F 183 -30.53 2.65 -2.48
N GLY F 184 -29.42 1.92 -2.25
CA GLY F 184 -28.94 0.82 -3.11
C GLY F 184 -28.82 1.22 -4.58
N GLY F 185 -28.32 2.43 -4.86
CA GLY F 185 -28.06 2.92 -6.24
C GLY F 185 -29.33 3.32 -7.00
N ALA F 186 -30.48 3.38 -6.32
CA ALA F 186 -31.78 3.81 -6.91
C ALA F 186 -32.08 5.25 -6.51
N ASP F 187 -32.77 6.00 -7.37
CA ASP F 187 -33.33 7.35 -7.07
C ASP F 187 -34.70 7.46 -7.73
N ILE F 188 -35.52 8.41 -7.28
CA ILE F 188 -36.87 8.69 -7.83
C ILE F 188 -36.78 10.01 -8.60
N ARG F 189 -37.15 10.01 -9.89
CA ARG F 189 -37.35 11.26 -10.67
C ARG F 189 -38.85 11.58 -10.66
N CYS F 190 -39.23 12.69 -10.02
CA CYS F 190 -40.61 13.23 -9.97
C CYS F 190 -40.71 14.40 -10.95
N PHE F 191 -41.58 14.27 -11.96
CA PHE F 191 -41.83 15.34 -12.97
C PHE F 191 -42.96 16.23 -12.44
N VAL F 192 -42.62 17.43 -12.01
CA VAL F 192 -43.55 18.44 -11.40
C VAL F 192 -43.99 19.45 -12.46
N VAL F 193 -45.31 19.64 -12.59
CA VAL F 193 -45.95 20.71 -13.41
C VAL F 193 -47.02 21.37 -12.55
N GLY F 194 -46.91 22.68 -12.34
CA GLY F 194 -47.69 23.44 -11.33
C GLY F 194 -47.54 22.79 -9.97
N ASP F 195 -48.63 22.59 -9.25
CA ASP F 195 -48.61 22.08 -7.86
C ASP F 195 -48.84 20.57 -7.87
N LYS F 196 -48.40 19.85 -8.92
CA LYS F 196 -48.68 18.39 -9.10
C LYS F 196 -47.42 17.65 -9.61
N VAL F 197 -47.17 16.48 -9.04
CA VAL F 197 -46.29 15.45 -9.68
C VAL F 197 -47.16 14.71 -10.69
N ILE F 198 -46.90 14.93 -11.99
CA ILE F 198 -47.74 14.39 -13.10
C ILE F 198 -47.18 13.04 -13.56
N ALA F 199 -45.96 12.68 -13.14
CA ALA F 199 -45.30 11.42 -13.51
C ALA F 199 -44.05 11.20 -12.65
N SER F 200 -43.67 9.95 -12.42
CA SER F 200 -42.45 9.58 -11.66
C SER F 200 -41.92 8.23 -12.13
N MET F 201 -40.65 7.97 -11.88
CA MET F 201 -39.95 6.71 -12.27
C MET F 201 -38.82 6.44 -11.28
N LYS F 202 -38.48 5.16 -11.08
CA LYS F 202 -37.28 4.71 -10.33
C LYS F 202 -36.16 4.51 -11.36
N ARG F 203 -34.99 5.10 -11.11
CA ARG F 203 -33.75 4.87 -11.90
C ARG F 203 -32.81 4.02 -11.05
N GLN F 204 -32.40 2.85 -11.55
CA GLN F 204 -31.43 1.94 -10.88
C GLN F 204 -30.11 1.95 -11.64
N ALA F 205 -28.98 2.04 -10.92
CA ALA F 205 -27.62 1.72 -11.42
C ALA F 205 -27.10 0.47 -10.68
N SER F 219 -30.95 1.36 -15.65
CA SER F 219 -32.33 0.94 -16.02
C SER F 219 -33.38 1.76 -15.24
N ALA F 220 -34.59 1.86 -15.79
CA ALA F 220 -35.71 2.66 -15.27
C ALA F 220 -36.94 1.76 -15.10
N SER F 221 -37.83 2.09 -14.14
CA SER F 221 -39.08 1.33 -13.86
C SER F 221 -40.14 2.26 -13.26
N LEU F 222 -41.41 1.83 -13.31
CA LEU F 222 -42.55 2.50 -12.64
C LEU F 222 -42.35 2.43 -11.13
N ILE F 223 -42.92 3.39 -10.40
CA ILE F 223 -42.82 3.49 -8.92
C ILE F 223 -44.08 4.20 -8.40
N LYS F 224 -44.63 3.74 -7.28
CA LYS F 224 -45.67 4.45 -6.50
C LYS F 224 -44.96 5.26 -5.42
N ILE F 225 -44.94 6.60 -5.55
CA ILE F 225 -44.27 7.51 -4.59
C ILE F 225 -45.16 7.69 -3.35
N THR F 226 -44.55 7.91 -2.19
CA THR F 226 -45.24 8.14 -0.89
C THR F 226 -45.88 9.53 -0.94
N PRO F 227 -46.96 9.79 -0.19
CA PRO F 227 -47.47 11.15 -0.04
C PRO F 227 -46.39 12.17 0.38
N GLU F 228 -45.42 11.76 1.20
CA GLU F 228 -44.33 12.65 1.67
C GLU F 228 -43.39 13.00 0.50
N GLU F 229 -43.08 12.04 -0.37
CA GLU F 229 -42.20 12.23 -1.55
C GLU F 229 -42.88 13.20 -2.52
N ARG F 230 -44.17 12.96 -2.79
CA ARG F 230 -45.04 13.80 -3.64
C ARG F 230 -45.01 15.24 -3.14
N MET F 231 -45.27 15.46 -1.85
CA MET F 231 -45.29 16.83 -1.24
C MET F 231 -43.89 17.46 -1.34
N THR F 232 -42.84 16.69 -1.07
CA THR F 232 -41.44 17.17 -1.10
C THR F 232 -41.10 17.68 -2.51
N ALA F 233 -41.41 16.88 -3.54
CA ALA F 233 -41.15 17.23 -4.96
C ALA F 233 -41.87 18.55 -5.30
N ILE F 234 -43.17 18.66 -4.96
CA ILE F 234 -44.00 19.86 -5.25
C ILE F 234 -43.40 21.07 -4.52
N ARG F 235 -43.08 20.93 -3.24
CA ARG F 235 -42.54 22.05 -2.40
C ARG F 235 -41.19 22.52 -2.94
N ALA F 236 -40.31 21.58 -3.31
CA ALA F 236 -38.95 21.88 -3.84
C ALA F 236 -39.09 22.78 -5.08
N ALA F 237 -39.98 22.41 -6.01
CA ALA F 237 -40.25 23.20 -7.24
C ALA F 237 -40.77 24.59 -6.86
N ARG F 238 -41.74 24.67 -5.96
CA ARG F 238 -42.38 25.95 -5.56
C ARG F 238 -41.35 26.85 -4.89
N VAL F 239 -40.52 26.28 -4.01
CA VAL F 239 -39.44 27.00 -3.29
C VAL F 239 -38.43 27.58 -4.29
N MET F 240 -38.07 26.82 -5.34
CA MET F 240 -37.16 27.26 -6.42
C MET F 240 -37.83 28.32 -7.31
N GLY F 241 -39.16 28.40 -7.29
CA GLY F 241 -39.95 29.34 -8.11
C GLY F 241 -40.15 28.83 -9.53
N LEU F 242 -40.13 27.50 -9.71
CA LEU F 242 -40.25 26.80 -11.01
C LEU F 242 -41.65 26.22 -11.14
N ASN F 243 -42.29 26.42 -12.31
CA ASN F 243 -43.62 25.84 -12.63
C ASN F 243 -43.42 24.42 -13.17
N VAL F 244 -42.33 24.17 -13.90
CA VAL F 244 -41.98 22.83 -14.46
C VAL F 244 -40.56 22.48 -13.98
N ALA F 245 -40.41 21.31 -13.35
CA ALA F 245 -39.12 20.87 -12.76
C ALA F 245 -39.09 19.34 -12.66
N GLY F 246 -37.92 18.76 -12.96
CA GLY F 246 -37.54 17.41 -12.54
C GLY F 246 -36.91 17.46 -11.16
N VAL F 247 -37.49 16.75 -10.20
CA VAL F 247 -36.94 16.64 -8.82
C VAL F 247 -36.49 15.19 -8.63
N ASP F 248 -35.21 15.01 -8.28
CA ASP F 248 -34.59 13.70 -8.00
C ASP F 248 -34.59 13.51 -6.48
N ILE F 249 -35.07 12.36 -6.01
CA ILE F 249 -35.22 12.05 -4.56
C ILE F 249 -34.52 10.71 -4.26
N LEU F 250 -33.79 10.66 -3.15
CA LEU F 250 -33.24 9.41 -2.57
C LEU F 250 -34.11 8.99 -1.39
N ARG F 251 -34.52 7.72 -1.35
CA ARG F 251 -35.18 7.08 -0.18
C ARG F 251 -34.10 6.75 0.85
N SER F 252 -33.95 7.61 1.86
CA SER F 252 -32.98 7.44 2.97
C SER F 252 -33.72 6.95 4.21
N ASN F 253 -32.96 6.56 5.23
CA ASN F 253 -33.47 6.14 6.56
C ASN F 253 -34.07 7.31 7.32
N HIS F 254 -33.79 8.56 6.91
CA HIS F 254 -34.42 9.79 7.50
C HIS F 254 -35.41 10.41 6.50
N GLY F 255 -36.02 9.58 5.65
CA GLY F 255 -37.08 9.99 4.71
C GLY F 255 -36.53 10.46 3.37
N PRO F 256 -37.39 11.04 2.51
CA PRO F 256 -36.98 11.44 1.16
C PRO F 256 -36.05 12.66 1.19
N LEU F 257 -34.92 12.56 0.49
CA LEU F 257 -33.90 13.63 0.37
C LEU F 257 -33.86 14.10 -1.09
N VAL F 258 -33.96 15.41 -1.32
CA VAL F 258 -33.87 16.02 -2.67
C VAL F 258 -32.39 16.09 -3.06
N MET F 259 -32.03 15.57 -4.24
CA MET F 259 -30.65 15.56 -4.78
C MET F 259 -30.50 16.68 -5.80
N GLU F 260 -31.52 16.88 -6.64
CA GLU F 260 -31.46 17.74 -7.85
C GLU F 260 -32.84 18.36 -8.04
N VAL F 261 -32.88 19.66 -8.37
CA VAL F 261 -34.06 20.34 -8.96
C VAL F 261 -33.65 20.91 -10.32
N ASN F 262 -34.10 20.30 -11.40
CA ASN F 262 -33.73 20.62 -12.80
C ASN F 262 -34.86 21.45 -13.43
N SER F 263 -34.53 22.63 -13.96
CA SER F 263 -35.45 23.59 -14.62
C SER F 263 -35.77 23.16 -16.06
N SER F 264 -35.02 22.20 -16.60
CA SER F 264 -35.13 21.73 -18.01
C SER F 264 -35.02 20.21 -18.05
N PRO F 265 -35.97 19.48 -17.42
CA PRO F 265 -35.87 18.03 -17.33
C PRO F 265 -36.11 17.34 -18.67
N GLY F 266 -35.41 16.24 -18.93
CA GLY F 266 -35.61 15.39 -20.13
C GLY F 266 -36.98 14.74 -20.13
N LEU F 267 -37.53 14.44 -21.30
CA LEU F 267 -38.85 13.78 -21.46
C LEU F 267 -38.69 12.31 -21.85
N GLU F 268 -37.55 11.91 -22.43
CA GLU F 268 -37.38 10.56 -23.06
C GLU F 268 -37.57 9.48 -21.99
N GLY F 269 -36.77 9.50 -20.93
CA GLY F 269 -36.81 8.48 -19.84
C GLY F 269 -38.21 8.36 -19.27
N ILE F 270 -38.79 9.47 -18.84
CA ILE F 270 -40.08 9.52 -18.09
C ILE F 270 -41.22 9.11 -19.01
N GLU F 271 -41.21 9.53 -20.29
CA GLU F 271 -42.31 9.24 -21.24
C GLU F 271 -42.30 7.75 -21.64
N SER F 272 -41.13 7.18 -21.94
CA SER F 272 -41.00 5.77 -22.39
C SER F 272 -41.34 4.81 -21.23
N THR F 273 -41.13 5.22 -19.98
CA THR F 273 -41.40 4.38 -18.78
C THR F 273 -42.87 4.47 -18.37
N THR F 274 -43.47 5.66 -18.36
CA THR F 274 -44.87 5.89 -17.88
C THR F 274 -45.87 5.78 -19.05
N GLY F 275 -45.46 6.11 -20.27
CA GLY F 275 -46.34 6.14 -21.46
C GLY F 275 -47.21 7.38 -21.51
N LYS F 276 -46.96 8.37 -20.64
CA LYS F 276 -47.78 9.59 -20.49
C LYS F 276 -47.32 10.66 -21.49
N ASP F 277 -48.28 11.45 -22.01
CA ASP F 277 -48.03 12.61 -22.90
C ASP F 277 -47.59 13.79 -22.03
N ILE F 278 -46.32 13.79 -21.60
CA ILE F 278 -45.74 14.83 -20.69
C ILE F 278 -45.65 16.15 -21.48
N ALA F 279 -45.17 16.10 -22.72
CA ALA F 279 -45.08 17.25 -23.63
C ALA F 279 -46.46 17.93 -23.70
N GLY F 280 -47.51 17.14 -23.95
CA GLY F 280 -48.92 17.60 -23.98
C GLY F 280 -49.31 18.33 -22.71
N ILE F 281 -49.00 17.77 -21.54
CA ILE F 281 -49.37 18.34 -20.21
C ILE F 281 -48.69 19.70 -20.04
N ILE F 282 -47.45 19.82 -20.52
CA ILE F 282 -46.66 21.10 -20.47
C ILE F 282 -47.37 22.12 -21.36
N ILE F 283 -47.79 21.72 -22.56
CA ILE F 283 -48.50 22.63 -23.51
C ILE F 283 -49.81 23.07 -22.83
N GLN F 284 -50.53 22.12 -22.21
CA GLN F 284 -51.78 22.39 -21.46
C GLN F 284 -51.53 23.46 -20.40
N TYR F 285 -50.41 23.36 -19.67
CA TYR F 285 -50.06 24.33 -18.61
C TYR F 285 -49.98 25.74 -19.22
N LEU F 286 -49.35 25.87 -20.40
CA LEU F 286 -49.18 27.18 -21.09
C LEU F 286 -50.56 27.72 -21.51
N GLU F 287 -51.44 26.86 -22.02
CA GLU F 287 -52.83 27.22 -22.44
C GLU F 287 -53.55 27.85 -21.24
N LYS F 288 -53.46 27.22 -20.06
CA LYS F 288 -54.24 27.60 -18.85
C LYS F 288 -53.67 28.84 -18.17
N ASN F 289 -52.39 29.20 -18.42
CA ASN F 289 -51.67 30.27 -17.66
C ASN F 289 -51.12 31.36 -18.58
N GLY F 290 -50.99 31.11 -19.89
CA GLY F 290 -50.82 32.14 -20.94
C GLY F 290 -52.02 32.20 -21.89
N MET G 1 43.54 -2.41 9.18
CA MET G 1 42.28 -2.99 8.62
C MET G 1 41.09 -2.61 9.51
N LYS G 2 39.90 -2.55 8.92
CA LYS G 2 38.59 -2.53 9.63
C LYS G 2 38.03 -3.97 9.61
N ILE G 3 37.87 -4.58 10.78
CA ILE G 3 37.49 -6.01 10.94
C ILE G 3 36.20 -6.11 11.75
N ALA G 4 35.18 -6.74 11.17
CA ALA G 4 33.91 -7.11 11.85
C ALA G 4 34.12 -8.46 12.55
N VAL G 5 33.63 -8.57 13.79
CA VAL G 5 33.52 -9.85 14.54
C VAL G 5 32.03 -10.15 14.71
N LEU G 6 31.50 -11.12 13.98
CA LEU G 6 30.10 -11.59 14.12
C LEU G 6 30.01 -12.43 15.39
N SER G 7 29.57 -11.83 16.49
CA SER G 7 29.43 -12.48 17.81
C SER G 7 28.21 -11.89 18.51
N ARG G 8 27.39 -12.75 19.12
CA ARG G 8 26.13 -12.35 19.80
C ARG G 8 26.44 -11.75 21.17
N ASN G 9 27.66 -11.93 21.68
CA ASN G 9 28.05 -11.46 23.03
C ASN G 9 29.49 -10.95 23.02
N PRO G 10 29.70 -9.62 23.11
CA PRO G 10 31.06 -9.06 23.12
C PRO G 10 31.83 -9.27 24.44
N ARG G 11 31.19 -9.81 25.48
CA ARG G 11 31.80 -10.06 26.82
C ARG G 11 32.45 -11.45 26.85
N LEU G 12 32.14 -12.33 25.89
CA LEU G 12 32.72 -13.70 25.77
C LEU G 12 34.25 -13.57 25.62
N TYR G 13 34.99 -14.45 26.30
CA TYR G 13 36.47 -14.47 26.33
C TYR G 13 37.02 -14.34 24.90
N SER G 14 36.56 -15.20 23.98
CA SER G 14 37.09 -15.34 22.60
C SER G 14 36.86 -14.06 21.80
N THR G 15 35.67 -13.46 21.91
CA THR G 15 35.30 -12.22 21.20
C THR G 15 36.12 -11.05 21.76
N ARG G 16 36.17 -10.91 23.10
CA ARG G 16 36.99 -9.88 23.79
C ARG G 16 38.44 -9.96 23.29
N ARG G 17 39.02 -11.16 23.30
CA ARG G 17 40.45 -11.42 22.97
C ARG G 17 40.73 -11.07 21.50
N LEU G 18 39.84 -11.45 20.59
CA LEU G 18 39.98 -11.13 19.14
C LEU G 18 39.97 -9.61 18.95
N VAL G 19 39.08 -8.92 19.67
CA VAL G 19 38.97 -7.42 19.66
C VAL G 19 40.26 -6.83 20.22
N GLU G 20 40.71 -7.33 21.38
CA GLU G 20 41.95 -6.89 22.07
C GLU G 20 43.15 -7.02 21.13
N ALA G 21 43.35 -8.22 20.56
CA ALA G 21 44.50 -8.58 19.69
C ALA G 21 44.50 -7.69 18.44
N GLY G 22 43.33 -7.49 17.83
CA GLY G 22 43.16 -6.63 16.65
C GLY G 22 43.61 -5.20 16.92
N ARG G 23 43.26 -4.67 18.09
CA ARG G 23 43.52 -3.27 18.49
C ARG G 23 45.01 -3.08 18.83
N GLU G 24 45.61 -4.05 19.53
CA GLU G 24 47.09 -4.09 19.78
C GLU G 24 47.84 -3.88 18.47
N ARG G 25 47.31 -4.40 17.35
CA ARG G 25 47.99 -4.47 16.04
C ARG G 25 47.46 -3.39 15.08
N GLY G 26 46.75 -2.39 15.62
CA GLY G 26 46.43 -1.12 14.93
C GLY G 26 45.17 -1.21 14.07
N HIS G 27 44.34 -2.25 14.26
CA HIS G 27 43.11 -2.49 13.46
C HIS G 27 41.90 -1.88 14.18
N GLU G 28 40.90 -1.43 13.41
CA GLU G 28 39.57 -1.03 13.93
C GLU G 28 38.69 -2.28 14.02
N MET G 29 38.42 -2.73 15.25
CA MET G 29 37.65 -3.97 15.54
C MET G 29 36.23 -3.57 15.96
N VAL G 30 35.22 -4.03 15.22
CA VAL G 30 33.78 -3.74 15.50
C VAL G 30 33.04 -5.07 15.72
N VAL G 31 32.46 -5.27 16.90
CA VAL G 31 31.62 -6.46 17.21
C VAL G 31 30.21 -6.19 16.68
N ILE G 32 29.76 -7.02 15.73
CA ILE G 32 28.40 -6.99 15.13
C ILE G 32 27.59 -8.15 15.72
N ASP G 33 26.54 -7.86 16.50
CA ASP G 33 25.55 -8.87 16.95
C ASP G 33 24.83 -9.42 15.71
N THR G 34 25.20 -10.63 15.29
CA THR G 34 24.75 -11.28 14.05
C THR G 34 23.24 -11.07 13.81
N LEU G 35 22.40 -11.22 14.86
CA LEU G 35 20.93 -11.25 14.71
C LEU G 35 20.35 -9.85 14.58
N ARG G 36 21.14 -8.81 14.84
CA ARG G 36 20.70 -7.38 14.81
C ARG G 36 21.11 -6.76 13.47
N ALA G 37 21.88 -7.48 12.65
CA ALA G 37 22.14 -7.14 11.23
C ALA G 37 20.91 -7.54 10.40
N TYR G 38 20.45 -6.64 9.53
CA TYR G 38 19.37 -6.88 8.56
C TYR G 38 19.83 -6.34 7.20
N MET G 39 19.29 -6.88 6.11
CA MET G 39 19.98 -6.76 4.78
C MET G 39 19.00 -6.62 3.63
N ASN G 40 19.38 -5.77 2.68
CA ASN G 40 18.79 -5.64 1.34
C ASN G 40 19.62 -6.52 0.41
N ILE G 41 19.01 -7.45 -0.32
CA ILE G 41 19.79 -8.36 -1.23
C ILE G 41 19.74 -7.82 -2.67
N PRO G 46 23.23 -3.74 -2.92
CA PRO G 46 23.34 -4.70 -1.80
C PRO G 46 23.90 -4.02 -0.53
N GLN G 47 23.24 -4.21 0.61
CA GLN G 47 23.59 -3.51 1.88
C GLN G 47 23.48 -4.48 3.06
N ILE G 48 24.30 -4.23 4.11
CA ILE G 48 24.04 -4.71 5.50
C ILE G 48 23.80 -3.49 6.38
N HIS G 49 22.60 -3.40 6.98
CA HIS G 49 22.24 -2.34 7.94
C HIS G 49 22.36 -2.91 9.36
N TYR G 50 22.62 -2.04 10.32
CA TYR G 50 22.87 -2.38 11.75
C TYR G 50 22.53 -1.14 12.59
N ARG G 51 21.50 -1.25 13.44
CA ARG G 51 21.06 -0.15 14.33
C ARG G 51 20.83 1.11 13.50
N GLY G 52 20.12 0.99 12.37
CA GLY G 52 19.60 2.13 11.57
C GLY G 52 20.59 2.65 10.53
N GLN G 53 21.85 2.17 10.53
CA GLN G 53 22.93 2.69 9.64
C GLN G 53 23.47 1.55 8.77
N PRO G 54 23.97 1.84 7.56
CA PRO G 54 24.71 0.85 6.77
C PRO G 54 26.09 0.55 7.37
N LEU G 55 26.58 -0.67 7.16
CA LEU G 55 27.97 -1.09 7.50
C LEU G 55 28.83 -0.92 6.23
N GLU G 56 29.85 -0.07 6.31
CA GLU G 56 30.73 0.30 5.17
C GLU G 56 32.20 0.19 5.58
N GLY G 57 33.07 -0.04 4.59
CA GLY G 57 34.53 0.11 4.72
C GLY G 57 35.16 -1.03 5.50
N PHE G 58 34.49 -2.18 5.63
CA PHE G 58 35.04 -3.39 6.29
C PHE G 58 35.99 -4.08 5.31
N ASP G 59 37.19 -4.43 5.77
CA ASP G 59 38.22 -5.17 4.98
C ASP G 59 38.03 -6.68 5.18
N ALA G 60 37.74 -7.12 6.41
CA ALA G 60 37.61 -8.54 6.78
C ALA G 60 36.51 -8.74 7.82
N VAL G 61 36.07 -9.99 7.98
CA VAL G 61 35.05 -10.39 8.99
C VAL G 61 35.47 -11.72 9.62
N ILE G 62 35.41 -11.78 10.95
CA ILE G 62 35.64 -13.01 11.77
C ILE G 62 34.26 -13.54 12.19
N PRO G 63 33.75 -14.62 11.57
CA PRO G 63 32.49 -15.22 11.97
C PRO G 63 32.67 -16.07 13.24
N ARG G 64 31.92 -15.73 14.29
CA ARG G 64 31.75 -16.54 15.52
C ARG G 64 30.27 -16.93 15.59
N ILE G 65 29.81 -17.68 14.60
CA ILE G 65 28.37 -18.03 14.43
C ILE G 65 28.06 -19.27 15.28
N GLY G 66 27.29 -19.11 16.36
CA GLY G 66 26.77 -20.24 17.17
C GLY G 66 25.93 -21.19 16.33
N ALA G 67 25.90 -22.47 16.69
CA ALA G 67 25.24 -23.56 15.92
C ALA G 67 23.72 -23.31 15.80
N SER G 68 23.09 -22.71 16.82
CA SER G 68 21.63 -22.45 16.84
C SER G 68 21.24 -21.40 15.78
N VAL G 69 22.18 -20.59 15.29
CA VAL G 69 21.89 -19.47 14.34
C VAL G 69 22.73 -19.64 13.07
N THR G 70 23.01 -20.87 12.66
CA THR G 70 23.89 -21.20 11.50
C THR G 70 23.32 -20.58 10.22
N PHE G 71 22.02 -20.77 9.95
CA PHE G 71 21.39 -20.33 8.68
C PHE G 71 21.46 -18.81 8.57
N TYR G 72 21.07 -18.08 9.61
CA TYR G 72 21.02 -16.60 9.56
C TYR G 72 22.44 -16.04 9.58
N GLY G 73 23.31 -16.59 10.42
CA GLY G 73 24.72 -16.19 10.52
C GLY G 73 25.43 -16.35 9.19
N CYS G 74 25.17 -17.44 8.48
CA CYS G 74 25.78 -17.73 7.15
C CYS G 74 25.22 -16.75 6.10
N ALA G 75 23.96 -16.32 6.24
CA ALA G 75 23.34 -15.31 5.33
C ALA G 75 24.04 -13.96 5.53
N VAL G 76 24.31 -13.55 6.77
CA VAL G 76 25.02 -12.28 7.09
C VAL G 76 26.45 -12.36 6.56
N LEU G 77 27.12 -13.50 6.77
CA LEU G 77 28.53 -13.71 6.32
C LEU G 77 28.58 -13.68 4.79
N ARG G 78 27.67 -14.41 4.15
CA ARG G 78 27.55 -14.51 2.66
C ARG G 78 27.42 -13.10 2.07
N GLN G 79 26.65 -12.24 2.74
CA GLN G 79 26.40 -10.84 2.30
C GLN G 79 27.72 -10.06 2.36
N PHE G 80 28.46 -10.15 3.47
CA PHE G 80 29.81 -9.57 3.62
C PHE G 80 30.69 -10.04 2.46
N GLU G 81 30.67 -11.34 2.16
CA GLU G 81 31.48 -11.97 1.08
C GLU G 81 31.11 -11.31 -0.26
N MET G 82 29.81 -11.22 -0.57
CA MET G 82 29.31 -10.62 -1.84
C MET G 82 29.77 -9.16 -1.95
N MET G 83 29.95 -8.46 -0.82
CA MET G 83 30.37 -7.03 -0.77
C MET G 83 31.91 -6.93 -0.81
N GLY G 84 32.61 -8.03 -1.04
CA GLY G 84 34.08 -8.05 -1.23
C GLY G 84 34.86 -8.11 0.08
N VAL G 85 34.19 -8.29 1.22
CA VAL G 85 34.86 -8.37 2.56
C VAL G 85 35.47 -9.78 2.70
N PHE G 86 36.70 -9.87 3.19
CA PHE G 86 37.46 -11.14 3.32
C PHE G 86 36.99 -11.89 4.57
N PRO G 87 36.41 -13.10 4.42
CA PRO G 87 35.98 -13.90 5.57
C PRO G 87 37.12 -14.78 6.11
N LEU G 88 37.34 -14.78 7.43
CA LEU G 88 38.35 -15.67 8.08
C LEU G 88 38.05 -17.11 7.65
N ASN G 89 36.78 -17.50 7.74
CA ASN G 89 36.22 -18.79 7.25
C ASN G 89 35.06 -18.48 6.31
N GLU G 90 34.97 -19.18 5.18
CA GLU G 90 33.91 -18.98 4.17
C GLU G 90 32.58 -19.55 4.70
N SER G 91 31.49 -18.88 4.34
CA SER G 91 30.09 -19.26 4.67
C SER G 91 29.82 -20.72 4.26
N VAL G 92 30.21 -21.14 3.05
CA VAL G 92 29.93 -22.51 2.54
C VAL G 92 30.62 -23.54 3.44
N ALA G 93 31.83 -23.24 3.92
CA ALA G 93 32.63 -24.14 4.78
C ALA G 93 32.00 -24.24 6.17
N ILE G 94 31.53 -23.12 6.73
CA ILE G 94 30.88 -23.09 8.08
C ILE G 94 29.58 -23.91 8.01
N ALA G 95 28.75 -23.68 7.00
CA ALA G 95 27.48 -24.42 6.79
C ALA G 95 27.79 -25.92 6.69
N ARG G 96 28.78 -26.30 5.87
CA ARG G 96 29.18 -27.71 5.65
C ARG G 96 29.59 -28.34 6.99
N SER G 97 30.42 -27.67 7.79
CA SER G 97 30.97 -28.21 9.05
C SER G 97 29.88 -28.37 10.12
N ARG G 98 28.78 -27.61 10.03
CA ARG G 98 27.66 -27.63 11.03
C ARG G 98 26.68 -28.76 10.73
N ASP G 99 26.71 -29.29 9.51
CA ASP G 99 25.94 -30.51 9.08
C ASP G 99 26.79 -31.73 9.43
N LYS G 100 26.62 -32.29 10.63
CA LYS G 100 27.48 -33.36 11.18
C LYS G 100 27.47 -34.58 10.25
N LEU G 101 26.31 -34.95 9.70
CA LEU G 101 26.18 -36.15 8.81
C LEU G 101 27.03 -35.92 7.54
N ARG G 102 26.91 -34.74 6.93
CA ARG G 102 27.66 -34.36 5.71
C ARG G 102 29.15 -34.31 6.01
N SER G 103 29.55 -33.75 7.16
CA SER G 103 30.96 -33.62 7.59
C SER G 103 31.61 -35.01 7.65
N LEU G 104 30.96 -35.95 8.34
CA LEU G 104 31.49 -37.33 8.53
C LEU G 104 31.62 -38.02 7.17
N GLN G 105 30.59 -37.93 6.31
CA GLN G 105 30.62 -38.56 4.97
C GLN G 105 31.76 -37.99 4.14
N LEU G 106 32.04 -36.68 4.25
CA LEU G 106 33.13 -36.03 3.48
C LEU G 106 34.49 -36.49 4.02
N LEU G 107 34.70 -36.42 5.33
CA LEU G 107 35.97 -36.86 5.98
C LEU G 107 36.24 -38.33 5.64
N SER G 108 35.21 -39.18 5.70
CA SER G 108 35.29 -40.62 5.36
C SER G 108 35.75 -40.79 3.91
N ARG G 109 35.05 -40.14 2.97
CA ARG G 109 35.35 -40.17 1.53
C ARG G 109 36.82 -39.78 1.26
N LYS G 110 37.37 -38.85 2.05
CA LYS G 110 38.75 -38.31 1.86
C LYS G 110 39.77 -39.08 2.71
N GLY G 111 39.39 -40.23 3.29
CA GLY G 111 40.30 -41.12 4.01
C GLY G 111 40.84 -40.55 5.31
N ILE G 112 40.11 -39.62 5.95
CA ILE G 112 40.45 -39.13 7.32
C ILE G 112 40.02 -40.20 8.33
N GLY G 113 40.84 -40.44 9.35
CA GLY G 113 40.54 -41.40 10.43
C GLY G 113 39.29 -41.00 11.18
N LEU G 114 38.33 -41.92 11.28
CA LEU G 114 37.02 -41.72 11.98
C LEU G 114 36.73 -42.96 12.81
N PRO G 115 35.96 -42.83 13.91
CA PRO G 115 35.40 -44.01 14.56
C PRO G 115 34.48 -44.70 13.56
N VAL G 116 34.40 -46.02 13.61
CA VAL G 116 33.34 -46.76 12.85
C VAL G 116 32.00 -46.10 13.22
N THR G 117 31.23 -45.70 12.22
CA THR G 117 30.05 -44.80 12.39
C THR G 117 28.91 -45.25 11.50
N GLY G 118 27.69 -45.24 12.04
CA GLY G 118 26.44 -45.52 11.32
C GLY G 118 25.46 -44.37 11.47
N PHE G 119 24.58 -44.18 10.49
CA PHE G 119 23.46 -43.22 10.53
C PHE G 119 22.15 -43.99 10.45
N ALA G 120 21.13 -43.48 11.14
CA ALA G 120 19.77 -44.03 11.10
C ALA G 120 18.79 -42.91 11.45
N HIS G 121 17.53 -43.12 11.10
CA HIS G 121 16.39 -42.31 11.59
C HIS G 121 15.33 -43.26 12.15
N SER G 122 14.68 -44.04 11.28
CA SER G 122 13.62 -45.02 11.64
C SER G 122 13.95 -46.40 11.05
N PRO G 123 15.10 -47.00 11.41
CA PRO G 123 15.50 -48.30 10.86
C PRO G 123 14.57 -49.43 11.30
N ASP G 124 14.25 -50.34 10.39
CA ASP G 124 13.34 -51.50 10.65
C ASP G 124 14.12 -52.62 11.33
N ASP G 125 15.45 -52.66 11.16
CA ASP G 125 16.34 -53.74 11.68
C ASP G 125 17.43 -53.12 12.56
N VAL G 126 17.12 -52.88 13.82
CA VAL G 126 18.04 -52.26 14.83
C VAL G 126 19.21 -53.20 15.07
N PRO G 127 19.00 -54.52 15.28
CA PRO G 127 20.12 -55.45 15.47
C PRO G 127 21.13 -55.40 14.31
N ASP G 128 20.67 -55.25 13.07
CA ASP G 128 21.54 -55.15 11.86
C ASP G 128 22.40 -53.88 11.97
N LEU G 129 21.79 -52.74 12.32
CA LEU G 129 22.50 -51.45 12.52
C LEU G 129 23.58 -51.60 13.59
N ILE G 130 23.25 -52.24 14.72
CA ILE G 130 24.18 -52.45 15.87
C ILE G 130 25.34 -53.33 15.41
N GLU G 131 25.06 -54.37 14.62
CA GLU G 131 26.08 -55.31 14.09
C GLU G 131 27.00 -54.55 13.13
N MET G 132 26.43 -53.73 12.23
CA MET G 132 27.17 -52.96 11.19
C MET G 132 28.33 -52.18 11.82
N VAL G 133 28.12 -51.57 12.97
CA VAL G 133 29.10 -50.65 13.62
C VAL G 133 29.95 -51.40 14.65
N GLY G 134 29.87 -52.74 14.68
CA GLY G 134 30.76 -53.60 15.49
C GLY G 134 30.17 -53.96 16.84
N GLY G 135 28.88 -53.69 17.07
CA GLY G 135 28.15 -54.10 18.30
C GLY G 135 28.49 -53.26 19.52
N ALA G 136 27.86 -53.54 20.65
CA ALA G 136 28.07 -52.81 21.93
C ALA G 136 29.45 -53.12 22.46
N PRO G 137 30.09 -52.22 23.24
CA PRO G 137 29.52 -50.94 23.61
C PRO G 137 29.62 -49.94 22.45
N LEU G 138 28.63 -49.07 22.30
CA LEU G 138 28.69 -48.00 21.27
C LEU G 138 28.08 -46.72 21.85
N VAL G 139 28.43 -45.60 21.22
CA VAL G 139 27.95 -44.23 21.57
C VAL G 139 26.82 -43.87 20.60
N ILE G 140 25.70 -43.39 21.12
CA ILE G 140 24.56 -42.89 20.31
C ILE G 140 24.49 -41.37 20.47
N LYS G 141 24.61 -40.66 19.34
CA LYS G 141 24.49 -39.19 19.24
C LYS G 141 23.16 -38.86 18.56
N LEU G 142 22.44 -37.91 19.14
CA LEU G 142 21.13 -37.42 18.66
C LEU G 142 21.36 -36.06 18.01
N LEU G 143 20.96 -35.89 16.74
CA LEU G 143 21.11 -34.63 15.97
C LEU G 143 19.73 -34.09 15.61
N GLU G 144 19.53 -32.78 15.78
CA GLU G 144 18.36 -32.04 15.23
C GLU G 144 18.92 -30.93 14.34
N GLY G 145 18.82 -31.08 13.02
CA GLY G 145 19.41 -30.15 12.04
C GLY G 145 20.89 -29.94 12.30
N THR G 146 21.30 -28.71 12.66
CA THR G 146 22.72 -28.28 12.77
C THR G 146 23.20 -28.31 14.24
N GLN G 147 22.49 -29.05 15.12
CA GLN G 147 22.76 -29.08 16.58
C GLN G 147 22.78 -30.52 17.10
N GLY G 148 23.80 -30.84 17.91
CA GLY G 148 23.87 -32.06 18.72
C GLY G 148 23.01 -31.91 19.97
N ILE G 149 22.12 -32.87 20.22
CA ILE G 149 21.07 -32.81 21.29
C ILE G 149 21.53 -33.65 22.49
N GLY G 150 22.19 -34.78 22.25
CA GLY G 150 22.68 -35.67 23.32
C GLY G 150 23.76 -36.62 22.83
N VAL G 151 24.49 -37.19 23.78
CA VAL G 151 25.55 -38.21 23.55
C VAL G 151 25.45 -39.23 24.69
N VAL G 152 25.30 -40.51 24.36
CA VAL G 152 24.91 -41.57 25.33
C VAL G 152 25.77 -42.81 25.10
N LEU G 153 26.38 -43.32 26.16
CA LEU G 153 27.08 -44.63 26.16
C LEU G 153 26.04 -45.73 26.38
N CYS G 154 25.95 -46.67 25.43
CA CYS G 154 25.15 -47.91 25.53
C CYS G 154 26.12 -49.08 25.71
N GLU G 155 26.25 -49.60 26.93
CA GLU G 155 27.30 -50.59 27.29
C GLU G 155 26.93 -51.98 26.74
N THR G 156 25.65 -52.24 26.50
CA THR G 156 25.12 -53.57 26.09
C THR G 156 24.25 -53.41 24.83
N GLU G 157 24.07 -54.52 24.08
CA GLU G 157 23.18 -54.60 22.89
C GLU G 157 21.77 -54.12 23.28
N LYS G 158 21.26 -54.55 24.44
CA LYS G 158 19.87 -54.29 24.89
C LYS G 158 19.72 -52.79 25.19
N ALA G 159 20.76 -52.13 25.72
CA ALA G 159 20.77 -50.66 26.00
C ALA G 159 20.72 -49.90 24.67
N ALA G 160 21.50 -50.31 23.68
CA ALA G 160 21.47 -49.73 22.32
C ALA G 160 20.07 -49.94 21.71
N GLU G 161 19.51 -51.15 21.82
CA GLU G 161 18.16 -51.48 21.29
C GLU G 161 17.12 -50.55 21.90
N SER G 162 17.18 -50.29 23.20
CA SER G 162 16.19 -49.49 23.97
C SER G 162 16.27 -48.02 23.57
N VAL G 163 17.48 -47.45 23.50
CA VAL G 163 17.68 -46.03 23.09
C VAL G 163 17.12 -45.84 21.66
N LEU G 164 17.44 -46.74 20.74
CA LEU G 164 17.02 -46.63 19.31
C LEU G 164 15.49 -46.78 19.22
N GLU G 165 14.90 -47.71 19.95
CA GLU G 165 13.42 -47.91 20.00
C GLU G 165 12.76 -46.65 20.57
N ALA G 166 13.35 -46.04 21.60
CA ALA G 166 12.84 -44.81 22.25
C ALA G 166 12.84 -43.66 21.24
N PHE G 167 13.96 -43.48 20.53
CA PHE G 167 14.17 -42.33 19.62
C PHE G 167 13.44 -42.52 18.29
N MET G 168 13.04 -43.74 17.97
CA MET G 168 12.25 -44.04 16.75
C MET G 168 10.88 -43.38 16.93
N GLY G 169 10.52 -42.50 16.01
CA GLY G 169 9.27 -41.71 16.07
C GLY G 169 9.45 -40.43 16.87
N LEU G 170 10.64 -40.12 17.41
CA LEU G 170 10.95 -38.78 17.98
C LEU G 170 11.59 -37.84 16.95
N LYS G 171 11.79 -38.30 15.72
CA LYS G 171 12.09 -37.40 14.57
C LYS G 171 13.44 -36.70 14.82
N HIS G 172 14.40 -37.38 15.43
CA HIS G 172 15.82 -36.93 15.47
C HIS G 172 16.62 -37.79 14.47
N ASN G 173 17.74 -37.26 14.00
CA ASN G 173 18.74 -38.03 13.23
C ASN G 173 19.68 -38.69 14.23
N ILE G 174 20.04 -39.96 14.00
CA ILE G 174 20.78 -40.78 14.99
C ILE G 174 22.13 -41.19 14.38
N MET G 175 23.20 -40.90 15.11
CA MET G 175 24.56 -41.39 14.85
C MET G 175 24.87 -42.50 15.84
N VAL G 176 25.38 -43.63 15.34
CA VAL G 176 25.88 -44.77 16.17
C VAL G 176 27.37 -44.91 15.89
N GLN G 177 28.22 -44.86 16.94
CA GLN G 177 29.69 -44.94 16.83
C GLN G 177 30.23 -46.02 17.77
N GLU G 178 31.27 -46.73 17.33
CA GLU G 178 32.09 -47.58 18.23
C GLU G 178 32.55 -46.71 19.40
N TYR G 179 32.50 -47.27 20.62
CA TYR G 179 33.04 -46.62 21.85
C TYR G 179 34.56 -46.80 21.86
N ILE G 180 35.32 -45.69 21.84
CA ILE G 180 36.79 -45.69 21.93
C ILE G 180 37.18 -45.68 23.42
N LYS G 181 37.08 -46.84 24.08
CA LYS G 181 37.38 -47.00 25.53
C LYS G 181 38.86 -46.74 25.77
N GLU G 182 39.74 -47.10 24.81
CA GLU G 182 41.21 -47.08 24.97
C GLU G 182 41.72 -45.64 25.13
N ALA G 183 40.92 -44.63 24.77
CA ALA G 183 41.22 -43.19 24.95
C ALA G 183 41.17 -42.81 26.43
N GLY G 184 40.51 -43.62 27.27
CA GLY G 184 40.35 -43.38 28.72
C GLY G 184 39.82 -42.00 29.06
N GLY G 185 38.82 -41.53 28.31
CA GLY G 185 38.12 -40.24 28.56
C GLY G 185 38.95 -39.01 28.18
N ALA G 186 40.08 -39.19 27.48
CA ALA G 186 40.95 -38.09 27.00
C ALA G 186 40.71 -37.86 25.51
N ASP G 187 40.86 -36.62 25.05
CA ASP G 187 40.86 -36.25 23.61
C ASP G 187 41.92 -35.15 23.40
N ILE G 188 42.36 -34.95 22.16
CA ILE G 188 43.33 -33.90 21.76
C ILE G 188 42.54 -32.81 21.01
N ARG G 189 42.62 -31.56 21.46
CA ARG G 189 42.13 -30.39 20.67
C ARG G 189 43.33 -29.78 19.95
N CYS G 190 43.34 -29.85 18.62
CA CYS G 190 44.34 -29.20 17.73
C CYS G 190 43.74 -27.92 17.13
N PHE G 191 44.35 -26.78 17.43
CA PHE G 191 43.94 -25.46 16.89
C PHE G 191 44.68 -25.24 15.57
N VAL G 192 43.97 -25.34 14.45
CA VAL G 192 44.49 -25.22 13.06
C VAL G 192 44.25 -23.80 12.54
N VAL G 193 45.31 -23.15 12.04
CA VAL G 193 45.29 -21.86 11.30
C VAL G 193 46.12 -22.03 10.03
N GLY G 194 45.51 -21.82 8.86
CA GLY G 194 46.08 -22.18 7.54
C GLY G 194 46.46 -23.65 7.55
N ASP G 195 47.65 -23.98 7.07
CA ASP G 195 48.11 -25.39 6.91
C ASP G 195 48.96 -25.77 8.13
N LYS G 196 48.67 -25.24 9.32
CA LYS G 196 49.50 -25.45 10.55
C LYS G 196 48.63 -25.68 11.77
N VAL G 197 49.00 -26.65 12.61
CA VAL G 197 48.52 -26.74 14.02
C VAL G 197 49.38 -25.78 14.82
N ILE G 198 48.81 -24.67 15.29
CA ILE G 198 49.55 -23.57 15.98
C ILE G 198 49.54 -23.81 17.49
N ALA G 199 48.69 -24.72 17.98
CA ALA G 199 48.56 -25.06 19.41
C ALA G 199 47.71 -26.32 19.58
N SER G 200 47.93 -27.07 20.65
CA SER G 200 47.16 -28.30 21.00
C SER G 200 47.14 -28.50 22.51
N MET G 201 46.17 -29.26 23.01
CA MET G 201 46.00 -29.58 24.45
C MET G 201 45.30 -30.93 24.59
N LYS G 202 45.56 -31.64 25.68
CA LYS G 202 44.82 -32.86 26.10
C LYS G 202 43.71 -32.42 27.06
N ARG G 203 42.47 -32.85 26.79
CA ARG G 203 41.31 -32.66 27.69
C ARG G 203 40.98 -34.02 28.32
N GLN G 204 40.98 -34.10 29.65
CA GLN G 204 40.63 -35.32 30.42
C GLN G 204 39.27 -35.10 31.12
N ALA G 205 38.30 -35.97 30.84
CA ALA G 205 36.97 -35.99 31.51
C ALA G 205 37.15 -36.41 32.97
N ALA G 206 36.33 -35.86 33.87
CA ALA G 206 36.25 -36.25 35.30
C ALA G 206 35.99 -37.76 35.40
N PRO G 207 36.51 -38.46 36.43
CA PRO G 207 36.39 -39.92 36.49
C PRO G 207 34.90 -40.33 36.40
N GLY G 208 34.59 -41.32 35.57
CA GLY G 208 33.21 -41.74 35.28
C GLY G 208 32.69 -41.14 33.99
N GLU G 209 32.36 -39.83 33.99
CA GLU G 209 31.94 -39.07 32.79
C GLU G 209 32.94 -39.35 31.67
N PHE G 210 32.47 -39.76 30.49
CA PHE G 210 33.31 -40.09 29.30
C PHE G 210 33.40 -38.86 28.39
N ARG G 211 32.36 -38.01 28.39
CA ARG G 211 32.35 -36.69 27.68
C ARG G 211 33.28 -35.71 28.41
N SER G 212 34.26 -35.13 27.71
CA SER G 212 35.46 -34.47 28.28
C SER G 212 35.44 -32.94 28.14
N ASN G 213 34.26 -32.32 27.99
CA ASN G 213 34.15 -30.83 27.87
C ASN G 213 34.70 -30.20 29.16
N LEU G 214 35.46 -29.10 29.03
CA LEU G 214 35.90 -28.24 30.17
C LEU G 214 34.64 -27.57 30.76
N HIS G 215 33.64 -27.32 29.91
CA HIS G 215 32.25 -26.89 30.26
C HIS G 215 31.58 -27.92 31.17
N ARG G 216 31.86 -29.23 30.97
CA ARG G 216 31.29 -30.36 31.74
C ARG G 216 32.22 -30.76 32.90
N GLY G 217 33.16 -29.89 33.30
CA GLY G 217 33.98 -30.04 34.52
C GLY G 217 35.15 -31.00 34.34
N GLY G 218 35.85 -30.92 33.20
CA GLY G 218 37.04 -31.73 32.88
C GLY G 218 38.30 -30.87 32.83
N SER G 219 39.47 -31.48 33.10
CA SER G 219 40.79 -30.81 33.22
C SER G 219 41.56 -30.87 31.89
N ALA G 220 42.49 -29.94 31.68
CA ALA G 220 43.28 -29.74 30.44
C ALA G 220 44.77 -29.75 30.77
N SER G 221 45.63 -30.17 29.82
CA SER G 221 47.10 -30.25 29.99
C SER G 221 47.79 -30.11 28.63
N LEU G 222 49.09 -29.77 28.66
CA LEU G 222 49.97 -29.73 27.46
C LEU G 222 50.12 -31.16 26.92
N ILE G 223 50.37 -31.28 25.61
CA ILE G 223 50.54 -32.57 24.89
C ILE G 223 51.48 -32.36 23.70
N LYS G 224 52.37 -33.32 23.45
CA LYS G 224 53.17 -33.41 22.20
C LYS G 224 52.41 -34.32 21.24
N ILE G 225 51.82 -33.77 20.18
CA ILE G 225 51.04 -34.54 19.17
C ILE G 225 52.01 -35.24 18.22
N THR G 226 51.61 -36.41 17.70
CA THR G 226 52.42 -37.20 16.74
C THR G 226 52.35 -36.50 15.39
N PRO G 227 53.35 -36.67 14.49
CA PRO G 227 53.25 -36.19 13.13
C PRO G 227 51.95 -36.62 12.41
N GLU G 228 51.43 -37.82 12.71
CA GLU G 228 50.19 -38.32 12.06
C GLU G 228 48.97 -37.51 12.56
N GLU G 229 48.93 -37.17 13.86
CA GLU G 229 47.82 -36.37 14.46
C GLU G 229 47.84 -34.97 13.86
N ARG G 230 49.02 -34.36 13.80
CA ARG G 230 49.29 -33.03 13.20
C ARG G 230 48.75 -33.01 11.76
N MET G 231 49.14 -33.98 10.93
CA MET G 231 48.72 -34.06 9.50
C MET G 231 47.20 -34.25 9.43
N THR G 232 46.64 -35.11 10.27
CA THR G 232 45.18 -35.42 10.31
C THR G 232 44.41 -34.13 10.59
N ALA G 233 44.80 -33.38 11.62
CA ALA G 233 44.16 -32.11 12.02
C ALA G 233 44.16 -31.13 10.85
N ILE G 234 45.33 -30.93 10.22
CA ILE G 234 45.53 -29.99 9.08
C ILE G 234 44.63 -30.44 7.91
N ARG G 235 44.65 -31.74 7.57
CA ARG G 235 43.89 -32.29 6.41
C ARG G 235 42.38 -32.13 6.65
N ALA G 236 41.91 -32.43 7.86
CA ALA G 236 40.49 -32.34 8.24
C ALA G 236 39.99 -30.92 7.99
N ALA G 237 40.73 -29.90 8.44
CA ALA G 237 40.41 -28.47 8.24
C ALA G 237 40.37 -28.16 6.73
N ARG G 238 41.38 -28.59 5.98
CA ARG G 238 41.50 -28.27 4.52
C ARG G 238 40.34 -28.95 3.78
N VAL G 239 40.02 -30.19 4.13
CA VAL G 239 38.92 -30.97 3.50
C VAL G 239 37.58 -30.25 3.74
N MET G 240 37.37 -29.71 4.95
CA MET G 240 36.15 -28.94 5.33
C MET G 240 36.13 -27.58 4.62
N GLY G 241 37.29 -27.10 4.15
CA GLY G 241 37.44 -25.79 3.47
C GLY G 241 37.54 -24.65 4.47
N LEU G 242 38.03 -24.94 5.68
CA LEU G 242 38.16 -23.98 6.80
C LEU G 242 39.61 -23.55 6.95
N ASN G 243 39.87 -22.25 7.09
CA ASN G 243 41.22 -21.68 7.32
C ASN G 243 41.53 -21.73 8.83
N VAL G 244 40.51 -21.56 9.67
CA VAL G 244 40.65 -21.63 11.15
C VAL G 244 39.64 -22.67 11.67
N ALA G 245 40.12 -23.67 12.40
CA ALA G 245 39.29 -24.79 12.91
C ALA G 245 39.91 -25.39 14.17
N GLY G 246 39.06 -25.73 15.14
CA GLY G 246 39.38 -26.66 16.23
C GLY G 246 39.05 -28.07 15.78
N VAL G 247 40.06 -28.96 15.78
CA VAL G 247 39.89 -30.39 15.43
C VAL G 247 40.14 -31.21 16.70
N ASP G 248 39.14 -32.00 17.09
CA ASP G 248 39.18 -32.89 18.27
C ASP G 248 39.54 -34.29 17.78
N ILE G 249 40.54 -34.91 18.40
CA ILE G 249 41.09 -36.24 17.98
C ILE G 249 41.09 -37.18 19.19
N LEU G 250 40.68 -38.43 18.96
CA LEU G 250 40.82 -39.55 19.93
C LEU G 250 42.01 -40.41 19.51
N ARG G 251 42.91 -40.72 20.46
CA ARG G 251 43.97 -41.75 20.28
C ARG G 251 43.34 -43.13 20.44
N SER G 252 43.03 -43.78 19.31
CA SER G 252 42.48 -45.15 19.26
C SER G 252 43.58 -46.15 18.92
N ASN G 253 43.26 -47.44 19.02
CA ASN G 253 44.15 -48.57 18.65
C ASN G 253 44.35 -48.64 17.14
N HIS G 254 43.52 -47.95 16.35
CA HIS G 254 43.71 -47.83 14.86
C HIS G 254 44.15 -46.42 14.48
N GLY G 255 44.85 -45.73 15.38
CA GLY G 255 45.45 -44.41 15.14
C GLY G 255 44.48 -43.27 15.48
N PRO G 256 44.84 -42.02 15.10
CA PRO G 256 44.05 -40.85 15.48
C PRO G 256 42.72 -40.80 14.70
N LEU G 257 41.62 -40.60 15.42
CA LEU G 257 40.25 -40.50 14.88
C LEU G 257 39.73 -39.08 15.13
N VAL G 258 39.23 -38.41 14.09
CA VAL G 258 38.63 -37.05 14.20
C VAL G 258 37.20 -37.21 14.75
N MET G 259 36.87 -36.49 15.82
CA MET G 259 35.53 -36.50 16.47
C MET G 259 34.73 -35.28 16.02
N GLU G 260 35.40 -34.12 15.92
CA GLU G 260 34.77 -32.81 15.72
C GLU G 260 35.68 -31.94 14.86
N VAL G 261 35.11 -31.22 13.90
CA VAL G 261 35.78 -30.07 13.23
C VAL G 261 34.90 -28.84 13.45
N ASN G 262 35.34 -27.93 14.31
CA ASN G 262 34.59 -26.73 14.77
C ASN G 262 35.13 -25.50 14.01
N SER G 263 34.24 -24.77 13.35
CA SER G 263 34.51 -23.55 12.54
C SER G 263 34.67 -22.32 13.44
N SER G 264 34.31 -22.42 14.72
CA SER G 264 34.34 -21.31 15.70
C SER G 264 34.89 -21.81 17.03
N PRO G 265 36.15 -22.27 17.08
CA PRO G 265 36.72 -22.86 18.29
C PRO G 265 36.96 -21.81 19.39
N GLY G 266 36.75 -22.20 20.65
CA GLY G 266 37.04 -21.37 21.83
C GLY G 266 38.53 -21.10 21.97
N LEU G 267 38.89 -19.97 22.57
CA LEU G 267 40.31 -19.58 22.80
C LEU G 267 40.70 -19.78 24.28
N GLU G 268 39.73 -19.80 25.20
CA GLU G 268 40.02 -19.77 26.67
C GLU G 268 40.85 -20.98 27.06
N GLY G 269 40.35 -22.19 26.82
CA GLY G 269 41.01 -23.45 27.19
C GLY G 269 42.42 -23.50 26.63
N ILE G 270 42.56 -23.32 25.32
CA ILE G 270 43.83 -23.51 24.57
C ILE G 270 44.84 -22.42 24.98
N GLU G 271 44.40 -21.18 25.19
CA GLU G 271 45.31 -20.04 25.53
C GLU G 271 45.83 -20.21 26.96
N SER G 272 44.96 -20.53 27.93
CA SER G 272 45.35 -20.66 29.36
C SER G 272 46.28 -21.85 29.56
N THR G 273 46.18 -22.90 28.73
CA THR G 273 47.00 -24.14 28.83
C THR G 273 48.36 -23.94 28.13
N THR G 274 48.40 -23.34 26.93
CA THR G 274 49.64 -23.19 26.11
C THR G 274 50.34 -21.86 26.42
N GLY G 275 49.60 -20.82 26.80
CA GLY G 275 50.13 -19.46 27.04
C GLY G 275 50.36 -18.69 25.75
N LYS G 276 49.91 -19.21 24.61
CA LYS G 276 50.16 -18.64 23.26
C LYS G 276 49.11 -17.58 22.92
N ASP G 277 49.51 -16.53 22.20
CA ASP G 277 48.63 -15.45 21.69
C ASP G 277 47.92 -15.98 20.43
N ILE G 278 46.88 -16.81 20.62
CA ILE G 278 46.11 -17.46 19.52
C ILE G 278 45.33 -16.36 18.78
N ALA G 279 44.67 -15.47 19.52
CA ALA G 279 43.92 -14.32 18.97
C ALA G 279 44.83 -13.54 18.01
N GLY G 280 46.05 -13.23 18.47
CA GLY G 280 47.09 -12.54 17.68
C GLY G 280 47.40 -13.27 16.38
N ILE G 281 47.59 -14.59 16.43
CA ILE G 281 47.96 -15.43 15.25
C ILE G 281 46.81 -15.38 14.24
N ILE G 282 45.56 -15.37 14.71
CA ILE G 282 44.34 -15.26 13.85
C ILE G 282 44.35 -13.90 13.16
N ILE G 283 44.65 -12.83 13.90
CA ILE G 283 44.72 -11.45 13.33
C ILE G 283 45.82 -11.44 12.27
N GLN G 284 46.98 -12.03 12.59
CA GLN G 284 48.13 -12.15 11.65
C GLN G 284 47.67 -12.83 10.36
N TYR G 285 46.87 -13.90 10.46
CA TYR G 285 46.36 -14.63 9.28
C TYR G 285 45.57 -13.67 8.38
N LEU G 286 44.73 -12.81 8.97
CA LEU G 286 43.90 -11.84 8.22
C LEU G 286 44.80 -10.80 7.53
N GLU G 287 45.83 -10.33 8.21
CA GLU G 287 46.83 -9.37 7.67
C GLU G 287 47.47 -9.96 6.40
N LYS G 288 47.88 -11.23 6.45
CA LYS G 288 48.66 -11.90 5.38
C LYS G 288 47.77 -12.30 4.19
N ASN G 289 46.44 -12.40 4.38
CA ASN G 289 45.51 -12.97 3.36
C ASN G 289 44.38 -11.99 2.99
N GLY G 290 44.12 -10.96 3.80
CA GLY G 290 43.32 -9.77 3.44
C GLY G 290 44.18 -8.51 3.44
N MET H 1 -33.09 -31.68 22.67
CA MET H 1 -31.98 -30.79 23.09
C MET H 1 -31.19 -30.33 21.87
N LYS H 2 -30.55 -29.16 21.98
CA LYS H 2 -29.49 -28.70 21.06
C LYS H 2 -28.14 -28.96 21.73
N ILE H 3 -27.31 -29.82 21.12
CA ILE H 3 -26.03 -30.32 21.70
C ILE H 3 -24.87 -29.95 20.76
N ALA H 4 -23.89 -29.22 21.28
CA ALA H 4 -22.61 -28.92 20.61
C ALA H 4 -21.65 -30.09 20.86
N VAL H 5 -20.93 -30.51 19.83
CA VAL H 5 -19.79 -31.48 19.91
C VAL H 5 -18.53 -30.70 19.53
N LEU H 6 -17.67 -30.39 20.51
CA LEU H 6 -16.35 -29.76 20.27
C LEU H 6 -15.41 -30.83 19.71
N SER H 7 -15.25 -30.86 18.40
CA SER H 7 -14.38 -31.82 17.66
C SER H 7 -13.78 -31.12 16.45
N ARG H 8 -12.49 -31.31 16.20
CA ARG H 8 -11.77 -30.64 15.08
C ARG H 8 -12.10 -31.34 13.76
N ASN H 9 -12.67 -32.55 13.81
CA ASN H 9 -12.92 -33.39 12.62
C ASN H 9 -14.24 -34.15 12.77
N PRO H 10 -15.30 -33.75 12.04
CA PRO H 10 -16.60 -34.43 12.12
C PRO H 10 -16.66 -35.82 11.47
N ARG H 11 -15.59 -36.24 10.77
CA ARG H 11 -15.52 -37.55 10.07
C ARG H 11 -14.97 -38.64 11.01
N LEU H 12 -14.37 -38.25 12.14
CA LEU H 12 -13.81 -39.20 13.16
C LEU H 12 -14.92 -40.12 13.68
N TYR H 13 -14.64 -41.41 13.85
CA TYR H 13 -15.62 -42.46 14.30
C TYR H 13 -16.45 -41.94 15.47
N SER H 14 -15.79 -41.48 16.54
CA SER H 14 -16.42 -41.11 17.84
C SER H 14 -17.33 -39.89 17.66
N THR H 15 -16.88 -38.89 16.90
CA THR H 15 -17.67 -37.66 16.63
C THR H 15 -18.89 -38.02 15.76
N ARG H 16 -18.68 -38.77 14.68
CA ARG H 16 -19.76 -39.27 13.78
C ARG H 16 -20.83 -39.97 14.62
N ARG H 17 -20.40 -40.92 15.47
CA ARG H 17 -21.30 -41.79 16.27
C ARG H 17 -22.10 -40.95 17.28
N LEU H 18 -21.46 -40.00 17.95
CA LEU H 18 -22.14 -39.10 18.92
C LEU H 18 -23.22 -38.28 18.18
N VAL H 19 -22.89 -37.78 16.99
CA VAL H 19 -23.84 -37.00 16.12
C VAL H 19 -24.99 -37.93 15.69
N GLU H 20 -24.66 -39.14 15.22
CA GLU H 20 -25.63 -40.18 14.79
C GLU H 20 -26.61 -40.48 15.93
N ALA H 21 -26.08 -40.83 17.11
CA ALA H 21 -26.85 -41.26 18.29
C ALA H 21 -27.76 -40.13 18.77
N GLY H 22 -27.26 -38.90 18.79
CA GLY H 22 -28.03 -37.70 19.17
C GLY H 22 -29.24 -37.51 18.28
N ARG H 23 -29.06 -37.71 16.96
CA ARG H 23 -30.09 -37.46 15.92
C ARG H 23 -31.14 -38.58 15.96
N GLU H 24 -30.73 -39.84 16.14
CA GLU H 24 -31.64 -41.00 16.39
C GLU H 24 -32.64 -40.65 17.49
N ARG H 25 -32.21 -39.87 18.49
CA ARG H 25 -32.97 -39.61 19.75
C ARG H 25 -33.59 -38.20 19.72
N GLY H 26 -33.64 -37.58 18.53
CA GLY H 26 -34.46 -36.38 18.25
C GLY H 26 -33.76 -35.08 18.63
N HIS H 27 -32.45 -35.10 18.85
CA HIS H 27 -31.64 -33.92 19.27
C HIS H 27 -31.05 -33.23 18.03
N GLU H 28 -30.87 -31.92 18.11
CA GLU H 28 -30.10 -31.13 17.11
C GLU H 28 -28.61 -31.19 17.52
N MET H 29 -27.80 -31.90 16.74
CA MET H 29 -26.35 -32.13 17.00
C MET H 29 -25.55 -31.23 16.05
N VAL H 30 -24.75 -30.32 16.60
CA VAL H 30 -23.92 -29.35 15.84
C VAL H 30 -22.45 -29.58 16.20
N VAL H 31 -21.62 -29.95 15.21
CA VAL H 31 -20.16 -30.11 15.40
C VAL H 31 -19.50 -28.74 15.29
N ILE H 32 -18.87 -28.28 16.37
CA ILE H 32 -18.11 -27.00 16.47
C ILE H 32 -16.62 -27.33 16.43
N ASP H 33 -15.91 -26.91 15.36
CA ASP H 33 -14.43 -26.99 15.29
C ASP H 33 -13.88 -26.04 16.37
N THR H 34 -13.39 -26.63 17.47
CA THR H 34 -12.94 -25.92 18.69
C THR H 34 -12.13 -24.68 18.36
N LEU H 35 -11.21 -24.76 17.40
CA LEU H 35 -10.21 -23.68 17.13
C LEU H 35 -10.82 -22.54 16.31
N ARG H 36 -12.01 -22.74 15.75
CA ARG H 36 -12.69 -21.75 14.87
C ARG H 36 -13.73 -20.97 15.70
N ALA H 37 -13.96 -21.37 16.95
CA ALA H 37 -14.72 -20.59 17.94
C ALA H 37 -13.81 -19.48 18.51
N TYR H 38 -14.33 -18.26 18.58
CA TYR H 38 -13.66 -17.08 19.19
C TYR H 38 -14.69 -16.37 20.07
N MET H 39 -14.23 -15.62 21.08
CA MET H 39 -15.09 -15.23 22.23
C MET H 39 -14.67 -13.87 22.78
N ASN H 40 -15.67 -13.12 23.22
CA ASN H 40 -15.56 -11.98 24.16
C ASN H 40 -15.80 -12.55 25.56
N ILE H 41 -14.90 -12.30 26.51
CA ILE H 41 -14.91 -12.96 27.84
C ILE H 41 -15.63 -12.11 28.89
N ALA H 42 -16.53 -11.21 28.48
CA ALA H 42 -17.37 -10.40 29.39
C ALA H 42 -18.33 -11.35 30.13
N SER H 43 -18.41 -11.23 31.46
CA SER H 43 -19.35 -11.97 32.34
C SER H 43 -20.81 -11.56 32.05
N HIS H 44 -21.05 -10.30 31.69
CA HIS H 44 -22.39 -9.76 31.31
C HIS H 44 -22.74 -10.14 29.86
N LYS H 45 -23.77 -10.98 29.70
CA LYS H 45 -24.23 -11.51 28.38
C LYS H 45 -23.05 -12.21 27.68
N PRO H 46 -22.54 -13.32 28.26
CA PRO H 46 -21.39 -14.03 27.70
C PRO H 46 -21.76 -14.76 26.40
N GLN H 47 -20.93 -14.61 25.36
CA GLN H 47 -21.21 -15.17 24.01
C GLN H 47 -19.95 -15.82 23.41
N ILE H 48 -20.17 -16.79 22.53
CA ILE H 48 -19.16 -17.48 21.66
C ILE H 48 -19.58 -17.25 20.21
N HIS H 49 -18.67 -16.72 19.39
CA HIS H 49 -18.90 -16.53 17.93
C HIS H 49 -18.23 -17.67 17.15
N TYR H 50 -18.79 -17.99 15.99
CA TYR H 50 -18.37 -19.12 15.13
C TYR H 50 -18.79 -18.79 13.70
N ARG H 51 -17.80 -18.60 12.81
CA ARG H 51 -18.06 -18.28 11.38
C ARG H 51 -18.98 -17.06 11.29
N GLY H 52 -18.68 -16.00 12.06
CA GLY H 52 -19.30 -14.67 11.93
C GLY H 52 -20.56 -14.51 12.77
N GLN H 53 -21.11 -15.58 13.35
CA GLN H 53 -22.42 -15.56 14.07
C GLN H 53 -22.23 -16.01 15.51
N PRO H 54 -23.07 -15.54 16.45
CA PRO H 54 -23.10 -16.09 17.81
C PRO H 54 -23.69 -17.51 17.85
N LEU H 55 -23.24 -18.31 18.81
CA LEU H 55 -23.81 -19.65 19.12
C LEU H 55 -24.86 -19.47 20.24
N GLU H 56 -26.12 -19.82 19.95
CA GLU H 56 -27.29 -19.54 20.81
C GLU H 56 -28.16 -20.79 20.92
N GLY H 57 -28.86 -20.92 22.05
CA GLY H 57 -29.87 -21.97 22.30
C GLY H 57 -29.27 -23.35 22.51
N PHE H 58 -27.99 -23.46 22.86
CA PHE H 58 -27.34 -24.76 23.18
C PHE H 58 -27.73 -25.17 24.60
N ASP H 59 -28.18 -26.41 24.77
CA ASP H 59 -28.57 -27.01 26.07
C ASP H 59 -27.35 -27.68 26.71
N ALA H 60 -26.55 -28.39 25.92
CA ALA H 60 -25.39 -29.18 26.40
C ALA H 60 -24.25 -29.13 25.39
N VAL H 61 -23.05 -29.48 25.84
CA VAL H 61 -21.83 -29.57 24.98
C VAL H 61 -21.05 -30.83 25.35
N ILE H 62 -20.63 -31.60 24.33
CA ILE H 62 -19.76 -32.79 24.45
C ILE H 62 -18.36 -32.36 24.02
N PRO H 63 -17.41 -32.17 24.97
CA PRO H 63 -16.04 -31.84 24.63
C PRO H 63 -15.27 -33.09 24.16
N ARG H 64 -14.75 -33.04 22.94
CA ARG H 64 -13.79 -34.03 22.38
C ARG H 64 -12.51 -33.28 22.08
N ILE H 65 -11.89 -32.71 23.12
CA ILE H 65 -10.75 -31.77 23.00
C ILE H 65 -9.48 -32.61 22.89
N GLY H 66 -8.82 -32.60 21.73
CA GLY H 66 -7.50 -33.25 21.52
C GLY H 66 -6.47 -32.69 22.47
N ALA H 67 -5.49 -33.51 22.90
CA ALA H 67 -4.50 -33.17 23.94
C ALA H 67 -3.64 -31.97 23.52
N SER H 68 -3.35 -31.81 22.23
CA SER H 68 -2.51 -30.72 21.69
C SER H 68 -3.18 -29.35 21.87
N VAL H 69 -4.51 -29.29 22.06
CA VAL H 69 -5.29 -28.01 22.11
C VAL H 69 -6.08 -27.95 23.43
N THR H 70 -5.53 -28.52 24.51
CA THR H 70 -6.21 -28.61 25.83
C THR H 70 -6.54 -27.21 26.36
N PHE H 71 -5.59 -26.29 26.34
CA PHE H 71 -5.74 -24.92 26.91
C PHE H 71 -6.86 -24.18 26.18
N TYR H 72 -6.82 -24.14 24.84
CA TYR H 72 -7.81 -23.36 24.06
C TYR H 72 -9.18 -24.05 24.12
N GLY H 73 -9.20 -25.39 24.00
CA GLY H 73 -10.43 -26.19 24.09
C GLY H 73 -11.12 -25.98 25.42
N CYS H 74 -10.37 -25.93 26.51
CA CYS H 74 -10.90 -25.73 27.88
C CYS H 74 -11.43 -24.29 28.01
N ALA H 75 -10.84 -23.31 27.33
CA ALA H 75 -11.31 -21.90 27.31
C ALA H 75 -12.68 -21.84 26.62
N VAL H 76 -12.84 -22.53 25.49
CA VAL H 76 -14.13 -22.57 24.74
C VAL H 76 -15.18 -23.27 25.60
N LEU H 77 -14.82 -24.39 26.24
CA LEU H 77 -15.74 -25.18 27.11
C LEU H 77 -16.15 -24.35 28.33
N ARG H 78 -15.18 -23.70 28.97
CA ARG H 78 -15.38 -22.82 30.15
C ARG H 78 -16.40 -21.74 29.81
N GLN H 79 -16.34 -21.19 28.60
CA GLN H 79 -17.24 -20.13 28.10
C GLN H 79 -18.65 -20.71 28.00
N PHE H 80 -18.82 -21.87 27.38
CA PHE H 80 -20.11 -22.60 27.31
C PHE H 80 -20.67 -22.75 28.74
N GLU H 81 -19.82 -23.17 29.68
CA GLU H 81 -20.21 -23.41 31.10
C GLU H 81 -20.74 -22.08 31.68
N MET H 82 -20.00 -20.98 31.52
CA MET H 82 -20.38 -19.65 32.04
C MET H 82 -21.73 -19.20 31.44
N MET H 83 -22.07 -19.65 30.22
CA MET H 83 -23.33 -19.30 29.52
C MET H 83 -24.47 -20.25 29.95
N GLY H 84 -24.24 -21.13 30.94
CA GLY H 84 -25.25 -22.04 31.49
C GLY H 84 -25.45 -23.30 30.68
N VAL H 85 -24.59 -23.57 29.68
CA VAL H 85 -24.66 -24.82 28.86
C VAL H 85 -24.08 -25.97 29.69
N PHE H 86 -24.74 -27.12 29.69
CA PHE H 86 -24.35 -28.30 30.50
C PHE H 86 -23.20 -29.04 29.82
N PRO H 87 -22.01 -29.14 30.45
CA PRO H 87 -20.89 -29.88 29.87
C PRO H 87 -20.92 -31.36 30.27
N LEU H 88 -20.75 -32.27 29.30
CA LEU H 88 -20.67 -33.73 29.57
C LEU H 88 -19.59 -33.96 30.63
N ASN H 89 -18.43 -33.34 30.42
CA ASN H 89 -17.29 -33.28 31.37
C ASN H 89 -16.93 -31.81 31.60
N GLU H 90 -16.67 -31.42 32.85
CA GLU H 90 -16.28 -30.04 33.23
C GLU H 90 -14.87 -29.74 32.73
N SER H 91 -14.65 -28.48 32.34
CA SER H 91 -13.37 -27.90 31.88
C SER H 91 -12.26 -28.19 32.89
N VAL H 92 -12.51 -27.95 34.18
CA VAL H 92 -11.51 -28.11 35.27
C VAL H 92 -11.04 -29.57 35.32
N ALA H 93 -11.97 -30.51 35.14
CA ALA H 93 -11.72 -31.95 35.20
C ALA H 93 -10.90 -32.40 33.99
N ILE H 94 -11.23 -31.90 32.79
CA ILE H 94 -10.50 -32.26 31.54
C ILE H 94 -9.07 -31.74 31.64
N ALA H 95 -8.88 -30.49 32.05
CA ALA H 95 -7.53 -29.88 32.23
C ALA H 95 -6.73 -30.73 33.22
N ARG H 96 -7.33 -31.08 34.36
CA ARG H 96 -6.68 -31.89 35.42
C ARG H 96 -6.22 -33.24 34.85
N SER H 97 -7.10 -33.94 34.12
CA SER H 97 -6.84 -35.31 33.61
C SER H 97 -5.75 -35.29 32.51
N ARG H 98 -5.56 -34.17 31.81
CA ARG H 98 -4.59 -34.04 30.70
C ARG H 98 -3.18 -33.76 31.23
N ASP H 99 -3.07 -33.29 32.49
CA ASP H 99 -1.81 -33.13 33.22
C ASP H 99 -1.48 -34.47 33.89
N LYS H 100 -0.74 -35.34 33.20
CA LYS H 100 -0.52 -36.75 33.64
C LYS H 100 0.17 -36.76 35.01
N LEU H 101 1.11 -35.86 35.25
CA LEU H 101 1.85 -35.77 36.54
C LEU H 101 0.87 -35.47 37.68
N ARG H 102 0.02 -34.48 37.49
CA ARG H 102 -1.00 -34.05 38.47
C ARG H 102 -2.02 -35.17 38.69
N SER H 103 -2.46 -35.84 37.64
CA SER H 103 -3.43 -36.96 37.68
C SER H 103 -2.91 -38.07 38.59
N LEU H 104 -1.66 -38.50 38.37
CA LEU H 104 -1.04 -39.61 39.14
C LEU H 104 -0.92 -39.21 40.61
N GLN H 105 -0.44 -37.99 40.88
CA GLN H 105 -0.28 -37.49 42.27
C GLN H 105 -1.64 -37.45 42.97
N LEU H 106 -2.70 -37.09 42.27
CA LEU H 106 -4.07 -37.03 42.86
C LEU H 106 -4.58 -38.45 43.15
N LEU H 107 -4.52 -39.34 42.16
CA LEU H 107 -4.97 -40.75 42.32
C LEU H 107 -4.20 -41.41 43.48
N SER H 108 -2.89 -41.17 43.56
CA SER H 108 -2.01 -41.69 44.64
C SER H 108 -2.50 -41.17 46.00
N ARG H 109 -2.65 -39.86 46.13
CA ARG H 109 -3.13 -39.17 47.36
C ARG H 109 -4.48 -39.75 47.82
N LYS H 110 -5.35 -40.16 46.90
CA LYS H 110 -6.72 -40.66 47.21
C LYS H 110 -6.74 -42.19 47.33
N GLY H 111 -5.57 -42.83 47.40
CA GLY H 111 -5.44 -44.28 47.65
C GLY H 111 -5.95 -45.14 46.52
N ILE H 112 -5.99 -44.64 45.29
CA ILE H 112 -6.28 -45.46 44.07
C ILE H 112 -5.02 -46.29 43.76
N GLY H 113 -5.19 -47.55 43.39
CA GLY H 113 -4.07 -48.43 43.01
C GLY H 113 -3.36 -47.90 41.79
N LEU H 114 -2.04 -47.75 41.87
CA LEU H 114 -1.16 -47.31 40.77
C LEU H 114 0.06 -48.20 40.71
N PRO H 115 0.71 -48.35 39.53
CA PRO H 115 2.06 -48.88 39.47
C PRO H 115 2.96 -47.92 40.27
N VAL H 116 3.97 -48.44 40.95
CA VAL H 116 5.04 -47.59 41.53
C VAL H 116 5.53 -46.68 40.40
N THR H 117 5.56 -45.38 40.65
CA THR H 117 5.76 -44.34 39.61
C THR H 117 6.71 -43.27 40.13
N GLY H 118 7.66 -42.87 39.29
CA GLY H 118 8.59 -41.77 39.57
C GLY H 118 8.55 -40.71 38.51
N PHE H 119 8.86 -39.48 38.91
CA PHE H 119 8.99 -38.30 38.03
C PHE H 119 10.42 -37.81 38.10
N ALA H 120 10.92 -37.33 36.97
CA ALA H 120 12.26 -36.71 36.88
C ALA H 120 12.24 -35.75 35.70
N HIS H 121 13.19 -34.80 35.69
CA HIS H 121 13.48 -33.95 34.52
C HIS H 121 14.99 -34.02 34.24
N SER H 122 15.79 -33.48 35.15
CA SER H 122 17.27 -33.42 35.09
C SER H 122 17.83 -33.96 36.39
N PRO H 123 17.61 -35.25 36.73
CA PRO H 123 18.22 -35.85 37.92
C PRO H 123 19.74 -35.97 37.76
N ASP H 124 20.51 -35.68 38.83
CA ASP H 124 21.98 -35.83 38.85
C ASP H 124 22.37 -37.29 39.08
N ASP H 125 21.47 -38.07 39.69
CA ASP H 125 21.72 -39.48 40.12
C ASP H 125 20.66 -40.39 39.53
N VAL H 126 20.87 -40.85 38.29
CA VAL H 126 19.95 -41.74 37.54
C VAL H 126 19.84 -43.09 38.25
N PRO H 127 20.95 -43.72 38.69
CA PRO H 127 20.85 -44.98 39.43
C PRO H 127 19.95 -44.89 40.67
N ASP H 128 20.00 -43.75 41.38
CA ASP H 128 19.16 -43.50 42.58
C ASP H 128 17.68 -43.47 42.17
N LEU H 129 17.36 -42.76 41.09
CA LEU H 129 15.98 -42.68 40.53
C LEU H 129 15.48 -44.10 40.20
N ILE H 130 16.30 -44.90 39.53
CA ILE H 130 15.94 -46.28 39.08
C ILE H 130 15.69 -47.14 40.32
N GLU H 131 16.53 -46.98 41.35
CA GLU H 131 16.40 -47.75 42.61
C GLU H 131 15.10 -47.36 43.32
N MET H 132 14.80 -46.05 43.40
CA MET H 132 13.62 -45.48 44.09
C MET H 132 12.34 -46.19 43.65
N VAL H 133 12.19 -46.47 42.34
CA VAL H 133 10.92 -47.00 41.76
C VAL H 133 10.99 -48.52 41.65
N GLY H 134 12.00 -49.16 42.26
CA GLY H 134 12.07 -50.63 42.38
C GLY H 134 12.90 -51.28 41.29
N GLY H 135 13.63 -50.49 40.50
CA GLY H 135 14.60 -51.01 39.51
C GLY H 135 13.94 -51.54 38.25
N ALA H 136 14.75 -52.00 37.30
CA ALA H 136 14.31 -52.64 36.05
C ALA H 136 13.61 -53.96 36.37
N PRO H 137 12.66 -54.44 35.53
CA PRO H 137 12.26 -53.73 34.31
C PRO H 137 11.31 -52.56 34.65
N LEU H 138 11.40 -51.46 33.91
CA LEU H 138 10.47 -50.33 34.09
C LEU H 138 10.15 -49.71 32.72
N VAL H 139 9.02 -49.02 32.67
CA VAL H 139 8.48 -48.33 31.45
C VAL H 139 8.77 -46.85 31.62
N ILE H 140 9.37 -46.23 30.60
CA ILE H 140 9.81 -44.81 30.66
C ILE H 140 8.98 -44.04 29.62
N LYS H 141 8.22 -43.05 30.10
CA LYS H 141 7.35 -42.17 29.30
C LYS H 141 7.97 -40.77 29.26
N LEU H 142 7.96 -40.15 28.09
CA LEU H 142 8.36 -38.75 27.85
C LEU H 142 7.08 -37.92 27.72
N LEU H 143 6.95 -36.85 28.52
CA LEU H 143 5.80 -35.91 28.54
C LEU H 143 6.28 -34.51 28.12
N GLU H 144 5.56 -33.85 27.23
CA GLU H 144 5.72 -32.41 26.92
C GLU H 144 4.39 -31.72 27.22
N GLY H 145 4.32 -30.98 28.33
CA GLY H 145 3.07 -30.40 28.86
C GLY H 145 1.99 -31.46 28.99
N THR H 146 0.91 -31.33 28.22
CA THR H 146 -0.34 -32.13 28.29
C THR H 146 -0.34 -33.27 27.25
N GLN H 147 0.82 -33.67 26.74
CA GLN H 147 0.96 -34.69 25.65
C GLN H 147 2.05 -35.70 25.97
N GLY H 148 1.76 -37.00 25.78
CA GLY H 148 2.74 -38.09 25.80
C GLY H 148 3.47 -38.15 24.47
N ILE H 149 4.82 -38.15 24.50
CA ILE H 149 5.71 -38.03 23.31
C ILE H 149 6.26 -39.41 22.93
N GLY H 150 6.56 -40.26 23.90
CA GLY H 150 7.24 -41.56 23.67
C GLY H 150 7.08 -42.51 24.84
N VAL H 151 7.20 -43.83 24.59
CA VAL H 151 7.09 -44.89 25.62
C VAL H 151 8.12 -45.98 25.29
N VAL H 152 8.97 -46.35 26.25
CA VAL H 152 9.94 -47.47 26.06
C VAL H 152 9.90 -48.43 27.27
N LEU H 153 9.86 -49.73 26.99
CA LEU H 153 10.15 -50.79 27.98
C LEU H 153 11.67 -50.96 28.09
N CYS H 154 12.21 -50.76 29.29
CA CYS H 154 13.65 -50.95 29.61
C CYS H 154 13.78 -52.19 30.52
N GLU H 155 14.24 -53.31 29.94
CA GLU H 155 14.23 -54.63 30.62
C GLU H 155 15.36 -54.73 31.64
N THR H 156 16.43 -53.94 31.49
CA THR H 156 17.64 -54.01 32.37
C THR H 156 17.98 -52.63 32.92
N GLU H 157 18.72 -52.57 34.04
CA GLU H 157 19.22 -51.32 34.68
C GLU H 157 19.99 -50.49 33.63
N LYS H 158 20.83 -51.13 32.82
CA LYS H 158 21.72 -50.41 31.87
C LYS H 158 20.88 -49.81 30.73
N ALA H 159 19.81 -50.49 30.33
CA ALA H 159 18.85 -49.98 29.32
C ALA H 159 18.11 -48.76 29.86
N ALA H 160 17.64 -48.81 31.11
CA ALA H 160 17.00 -47.66 31.80
C ALA H 160 18.00 -46.51 31.89
N GLU H 161 19.26 -46.78 32.27
CA GLU H 161 20.30 -45.74 32.40
C GLU H 161 20.47 -45.01 31.06
N SER H 162 20.52 -45.77 29.97
CA SER H 162 20.81 -45.24 28.60
C SER H 162 19.62 -44.41 28.11
N VAL H 163 18.39 -44.92 28.25
CA VAL H 163 17.15 -44.21 27.82
C VAL H 163 17.03 -42.90 28.61
N LEU H 164 17.26 -42.90 29.92
CA LEU H 164 17.13 -41.69 30.77
C LEU H 164 18.20 -40.67 30.37
N GLU H 165 19.43 -41.12 30.14
CA GLU H 165 20.54 -40.23 29.70
C GLU H 165 20.18 -39.61 28.34
N ALA H 166 19.63 -40.41 27.43
CA ALA H 166 19.21 -39.98 26.09
C ALA H 166 18.11 -38.91 26.18
N PHE H 167 17.10 -39.15 27.00
CA PHE H 167 15.89 -38.29 27.11
C PHE H 167 16.18 -37.03 27.92
N MET H 168 17.23 -37.05 28.73
CA MET H 168 17.63 -35.87 29.53
C MET H 168 18.12 -34.76 28.61
N GLY H 169 18.56 -35.06 27.39
CA GLY H 169 18.95 -34.07 26.38
C GLY H 169 17.77 -33.44 25.65
N LEU H 170 16.56 -33.95 25.84
CA LEU H 170 15.33 -33.41 25.18
C LEU H 170 14.65 -32.36 26.05
N LYS H 171 15.05 -32.20 27.32
CA LYS H 171 14.45 -31.23 28.28
C LYS H 171 12.92 -31.38 28.35
N HIS H 172 12.42 -32.61 28.34
CA HIS H 172 11.00 -32.99 28.55
C HIS H 172 10.81 -33.55 29.97
N ASN H 173 9.57 -33.76 30.41
CA ASN H 173 9.26 -34.36 31.74
C ASN H 173 9.28 -35.88 31.57
N ILE H 174 9.85 -36.61 32.53
CA ILE H 174 10.09 -38.08 32.43
C ILE H 174 9.29 -38.79 33.53
N MET H 175 8.46 -39.74 33.11
CA MET H 175 7.75 -40.70 33.98
C MET H 175 8.48 -42.04 33.93
N VAL H 176 8.73 -42.63 35.09
CA VAL H 176 9.31 -44.00 35.24
C VAL H 176 8.27 -44.83 36.00
N GLN H 177 7.86 -45.98 35.48
CA GLN H 177 6.87 -46.89 36.13
C GLN H 177 7.39 -48.31 36.17
N GLU H 178 7.14 -49.03 37.29
CA GLU H 178 7.37 -50.48 37.37
C GLU H 178 6.56 -51.11 36.23
N TYR H 179 7.18 -52.06 35.54
CA TYR H 179 6.54 -52.94 34.54
C TYR H 179 5.81 -54.06 35.28
N ILE H 180 4.51 -54.14 35.11
CA ILE H 180 3.62 -55.18 35.74
C ILE H 180 3.62 -56.43 34.85
N LYS H 181 4.63 -57.28 35.03
CA LYS H 181 4.85 -58.51 34.20
C LYS H 181 3.67 -59.48 34.40
N GLU H 182 3.10 -59.54 35.61
CA GLU H 182 2.10 -60.57 36.02
C GLU H 182 0.79 -60.37 35.23
N ALA H 183 0.58 -59.20 34.62
CA ALA H 183 -0.58 -58.89 33.75
C ALA H 183 -0.49 -59.65 32.43
N GLY H 184 0.70 -60.17 32.08
CA GLY H 184 0.93 -60.96 30.85
C GLY H 184 0.52 -60.19 29.59
N GLY H 185 0.80 -58.89 29.54
CA GLY H 185 0.56 -58.01 28.38
C GLY H 185 -0.90 -57.67 28.17
N ALA H 186 -1.78 -57.99 29.12
CA ALA H 186 -3.23 -57.66 29.07
C ALA H 186 -3.53 -56.44 29.93
N ASP H 187 -4.51 -55.61 29.53
CA ASP H 187 -5.09 -54.54 30.36
C ASP H 187 -6.61 -54.52 30.15
N ILE H 188 -7.34 -53.92 31.08
CA ILE H 188 -8.82 -53.77 31.03
C ILE H 188 -9.12 -52.31 30.72
N ARG H 189 -9.88 -52.03 29.65
CA ARG H 189 -10.47 -50.69 29.42
C ARG H 189 -11.91 -50.69 29.96
N CYS H 190 -12.16 -49.90 31.00
CA CYS H 190 -13.49 -49.67 31.61
C CYS H 190 -14.04 -48.34 31.10
N PHE H 191 -15.18 -48.37 30.42
CA PHE H 191 -15.90 -47.14 29.98
C PHE H 191 -16.86 -46.72 31.09
N VAL H 192 -16.52 -45.65 31.79
CA VAL H 192 -17.28 -45.10 32.95
C VAL H 192 -18.20 -43.96 32.47
N VAL H 193 -19.49 -44.04 32.80
CA VAL H 193 -20.52 -42.98 32.60
C VAL H 193 -21.30 -42.85 33.91
N GLY H 194 -21.30 -41.67 34.50
CA GLY H 194 -21.78 -41.41 35.88
C GLY H 194 -21.03 -42.31 36.84
N ASP H 195 -21.74 -42.93 37.76
CA ASP H 195 -21.14 -43.79 38.83
C ASP H 195 -21.20 -45.25 38.37
N LYS H 196 -21.09 -45.53 37.07
CA LYS H 196 -21.24 -46.90 36.51
C LYS H 196 -20.18 -47.19 35.43
N VAL H 197 -19.61 -48.40 35.46
CA VAL H 197 -18.89 -48.98 34.28
C VAL H 197 -19.96 -49.57 33.37
N ILE H 198 -20.21 -48.96 32.20
CA ILE H 198 -21.30 -49.33 31.27
C ILE H 198 -20.78 -50.35 30.24
N ALA H 199 -19.46 -50.51 30.14
CA ALA H 199 -18.82 -51.43 29.17
C ALA H 199 -17.35 -51.59 29.53
N SER H 200 -16.78 -52.76 29.21
CA SER H 200 -15.35 -53.08 29.45
C SER H 200 -14.87 -54.09 28.42
N MET H 201 -13.56 -54.14 28.20
CA MET H 201 -12.90 -55.08 27.25
C MET H 201 -11.47 -55.37 27.74
N LYS H 202 -10.96 -56.55 27.41
CA LYS H 202 -9.54 -56.94 27.61
C LYS H 202 -8.79 -56.63 26.33
N ARG H 203 -7.68 -55.91 26.42
CA ARG H 203 -6.73 -55.67 25.30
C ARG H 203 -5.47 -56.52 25.56
N GLN H 204 -5.13 -57.41 24.64
CA GLN H 204 -3.94 -58.30 24.73
C GLN H 204 -2.90 -57.84 23.70
N ALA H 205 -1.69 -57.50 24.16
CA ALA H 205 -0.53 -57.14 23.30
C ALA H 205 -0.08 -58.40 22.52
N ALA H 206 0.37 -58.20 21.28
CA ALA H 206 0.95 -59.25 20.41
C ALA H 206 2.13 -59.89 21.15
N PRO H 207 2.43 -61.19 20.93
CA PRO H 207 3.58 -61.83 21.58
C PRO H 207 4.85 -61.00 21.37
N SER H 219 -4.84 -57.47 20.07
CA SER H 219 -6.23 -57.99 19.94
C SER H 219 -7.06 -57.60 21.18
N ALA H 220 -8.39 -57.56 21.02
CA ALA H 220 -9.38 -57.19 22.06
C ALA H 220 -10.41 -58.32 22.24
N SER H 221 -10.95 -58.47 23.45
CA SER H 221 -11.98 -59.49 23.80
C SER H 221 -12.88 -59.00 24.93
N LEU H 222 -14.05 -59.62 25.08
CA LEU H 222 -14.99 -59.41 26.23
C LEU H 222 -14.31 -59.88 27.52
N ILE H 223 -14.70 -59.31 28.66
CA ILE H 223 -14.14 -59.63 30.01
C ILE H 223 -15.22 -59.37 31.08
N LYS H 224 -15.30 -60.23 32.08
CA LYS H 224 -16.09 -60.02 33.32
C LYS H 224 -15.14 -59.41 34.36
N ILE H 225 -15.30 -58.12 34.68
CA ILE H 225 -14.44 -57.39 35.67
C ILE H 225 -14.91 -57.76 37.09
N THR H 226 -13.97 -57.75 38.05
CA THR H 226 -14.25 -58.03 39.49
C THR H 226 -14.96 -56.81 40.07
N PRO H 227 -15.77 -56.97 41.14
CA PRO H 227 -16.30 -55.82 41.87
C PRO H 227 -15.22 -54.80 42.27
N GLU H 228 -13.99 -55.23 42.58
CA GLU H 228 -12.91 -54.30 43.00
C GLU H 228 -12.45 -53.47 41.79
N GLU H 229 -12.34 -54.06 40.61
CA GLU H 229 -11.94 -53.38 39.35
C GLU H 229 -13.00 -52.33 38.99
N ARG H 230 -14.27 -52.74 39.04
CA ARG H 230 -15.47 -51.90 38.80
C ARG H 230 -15.40 -50.67 39.72
N MET H 231 -15.24 -50.86 41.02
CA MET H 231 -15.18 -49.76 42.01
C MET H 231 -13.97 -48.87 41.74
N THR H 232 -12.80 -49.45 41.42
CA THR H 232 -11.56 -48.70 41.13
C THR H 232 -11.80 -47.76 39.93
N ALA H 233 -12.37 -48.27 38.84
CA ALA H 233 -12.66 -47.50 37.62
C ALA H 233 -13.59 -46.32 37.97
N ILE H 234 -14.68 -46.58 38.69
CA ILE H 234 -15.68 -45.56 39.09
C ILE H 234 -15.01 -44.51 39.98
N ARG H 235 -14.23 -44.92 40.99
CA ARG H 235 -13.56 -44.01 41.96
C ARG H 235 -12.54 -43.12 41.23
N ALA H 236 -11.76 -43.70 40.31
CA ALA H 236 -10.75 -42.96 39.52
C ALA H 236 -11.42 -41.81 38.78
N ALA H 237 -12.53 -42.08 38.09
CA ALA H 237 -13.32 -41.08 37.34
C ALA H 237 -13.84 -40.00 38.32
N ARG H 238 -14.42 -40.40 39.45
CA ARG H 238 -15.02 -39.48 40.44
C ARG H 238 -13.92 -38.60 41.04
N VAL H 239 -12.77 -39.17 41.36
CA VAL H 239 -11.59 -38.45 41.93
C VAL H 239 -11.12 -37.39 40.92
N MET H 240 -11.08 -37.73 39.62
CA MET H 240 -10.70 -36.80 38.53
C MET H 240 -11.78 -35.73 38.30
N GLY H 241 -13.01 -35.97 38.77
CA GLY H 241 -14.16 -35.06 38.61
C GLY H 241 -14.79 -35.19 37.24
N LEU H 242 -14.67 -36.36 36.61
CA LEU H 242 -15.18 -36.67 35.25
C LEU H 242 -16.46 -37.49 35.35
N ASN H 243 -17.47 -37.14 34.55
CA ASN H 243 -18.74 -37.93 34.43
C ASN H 243 -18.53 -39.06 33.40
N VAL H 244 -17.73 -38.82 32.36
CA VAL H 244 -17.45 -39.81 31.28
C VAL H 244 -15.93 -39.94 31.16
N ALA H 245 -15.40 -41.16 31.26
CA ALA H 245 -13.96 -41.45 31.27
C ALA H 245 -13.70 -42.88 30.79
N GLY H 246 -12.64 -43.05 30.00
CA GLY H 246 -11.99 -44.35 29.78
C GLY H 246 -10.93 -44.58 30.84
N VAL H 247 -11.05 -45.63 31.65
CA VAL H 247 -10.07 -45.99 32.69
C VAL H 247 -9.43 -47.32 32.27
N ASP H 248 -8.10 -47.33 32.16
CA ASP H 248 -7.28 -48.52 31.81
C ASP H 248 -6.77 -49.12 33.12
N ILE H 249 -6.92 -50.42 33.33
CA ILE H 249 -6.56 -51.13 34.59
C ILE H 249 -5.69 -52.35 34.27
N LEU H 250 -4.63 -52.57 35.04
CA LEU H 250 -3.79 -53.79 35.04
C LEU H 250 -4.17 -54.64 36.25
N ARG H 251 -4.38 -55.95 36.06
CA ARG H 251 -4.50 -56.94 37.16
C ARG H 251 -3.11 -57.28 37.68
N SER H 252 -2.69 -56.67 38.76
CA SER H 252 -1.37 -56.87 39.41
C SER H 252 -1.53 -57.77 40.66
N ASN H 253 -0.41 -58.18 41.23
CA ASN H 253 -0.33 -58.97 42.49
C ASN H 253 -0.72 -58.09 43.70
N HIS H 254 -0.81 -56.77 43.54
CA HIS H 254 -1.30 -55.82 44.59
C HIS H 254 -2.70 -55.30 44.22
N GLY H 255 -3.47 -56.05 43.41
CA GLY H 255 -4.83 -55.67 43.00
C GLY H 255 -4.84 -54.81 41.74
N PRO H 256 -6.01 -54.24 41.38
CA PRO H 256 -6.14 -53.46 40.15
C PRO H 256 -5.39 -52.13 40.25
N LEU H 257 -4.58 -51.83 39.23
CA LEU H 257 -3.77 -50.60 39.10
C LEU H 257 -4.30 -49.79 37.92
N VAL H 258 -4.60 -48.51 38.15
CA VAL H 258 -5.04 -47.57 37.09
C VAL H 258 -3.80 -47.13 36.30
N MET H 259 -3.84 -47.24 34.96
CA MET H 259 -2.76 -46.85 34.03
C MET H 259 -3.05 -45.49 33.43
N GLU H 260 -4.32 -45.25 33.10
CA GLU H 260 -4.77 -44.10 32.30
C GLU H 260 -6.18 -43.73 32.74
N VAL H 261 -6.46 -42.43 32.89
CA VAL H 261 -7.85 -41.87 32.94
C VAL H 261 -7.97 -40.87 31.80
N ASN H 262 -8.73 -41.22 30.77
CA ASN H 262 -8.95 -40.41 29.54
C ASN H 262 -10.30 -39.69 29.64
N SER H 263 -10.31 -38.37 29.50
CA SER H 263 -11.52 -37.49 29.51
C SER H 263 -12.29 -37.55 28.19
N SER H 264 -11.67 -38.09 27.14
CA SER H 264 -12.22 -38.11 25.75
C SER H 264 -11.94 -39.48 25.14
N PRO H 265 -12.50 -40.56 25.72
CA PRO H 265 -12.20 -41.93 25.27
C PRO H 265 -12.77 -42.22 23.89
N GLY H 266 -12.05 -43.02 23.10
CA GLY H 266 -12.50 -43.55 21.81
C GLY H 266 -13.69 -44.48 22.01
N LEU H 267 -14.56 -44.57 20.99
CA LEU H 267 -15.75 -45.46 21.03
C LEU H 267 -15.51 -46.69 20.13
N GLU H 268 -14.60 -46.63 19.16
CA GLU H 268 -14.47 -47.66 18.10
C GLU H 268 -14.12 -49.02 18.74
N GLY H 269 -13.03 -49.10 19.50
CA GLY H 269 -12.56 -50.35 20.12
C GLY H 269 -13.66 -50.98 20.98
N ILE H 270 -14.21 -50.20 21.91
CA ILE H 270 -15.16 -50.69 22.95
C ILE H 270 -16.50 -51.07 22.28
N GLU H 271 -16.95 -50.32 21.27
CA GLU H 271 -18.25 -50.58 20.60
C GLU H 271 -18.17 -51.85 19.74
N SER H 272 -17.11 -52.02 18.96
CA SER H 272 -16.93 -53.19 18.05
C SER H 272 -16.74 -54.48 18.87
N THR H 273 -16.19 -54.41 20.07
CA THR H 273 -15.94 -55.59 20.95
C THR H 273 -17.21 -55.96 21.74
N THR H 274 -17.91 -54.98 22.32
CA THR H 274 -19.10 -55.21 23.18
C THR H 274 -20.40 -55.24 22.37
N GLY H 275 -20.46 -54.50 21.27
CA GLY H 275 -21.68 -54.35 20.43
C GLY H 275 -22.69 -53.39 21.04
N LYS H 276 -22.30 -52.65 22.08
CA LYS H 276 -23.19 -51.73 22.85
C LYS H 276 -23.23 -50.36 22.18
N ASP H 277 -24.39 -49.71 22.23
CA ASP H 277 -24.60 -48.31 21.78
C ASP H 277 -24.06 -47.38 22.86
N ILE H 278 -22.73 -47.20 22.91
CA ILE H 278 -22.03 -46.35 23.93
C ILE H 278 -22.39 -44.89 23.68
N ALA H 279 -22.35 -44.47 22.42
CA ALA H 279 -22.74 -43.10 21.99
C ALA H 279 -24.14 -42.79 22.53
N GLY H 280 -25.09 -43.70 22.32
CA GLY H 280 -26.48 -43.61 22.83
C GLY H 280 -26.53 -43.42 24.34
N ILE H 281 -25.76 -44.20 25.10
CA ILE H 281 -25.74 -44.16 26.59
C ILE H 281 -25.23 -42.78 27.04
N ILE H 282 -24.26 -42.22 26.32
CA ILE H 282 -23.70 -40.86 26.58
C ILE H 282 -24.81 -39.83 26.36
N ILE H 283 -25.55 -39.95 25.25
CA ILE H 283 -26.67 -39.03 24.93
C ILE H 283 -27.70 -39.15 26.05
N GLN H 284 -28.04 -40.37 26.47
CA GLN H 284 -28.98 -40.65 27.57
C GLN H 284 -28.52 -39.90 28.84
N TYR H 285 -27.21 -39.93 29.14
CA TYR H 285 -26.66 -39.24 30.33
C TYR H 285 -26.99 -37.75 30.25
N LEU H 286 -26.86 -37.14 29.07
CA LEU H 286 -27.12 -35.69 28.86
C LEU H 286 -28.61 -35.41 29.06
N GLU H 287 -29.48 -36.28 28.55
CA GLU H 287 -30.96 -36.18 28.70
C GLU H 287 -31.31 -36.12 30.20
N LYS H 288 -30.72 -37.01 31.00
CA LYS H 288 -31.06 -37.19 32.44
C LYS H 288 -30.47 -36.07 33.32
N ASN H 289 -29.43 -35.36 32.85
CA ASN H 289 -28.65 -34.42 33.71
C ASN H 289 -28.58 -33.01 33.12
N GLY H 290 -28.82 -32.82 31.82
CA GLY H 290 -28.66 -31.51 31.14
C GLY H 290 -29.95 -31.08 30.45
N GLU I 1 -16.80 15.43 -36.68
CA GLU I 1 -16.32 16.69 -37.32
C GLU I 1 -14.79 16.72 -37.28
N GLU I 2 -14.20 16.58 -36.08
CA GLU I 2 -12.76 16.86 -35.74
C GLU I 2 -11.82 15.84 -36.41
N GLU I 3 -12.21 14.56 -36.43
CA GLU I 3 -11.44 13.42 -37.03
C GLU I 3 -11.60 13.37 -38.55
N GLU I 4 -12.51 14.19 -39.10
CA GLU I 4 -12.85 14.21 -40.55
C GLU I 4 -12.56 15.60 -41.11
N GLU I 5 -11.31 16.09 -40.97
CA GLU I 5 -10.94 17.51 -41.16
C GLU I 5 -10.56 17.77 -42.62
N GLU J 1 14.88 -13.19 33.53
CA GLU J 1 13.86 -12.53 34.41
C GLU J 1 12.52 -13.28 34.26
N GLU J 2 12.55 -14.62 34.38
CA GLU J 2 11.37 -15.53 34.21
C GLU J 2 10.82 -15.93 35.61
N GLU J 3 11.71 -16.30 36.53
CA GLU J 3 11.40 -16.57 37.96
C GLU J 3 11.19 -15.25 38.69
N GLU J 4 11.91 -14.19 38.29
CA GLU J 4 11.73 -12.79 38.75
C GLU J 4 10.82 -12.03 37.75
N GLU J 5 9.57 -12.48 37.62
CA GLU J 5 8.61 -12.01 36.57
C GLU J 5 7.91 -10.73 37.05
N GLU K 1 -6.82 44.35 -9.80
CA GLU K 1 -7.99 44.57 -10.68
C GLU K 1 -8.97 43.39 -10.57
N GLU K 2 -9.44 43.06 -9.35
CA GLU K 2 -10.54 42.07 -9.11
C GLU K 2 -11.44 42.54 -7.95
N GLU K 3 -10.92 42.69 -6.73
CA GLU K 3 -11.67 43.24 -5.56
C GLU K 3 -11.06 44.62 -5.20
N GLU K 4 -10.86 45.46 -6.21
CA GLU K 4 -10.24 46.82 -6.13
C GLU K 4 -10.26 47.47 -7.52
N GLU K 5 -11.43 47.57 -8.18
CA GLU K 5 -11.58 48.13 -9.55
C GLU K 5 -12.55 49.32 -9.52
N GLU L 1 9.03 28.51 -16.14
CA GLU L 1 10.15 29.32 -16.66
C GLU L 1 11.48 28.85 -16.05
N GLU L 2 11.48 28.42 -14.77
CA GLU L 2 12.70 28.17 -13.95
C GLU L 2 12.49 27.04 -12.93
N GLU L 3 11.82 25.94 -13.31
CA GLU L 3 11.43 24.84 -12.38
C GLU L 3 12.67 24.02 -12.01
N GLU M 1 8.64 -33.91 -1.06
CA GLU M 1 7.44 -34.45 -1.76
C GLU M 1 6.75 -33.30 -2.51
N GLU M 2 5.54 -33.56 -3.04
CA GLU M 2 4.85 -32.74 -4.09
C GLU M 2 4.60 -31.29 -3.63
N GLU M 3 5.31 -30.30 -4.21
CA GLU M 3 5.24 -28.87 -3.82
C GLU M 3 5.39 -27.96 -5.06
N GLU N 1 -27.90 15.79 -24.71
CA GLU N 1 -27.11 15.39 -23.51
C GLU N 1 -27.33 16.41 -22.38
N GLU N 2 -27.36 17.72 -22.71
CA GLU N 2 -27.31 18.84 -21.73
C GLU N 2 -28.70 19.47 -21.51
N GLU N 3 -29.44 19.76 -22.59
CA GLU N 3 -30.82 20.32 -22.54
C GLU N 3 -31.83 19.27 -22.08
N GLU N 4 -31.36 18.08 -21.70
CA GLU N 4 -32.16 16.95 -21.15
C GLU N 4 -31.40 16.33 -19.97
N GLU N 5 -31.29 17.07 -18.85
CA GLU N 5 -30.46 16.70 -17.66
C GLU N 5 -31.25 15.81 -16.69
N GLU O 1 29.43 -21.93 25.78
CA GLU O 1 30.07 -23.09 25.07
C GLU O 1 29.26 -23.41 23.79
N GLU O 2 28.80 -22.36 23.08
CA GLU O 2 28.04 -22.47 21.79
C GLU O 2 28.67 -21.60 20.69
N GLU O 3 29.03 -20.35 21.02
CA GLU O 3 29.89 -19.46 20.18
C GLU O 3 31.37 -19.87 20.33
N GLU O 4 31.76 -20.32 21.53
CA GLU O 4 33.10 -20.88 21.86
C GLU O 4 32.97 -22.40 22.02
N GLU O 5 32.64 -23.11 20.93
CA GLU O 5 32.13 -24.52 20.95
C GLU O 5 33.29 -25.49 21.18
N GLU P 1 26.27 -25.00 59.86
CA GLU P 1 26.10 -23.57 60.28
C GLU P 1 27.02 -23.30 61.49
N GLU P 2 28.29 -22.93 61.25
CA GLU P 2 29.26 -22.45 62.27
C GLU P 2 29.10 -20.93 62.43
N GLU P 3 29.80 -20.32 63.41
CA GLU P 3 29.61 -18.90 63.81
C GLU P 3 30.88 -18.41 64.55
N GLU P 4 31.64 -17.50 63.93
CA GLU P 4 32.87 -16.87 64.52
C GLU P 4 32.54 -15.45 64.99
N GLU P 5 33.39 -14.87 65.85
CA GLU P 5 33.22 -13.50 66.42
C GLU P 5 34.58 -12.78 66.45
N GLU P 6 34.80 -11.87 65.49
CA GLU P 6 36.05 -11.05 65.33
C GLU P 6 35.71 -9.56 65.52
N GLU P 7 35.41 -9.14 66.76
CA GLU P 7 34.94 -7.78 67.16
C GLU P 7 33.43 -7.67 66.87
N GLU P 8 33.04 -7.82 65.59
CA GLU P 8 31.63 -7.95 65.12
C GLU P 8 31.32 -9.44 64.92
N GLU P 9 30.05 -9.79 64.63
CA GLU P 9 29.54 -11.19 64.56
C GLU P 9 29.41 -11.64 63.10
N GLU P 10 29.90 -12.86 62.78
CA GLU P 10 29.88 -13.47 61.43
C GLU P 10 29.16 -14.83 61.49
N GLU P 11 28.30 -15.14 60.51
CA GLU P 11 27.62 -16.46 60.36
C GLU P 11 28.08 -17.14 59.07
N GLU P 12 28.47 -18.42 59.15
CA GLU P 12 28.76 -19.31 57.99
C GLU P 12 27.58 -20.28 57.81
N GLU P 13 27.05 -20.41 56.59
CA GLU P 13 25.84 -21.21 56.27
C GLU P 13 26.16 -22.20 55.15
N GLU P 14 19.99 -4.46 64.85
CA GLU P 14 21.06 -5.22 64.15
C GLU P 14 21.14 -4.75 62.68
N GLU P 15 22.32 -4.33 62.22
CA GLU P 15 22.66 -4.11 60.79
C GLU P 15 23.21 -5.44 60.24
N GLU P 16 22.62 -5.96 59.16
CA GLU P 16 22.89 -7.34 58.64
C GLU P 16 23.45 -7.26 57.22
N GLU P 17 24.64 -7.82 57.03
CA GLU P 17 25.43 -7.77 55.77
C GLU P 17 25.45 -9.18 55.17
N GLU P 18 24.96 -9.32 53.94
CA GLU P 18 24.82 -10.63 53.26
C GLU P 18 25.83 -10.71 52.11
N GLU P 19 26.75 -11.69 52.20
CA GLU P 19 27.91 -11.86 51.29
C GLU P 19 27.74 -13.15 50.47
N GLU P 20 27.93 -13.04 49.15
CA GLU P 20 27.81 -14.14 48.13
C GLU P 20 28.97 -14.01 47.12
N GLU P 21 26.61 -5.62 64.57
CA GLU P 21 27.09 -5.82 63.18
C GLU P 21 27.12 -7.32 62.83
N GLU P 22 26.19 -7.75 61.98
CA GLU P 22 25.97 -9.18 61.61
C GLU P 22 26.37 -9.40 60.14
N GLU P 23 27.41 -10.21 59.90
CA GLU P 23 27.90 -10.59 58.53
C GLU P 23 27.46 -12.03 58.24
N GLU P 24 26.70 -12.24 57.16
CA GLU P 24 26.16 -13.56 56.76
C GLU P 24 26.90 -14.01 55.50
N GLU P 25 27.63 -15.13 55.60
CA GLU P 25 28.40 -15.74 54.49
C GLU P 25 27.58 -16.92 53.99
N GLU P 26 27.11 -16.87 52.74
CA GLU P 26 26.06 -17.78 52.19
C GLU P 26 26.74 -18.94 51.45
O5' ADP Q . -11.06 27.50 -43.00
C5' ADP Q . -10.07 28.11 -43.88
C4' ADP Q . -10.72 28.40 -45.23
O4' ADP Q . -10.69 29.83 -45.46
C3' ADP Q . -10.02 27.76 -46.45
O3' ADP Q . -10.74 26.61 -46.87
C2' ADP Q . -10.05 28.85 -47.53
O2' ADP Q . -11.15 28.74 -48.41
C1' ADP Q . -10.14 30.16 -46.72
N9 ADP Q . -8.86 30.83 -46.51
C8 ADP Q . -7.96 30.61 -45.51
N7 ADP Q . -6.89 31.36 -45.57
C5 ADP Q . -7.12 32.15 -46.68
C6 ADP Q . -6.33 33.16 -47.28
N6 ADP Q . -5.16 33.56 -46.80
N1 ADP Q . -6.83 33.76 -48.39
C2 ADP Q . -8.02 33.34 -48.86
N3 ADP Q . -8.84 32.39 -48.39
C4 ADP Q . -8.32 31.83 -47.28
O5' ADP R . 1.33 -4.16 32.25
C5' ADP R . 1.50 -4.65 30.89
C4' ADP R . 2.49 -3.79 30.13
O4' ADP R . 2.17 -3.84 28.71
C3' ADP R . 2.48 -2.29 30.43
O3' ADP R . 3.72 -1.69 30.07
C2' ADP R . 1.31 -1.81 29.58
O2' ADP R . 1.41 -0.45 29.23
C1' ADP R . 1.37 -2.74 28.36
N9 ADP R . 0.06 -3.23 27.94
C8 ADP R . -0.35 -4.54 27.88
N7 ADP R . -1.58 -4.69 27.47
C5 ADP R . -2.02 -3.39 27.22
C6 ADP R . -3.25 -2.89 26.76
N6 ADP R . -4.29 -3.66 26.45
N1 ADP R . -3.36 -1.55 26.61
C2 ADP R . -2.30 -0.79 26.93
N3 ADP R . -1.10 -1.15 27.37
C4 ADP R . -1.02 -2.49 27.51
O5' ADP S . -12.90 49.87 -19.29
C5' ADP S . -13.95 50.73 -18.79
C4' ADP S . -13.70 52.15 -19.24
O4' ADP S . -13.57 52.18 -20.68
C3' ADP S . -14.80 53.17 -18.92
O3' ADP S . -14.69 53.72 -17.62
C2' ADP S . -14.56 54.22 -20.02
O2' ADP S . -13.48 55.08 -19.75
C1' ADP S . -14.25 53.31 -21.21
N9 ADP S . -15.43 52.87 -21.95
C8 ADP S . -16.04 51.65 -21.88
N7 ADP S . -17.09 51.54 -22.67
C5 ADP S . -17.16 52.77 -23.29
C6 ADP S . -18.07 53.28 -24.25
N6 ADP S . -19.08 52.59 -24.76
N1 ADP S . -17.87 54.56 -24.67
C2 ADP S . -16.84 55.25 -24.17
N3 ADP S . -15.93 54.87 -23.26
C4 ADP S . -16.15 53.60 -22.86
O5' ADP T . 7.97 17.97 -6.17
C5' ADP T . 8.69 16.98 -6.96
C4' ADP T . 9.57 16.15 -6.06
O4' ADP T . 8.75 15.19 -5.34
C3' ADP T . 10.64 15.30 -6.74
O3' ADP T . 11.83 16.05 -7.01
C2' ADP T . 10.86 14.19 -5.72
O2' ADP T . 11.69 14.58 -4.64
C1' ADP T . 9.41 13.95 -5.26
N9 ADP T . 8.72 12.98 -6.10
C8 ADP T . 7.95 13.24 -7.20
N7 ADP T . 7.45 12.17 -7.76
C5 ADP T . 7.91 11.13 -6.98
C6 ADP T . 7.73 9.73 -7.06
N6 ADP T . 7.01 9.14 -8.01
N1 ADP T . 8.33 8.97 -6.12
C2 ADP T . 9.06 9.57 -5.17
N3 ADP T . 9.30 10.87 -5.00
C4 ADP T . 8.70 11.60 -5.94
O5' ADP U . 2.91 -19.98 -1.38
C5' ADP U . 3.58 -19.14 -2.36
C4' ADP U . 2.65 -18.06 -2.85
O4' ADP U . 3.07 -16.79 -2.31
C3' ADP U . 2.60 -17.85 -4.37
O3' ADP U . 1.49 -18.50 -4.97
C2' ADP U . 2.49 -16.33 -4.57
O2' ADP U . 1.24 -15.96 -5.12
C1' ADP U . 2.65 -15.74 -3.16
N9 ADP U . 3.62 -14.65 -3.08
C8 ADP U . 4.77 -14.63 -2.33
N7 ADP U . 5.45 -13.52 -2.42
C5 ADP U . 4.69 -12.73 -3.28
C6 ADP U . 4.87 -11.42 -3.76
N6 ADP U . 5.92 -10.66 -3.42
N1 ADP U . 3.92 -10.92 -4.58
C2 ADP U . 2.89 -11.69 -4.90
N3 ADP U . 2.60 -12.94 -4.51
C4 ADP U . 3.56 -13.41 -3.68
O5' ADP V . -28.26 12.04 -9.18
C5' ADP V . -28.79 10.71 -8.94
C4' ADP V . -27.65 9.72 -8.82
O4' ADP V . -26.62 10.29 -7.96
C3' ADP V . -28.01 8.37 -8.20
O3' ADP V . -27.30 7.31 -8.84
C2' ADP V . -27.59 8.55 -6.73
O2' ADP V . -27.33 7.33 -6.08
C1' ADP V . -26.34 9.41 -6.90
N9 ADP V . -25.97 10.20 -5.72
C8 ADP V . -25.72 11.55 -5.70
N7 ADP V . -25.38 12.00 -4.51
C5 ADP V . -25.42 10.88 -3.70
C6 ADP V . -25.17 10.71 -2.33
N6 ADP V . -24.80 11.70 -1.51
N1 ADP V . -25.28 9.46 -1.82
C2 ADP V . -25.64 8.46 -2.65
N3 ADP V . -25.90 8.51 -3.95
C4 ADP V . -25.78 9.77 -4.43
O5' ADP W . 35.55 -35.15 21.70
C5' ADP W . 35.04 -34.81 23.01
C4' ADP W . 34.84 -36.06 23.84
O4' ADP W . 33.79 -36.87 23.27
C3' ADP W . 36.04 -37.01 23.92
O3' ADP W . 36.81 -36.76 25.09
C2' ADP W . 35.42 -38.43 23.97
O2' ADP W . 35.65 -39.05 25.21
C1' ADP W . 33.92 -38.20 23.73
N9 ADP W . 33.32 -39.10 22.76
C8 ADP W . 32.36 -38.77 21.83
N7 ADP W . 32.01 -39.78 21.06
C5 ADP W . 32.79 -40.83 21.52
C6 ADP W . 32.88 -42.18 21.11
N6 ADP W . 32.16 -42.69 20.11
N1 ADP W . 33.76 -42.98 21.77
C2 ADP W . 34.48 -42.45 22.77
N3 ADP W . 34.47 -41.20 23.23
C4 ADP W . 33.61 -40.43 22.56
O5' ADP X . 0.81 -52.33 24.17
C5' ADP X . 0.38 -51.43 25.22
C4' ADP X . 0.36 -52.17 26.53
O4' ADP X . 1.32 -51.59 27.45
C3' ADP X . -0.95 -52.13 27.33
O3' ADP X . -1.83 -53.18 26.94
C2' ADP X . -0.49 -52.29 28.80
O2' ADP X . -0.80 -53.57 29.31
C1' ADP X . 1.03 -52.11 28.73
N9 ADP X . 1.58 -51.23 29.75
C8 ADP X . 1.73 -49.87 29.70
N7 ADP X . 2.30 -49.36 30.77
C5 ADP X . 2.54 -50.46 31.59
C6 ADP X . 3.13 -50.59 32.86
N6 ADP X . 3.58 -49.56 33.57
N1 ADP X . 3.23 -51.84 33.38
C2 ADP X . 2.76 -52.87 32.65
N3 ADP X . 2.20 -52.87 31.45
C4 ADP X . 2.11 -51.62 30.96
#